data_2N6R
#
_entry.id   2N6R
#
_entity_poly.entity_id   1
_entity_poly.type   'polypeptide(L)'
_entity_poly.pdbx_seq_one_letter_code
;GTPSADQVRYNYTELPNGEYCYTPRRRCTSADQCCRPYDTTAAFHGCGRIWPKDKREKVDRCYICNNEKTLCTSVM
;
_entity_poly.pdbx_strand_id   A
#
# COMPACT_ATOMS: atom_id res chain seq x y z
N GLY A 1 3.72 9.82 18.94
CA GLY A 1 5.05 9.27 18.72
C GLY A 1 5.01 7.88 18.12
N THR A 2 4.35 6.96 18.81
CA THR A 2 4.25 5.59 18.35
C THR A 2 3.51 5.51 17.00
N PRO A 3 3.72 4.41 16.27
CA PRO A 3 3.08 4.19 14.97
C PRO A 3 1.59 3.96 15.09
N SER A 4 0.85 4.30 14.03
CA SER A 4 -0.59 4.13 14.02
C SER A 4 -1.09 3.83 12.61
N ALA A 5 -2.32 3.32 12.50
CA ALA A 5 -2.90 3.00 11.22
C ALA A 5 -2.91 4.21 10.30
N ASP A 6 -2.91 5.40 10.90
CA ASP A 6 -2.92 6.65 10.13
C ASP A 6 -1.65 6.78 9.30
N GLN A 7 -0.58 6.14 9.77
CA GLN A 7 0.70 6.19 9.07
C GLN A 7 0.66 5.34 7.81
N VAL A 8 -0.12 4.27 7.85
CA VAL A 8 -0.25 3.36 6.70
C VAL A 8 -1.45 3.73 5.84
N ARG A 9 -1.88 4.99 5.95
CA ARG A 9 -3.02 5.47 5.18
C ARG A 9 -2.64 5.69 3.72
N TYR A 10 -3.61 6.12 2.91
CA TYR A 10 -3.37 6.37 1.50
C TYR A 10 -4.13 7.60 1.02
N ASN A 11 -3.68 8.18 -0.08
CA ASN A 11 -4.31 9.37 -0.64
C ASN A 11 -4.77 9.13 -2.08
N TYR A 12 -5.92 9.67 -2.43
CA TYR A 12 -6.46 9.51 -3.78
C TYR A 12 -5.71 10.38 -4.78
N THR A 13 -5.03 9.74 -5.72
CA THR A 13 -4.26 10.45 -6.74
C THR A 13 -4.68 10.02 -8.14
N GLU A 14 -4.23 10.78 -9.13
CA GLU A 14 -4.56 10.48 -10.52
C GLU A 14 -3.44 9.67 -11.18
N LEU A 15 -3.83 8.65 -11.94
CA LEU A 15 -2.86 7.80 -12.62
C LEU A 15 -2.82 8.11 -14.11
N PRO A 16 -1.71 7.74 -14.76
CA PRO A 16 -1.51 7.97 -16.20
C PRO A 16 -2.43 7.10 -17.06
N ASN A 17 -2.98 6.06 -16.44
CA ASN A 17 -3.88 5.15 -17.15
C ASN A 17 -5.29 5.72 -17.22
N GLY A 18 -5.50 6.85 -16.56
CA GLY A 18 -6.81 7.48 -16.56
C GLY A 18 -7.55 7.29 -15.25
N GLU A 19 -7.20 6.22 -14.52
CA GLU A 19 -7.83 5.93 -13.24
C GLU A 19 -7.18 6.73 -12.12
N TYR A 20 -7.60 6.45 -10.88
CA TYR A 20 -7.06 7.14 -9.72
C TYR A 20 -5.97 6.31 -9.05
N CYS A 21 -6.39 5.19 -8.44
CA CYS A 21 -5.45 4.31 -7.76
C CYS A 21 -6.16 3.05 -7.27
N TYR A 22 -5.39 1.98 -7.09
CA TYR A 22 -5.95 0.71 -6.63
C TYR A 22 -5.89 0.62 -5.10
N THR A 23 -7.05 0.39 -4.48
CA THR A 23 -7.14 0.28 -3.03
C THR A 23 -6.10 -0.70 -2.49
N PRO A 24 -5.82 -0.60 -1.19
CA PRO A 24 -4.84 -1.48 -0.52
C PRO A 24 -5.35 -2.91 -0.40
N ARG A 25 -4.41 -3.86 -0.32
CA ARG A 25 -4.77 -5.27 -0.20
C ARG A 25 -5.48 -5.76 -1.46
N ARG A 26 -5.27 -5.05 -2.56
CA ARG A 26 -5.89 -5.41 -3.83
C ARG A 26 -4.84 -5.89 -4.83
N ARG A 27 -5.23 -6.85 -5.67
CA ARG A 27 -4.33 -7.40 -6.68
C ARG A 27 -3.98 -6.34 -7.72
N CYS A 28 -2.69 -6.04 -7.83
CA CYS A 28 -2.22 -5.05 -8.80
C CYS A 28 -1.18 -5.66 -9.73
N THR A 29 -0.67 -4.84 -10.64
CA THR A 29 0.34 -5.28 -11.60
C THR A 29 1.62 -4.48 -11.47
N SER A 30 1.48 -3.21 -11.11
CA SER A 30 2.64 -2.33 -10.95
C SER A 30 2.50 -1.49 -9.68
N ALA A 31 3.64 -1.24 -9.02
CA ALA A 31 3.64 -0.44 -7.80
C ALA A 31 3.04 0.94 -8.04
N ASP A 32 3.35 1.52 -9.19
CA ASP A 32 2.83 2.84 -9.55
C ASP A 32 1.31 2.87 -9.43
N GLN A 33 0.68 1.73 -9.67
CA GLN A 33 -0.78 1.62 -9.61
C GLN A 33 -1.25 1.69 -8.17
N CYS A 34 -0.56 0.98 -7.28
CA CYS A 34 -0.92 0.95 -5.87
C CYS A 34 -1.03 2.37 -5.30
N CYS A 35 -2.17 2.67 -4.69
CA CYS A 35 -2.40 3.98 -4.11
C CYS A 35 -1.26 4.38 -3.18
N ARG A 36 -0.71 5.57 -3.40
CA ARG A 36 0.39 6.07 -2.60
C ARG A 36 -0.07 6.40 -1.19
N PRO A 37 0.89 6.46 -0.24
CA PRO A 37 0.59 6.77 1.16
C PRO A 37 0.16 8.22 1.36
N TYR A 38 -0.62 8.46 2.41
CA TYR A 38 -1.11 9.80 2.71
C TYR A 38 0.07 10.75 2.95
N ASP A 39 1.15 10.23 3.49
CA ASP A 39 2.34 11.03 3.77
C ASP A 39 3.58 10.39 3.16
N THR A 40 3.92 10.80 1.95
CA THR A 40 5.09 10.26 1.25
C THR A 40 6.35 10.49 2.06
N THR A 41 6.33 11.51 2.91
CA THR A 41 7.48 11.85 3.73
C THR A 41 7.57 10.93 4.95
N ALA A 42 6.48 10.20 5.22
CA ALA A 42 6.43 9.28 6.35
C ALA A 42 5.86 7.93 5.93
N ALA A 43 6.00 7.60 4.65
CA ALA A 43 5.49 6.34 4.13
C ALA A 43 5.84 6.16 2.66
N PHE A 44 5.68 4.95 2.15
CA PHE A 44 5.98 4.66 0.75
C PHE A 44 4.93 3.71 0.16
N HIS A 45 5.00 3.53 -1.15
CA HIS A 45 4.05 2.65 -1.85
C HIS A 45 4.79 1.51 -2.54
N GLY A 46 4.03 0.52 -3.01
CA GLY A 46 4.62 -0.62 -3.69
C GLY A 46 3.65 -1.77 -3.83
N CYS A 47 3.92 -2.65 -4.79
CA CYS A 47 3.06 -3.80 -5.04
C CYS A 47 3.77 -5.10 -4.64
N GLY A 48 3.15 -5.83 -3.72
CA GLY A 48 3.74 -7.09 -3.26
C GLY A 48 2.88 -7.77 -2.21
N ARG A 49 3.53 -8.59 -1.38
CA ARG A 49 2.83 -9.31 -0.32
C ARG A 49 3.51 -9.12 1.02
N ILE A 50 2.88 -8.37 1.91
CA ILE A 50 3.44 -8.12 3.24
C ILE A 50 2.71 -8.94 4.30
N TRP A 51 2.04 -10.00 3.87
CA TRP A 51 1.31 -10.86 4.79
C TRP A 51 1.37 -12.32 4.33
N PRO A 52 1.19 -13.25 5.28
CA PRO A 52 1.22 -14.68 4.99
C PRO A 52 0.01 -15.14 4.18
N LYS A 53 -1.11 -14.44 4.35
CA LYS A 53 -2.34 -14.76 3.63
C LYS A 53 -2.14 -14.65 2.12
N ASP A 54 -1.59 -13.52 1.69
CA ASP A 54 -1.34 -13.28 0.28
C ASP A 54 -0.29 -14.26 -0.26
N LYS A 55 0.61 -14.69 0.61
CA LYS A 55 1.66 -15.62 0.23
C LYS A 55 1.07 -16.96 -0.22
N ARG A 56 -0.02 -17.36 0.43
CA ARG A 56 -0.68 -18.61 0.10
C ARG A 56 -1.13 -18.63 -1.35
N GLU A 57 -1.76 -17.55 -1.79
CA GLU A 57 -2.24 -17.44 -3.16
C GLU A 57 -1.12 -17.00 -4.10
N LYS A 58 -0.09 -16.39 -3.52
CA LYS A 58 1.06 -15.92 -4.30
C LYS A 58 0.61 -14.91 -5.36
N VAL A 59 0.04 -13.80 -4.90
CA VAL A 59 -0.43 -12.75 -5.82
C VAL A 59 -0.07 -11.37 -5.29
N ASP A 60 0.70 -10.62 -6.07
CA ASP A 60 1.11 -9.28 -5.68
C ASP A 60 -0.11 -8.40 -5.39
N ARG A 61 -0.08 -7.69 -4.28
CA ARG A 61 -1.18 -6.82 -3.89
C ARG A 61 -0.65 -5.47 -3.40
N CYS A 62 -1.47 -4.43 -3.54
CA CYS A 62 -1.09 -3.10 -3.10
C CYS A 62 -0.89 -3.04 -1.60
N TYR A 63 0.24 -2.48 -1.17
CA TYR A 63 0.55 -2.37 0.25
C TYR A 63 1.13 -1.00 0.57
N ILE A 64 0.97 -0.57 1.81
CA ILE A 64 1.49 0.72 2.25
C ILE A 64 1.98 0.65 3.69
N CYS A 65 3.25 1.01 3.89
CA CYS A 65 3.85 0.99 5.22
C CYS A 65 4.40 2.36 5.58
N ASN A 66 4.73 2.54 6.86
CA ASN A 66 5.27 3.81 7.34
C ASN A 66 6.77 3.90 7.06
N ASN A 67 7.32 5.10 7.20
CA ASN A 67 8.74 5.32 6.96
C ASN A 67 9.59 4.46 7.90
N GLU A 68 9.05 4.17 9.08
CA GLU A 68 9.75 3.35 10.06
C GLU A 68 9.66 1.87 9.70
N LYS A 69 8.81 1.56 8.72
CA LYS A 69 8.63 0.19 8.27
C LYS A 69 8.27 -0.72 9.46
N THR A 70 7.63 -0.15 10.46
CA THR A 70 7.22 -0.90 11.64
C THR A 70 5.76 -1.30 11.57
N LEU A 71 4.95 -0.43 10.97
CA LEU A 71 3.51 -0.69 10.83
C LEU A 71 3.11 -0.77 9.35
N CYS A 72 2.14 -1.62 9.06
CA CYS A 72 1.66 -1.79 7.69
C CYS A 72 0.16 -2.07 7.67
N THR A 73 -0.45 -1.94 6.50
CA THR A 73 -1.87 -2.19 6.34
C THR A 73 -2.26 -3.56 6.88
N SER A 74 -3.54 -3.74 7.18
CA SER A 74 -4.05 -5.00 7.71
C SER A 74 -3.88 -6.12 6.67
N VAL A 75 -4.21 -7.34 7.08
CA VAL A 75 -4.11 -8.49 6.20
C VAL A 75 -5.45 -8.78 5.52
N MET A 76 -6.53 -8.34 6.15
CA MET A 76 -7.87 -8.55 5.61
C MET A 76 -8.44 -7.25 5.05
N GLY A 1 4.79 10.40 19.52
CA GLY A 1 4.71 10.29 18.07
C GLY A 1 4.97 8.89 17.58
N THR A 2 4.15 7.94 18.02
CA THR A 2 4.30 6.55 17.61
C THR A 2 3.48 6.25 16.37
N PRO A 3 3.85 5.16 15.67
CA PRO A 3 3.15 4.74 14.44
C PRO A 3 1.77 4.20 14.72
N SER A 4 0.82 4.51 13.83
CA SER A 4 -0.56 4.06 13.99
C SER A 4 -1.21 3.82 12.64
N ALA A 5 -2.47 3.40 12.65
CA ALA A 5 -3.21 3.14 11.42
C ALA A 5 -3.23 4.37 10.53
N ASP A 6 -3.08 5.54 11.13
CA ASP A 6 -3.09 6.80 10.38
C ASP A 6 -1.79 6.95 9.58
N GLN A 7 -0.73 6.32 10.06
CA GLN A 7 0.57 6.40 9.39
C GLN A 7 0.57 5.53 8.13
N VAL A 8 -0.28 4.51 8.11
CA VAL A 8 -0.37 3.61 6.97
C VAL A 8 -1.54 3.98 6.07
N ARG A 9 -1.95 5.24 6.13
CA ARG A 9 -3.05 5.73 5.31
C ARG A 9 -2.64 5.87 3.86
N TYR A 10 -3.57 6.32 3.02
CA TYR A 10 -3.31 6.50 1.60
C TYR A 10 -4.04 7.73 1.06
N ASN A 11 -3.53 8.28 -0.04
CA ASN A 11 -4.12 9.45 -0.67
C ASN A 11 -4.57 9.15 -2.09
N TYR A 12 -5.70 9.72 -2.49
CA TYR A 12 -6.24 9.51 -3.82
C TYR A 12 -5.46 10.32 -4.86
N THR A 13 -4.69 9.63 -5.69
CA THR A 13 -3.90 10.28 -6.72
C THR A 13 -4.36 9.88 -8.12
N GLU A 14 -3.87 10.59 -9.12
CA GLU A 14 -4.26 10.31 -10.51
C GLU A 14 -3.21 9.42 -11.18
N LEU A 15 -3.66 8.61 -12.13
CA LEU A 15 -2.77 7.70 -12.85
C LEU A 15 -2.79 8.00 -14.35
N PRO A 16 -1.73 7.57 -15.04
CA PRO A 16 -1.60 7.77 -16.49
C PRO A 16 -2.60 6.94 -17.29
N ASN A 17 -3.17 5.93 -16.65
CA ASN A 17 -4.13 5.06 -17.29
C ASN A 17 -5.53 5.68 -17.28
N GLY A 18 -5.66 6.81 -16.59
CA GLY A 18 -6.93 7.49 -16.51
C GLY A 18 -7.60 7.32 -15.17
N GLU A 19 -7.27 6.23 -14.48
CA GLU A 19 -7.85 5.95 -13.18
C GLU A 19 -7.12 6.71 -12.08
N TYR A 20 -7.52 6.48 -10.83
CA TYR A 20 -6.91 7.14 -9.69
C TYR A 20 -5.83 6.27 -9.07
N CYS A 21 -6.24 5.17 -8.44
CA CYS A 21 -5.31 4.25 -7.80
C CYS A 21 -6.04 3.02 -7.27
N TYR A 22 -5.33 1.90 -7.21
CA TYR A 22 -5.90 0.65 -6.72
C TYR A 22 -5.84 0.59 -5.20
N THR A 23 -7.00 0.43 -4.57
CA THR A 23 -7.08 0.36 -3.12
C THR A 23 -6.08 -0.65 -2.57
N PRO A 24 -5.79 -0.55 -1.26
CA PRO A 24 -4.85 -1.44 -0.59
C PRO A 24 -5.39 -2.86 -0.45
N ARG A 25 -4.49 -3.84 -0.35
CA ARG A 25 -4.89 -5.23 -0.21
C ARG A 25 -5.60 -5.72 -1.47
N ARG A 26 -5.37 -5.02 -2.57
CA ARG A 26 -5.99 -5.38 -3.85
C ARG A 26 -4.94 -5.86 -4.84
N ARG A 27 -5.33 -6.79 -5.71
CA ARG A 27 -4.42 -7.34 -6.71
C ARG A 27 -3.97 -6.25 -7.68
N CYS A 28 -2.66 -6.14 -7.87
CA CYS A 28 -2.10 -5.14 -8.77
C CYS A 28 -0.91 -5.71 -9.54
N THR A 29 -0.58 -5.10 -10.67
CA THR A 29 0.53 -5.54 -11.50
C THR A 29 1.67 -4.53 -11.47
N SER A 30 1.34 -3.28 -11.15
CA SER A 30 2.35 -2.22 -11.08
C SER A 30 2.23 -1.44 -9.78
N ALA A 31 3.37 -1.10 -9.20
CA ALA A 31 3.40 -0.36 -7.94
C ALA A 31 2.83 1.04 -8.12
N ASP A 32 3.10 1.64 -9.28
CA ASP A 32 2.61 2.98 -9.57
C ASP A 32 1.09 3.06 -9.39
N GLN A 33 0.41 1.98 -9.76
CA GLN A 33 -1.04 1.93 -9.64
C GLN A 33 -1.47 1.91 -8.18
N CYS A 34 -0.74 1.15 -7.36
CA CYS A 34 -1.05 1.05 -5.94
C CYS A 34 -1.16 2.43 -5.31
N CYS A 35 -2.26 2.67 -4.62
CA CYS A 35 -2.50 3.95 -3.96
C CYS A 35 -1.30 4.34 -3.10
N ARG A 36 -0.88 5.59 -3.20
CA ARG A 36 0.25 6.09 -2.43
C ARG A 36 -0.18 6.50 -1.03
N PRO A 37 0.79 6.58 -0.11
CA PRO A 37 0.53 6.95 1.28
C PRO A 37 0.14 8.42 1.43
N TYR A 38 -0.65 8.72 2.44
CA TYR A 38 -1.09 10.10 2.69
C TYR A 38 0.09 11.05 2.75
N ASP A 39 1.25 10.53 3.16
CA ASP A 39 2.45 11.33 3.25
C ASP A 39 3.68 10.52 2.87
N THR A 40 4.25 10.81 1.70
CA THR A 40 5.42 10.10 1.22
C THR A 40 6.59 10.23 2.20
N THR A 41 6.55 11.29 3.01
CA THR A 41 7.60 11.53 3.99
C THR A 41 7.37 10.72 5.25
N ALA A 42 6.22 10.04 5.32
CA ALA A 42 5.88 9.22 6.48
C ALA A 42 5.74 7.75 6.09
N ALA A 43 5.41 7.50 4.83
CA ALA A 43 5.25 6.15 4.33
C ALA A 43 5.56 6.07 2.84
N PHE A 44 5.55 4.85 2.30
CA PHE A 44 5.83 4.63 0.89
C PHE A 44 4.76 3.77 0.25
N HIS A 45 4.95 3.45 -1.03
CA HIS A 45 3.99 2.62 -1.76
C HIS A 45 4.71 1.51 -2.53
N GLY A 46 3.94 0.57 -3.06
CA GLY A 46 4.52 -0.53 -3.80
C GLY A 46 3.61 -1.75 -3.84
N CYS A 47 3.84 -2.62 -4.82
CA CYS A 47 3.04 -3.83 -4.96
C CYS A 47 3.83 -5.06 -4.53
N GLY A 48 3.32 -5.77 -3.54
CA GLY A 48 3.99 -6.97 -3.05
C GLY A 48 3.15 -7.76 -2.08
N ARG A 49 3.79 -8.45 -1.15
CA ARG A 49 3.10 -9.26 -0.17
C ARG A 49 3.69 -9.04 1.22
N ILE A 50 3.01 -8.24 2.04
CA ILE A 50 3.46 -7.96 3.40
C ILE A 50 2.75 -8.84 4.41
N TRP A 51 2.20 -9.96 3.93
CA TRP A 51 1.49 -10.89 4.80
C TRP A 51 1.55 -12.31 4.23
N PRO A 52 1.40 -13.30 5.12
CA PRO A 52 1.44 -14.71 4.73
C PRO A 52 0.21 -15.12 3.92
N LYS A 53 -0.93 -14.51 4.23
CA LYS A 53 -2.17 -14.80 3.53
C LYS A 53 -2.02 -14.57 2.03
N ASP A 54 -1.15 -13.62 1.67
CA ASP A 54 -0.92 -13.30 0.27
C ASP A 54 0.01 -14.32 -0.37
N LYS A 55 0.90 -14.90 0.44
CA LYS A 55 1.85 -15.89 -0.05
C LYS A 55 1.13 -17.15 -0.51
N ARG A 56 0.22 -17.65 0.33
CA ARG A 56 -0.54 -18.86 0.01
C ARG A 56 -1.30 -18.68 -1.31
N GLU A 57 -1.56 -17.43 -1.67
CA GLU A 57 -2.28 -17.13 -2.90
C GLU A 57 -1.32 -16.78 -4.04
N LYS A 58 -0.11 -16.36 -3.66
CA LYS A 58 0.90 -16.00 -4.65
C LYS A 58 0.38 -14.93 -5.60
N VAL A 59 0.09 -13.75 -5.05
CA VAL A 59 -0.42 -12.64 -5.85
C VAL A 59 -0.02 -11.30 -5.24
N ASP A 60 0.68 -10.49 -6.02
CA ASP A 60 1.12 -9.17 -5.56
C ASP A 60 -0.08 -8.25 -5.33
N ARG A 61 -0.20 -7.74 -4.11
CA ARG A 61 -1.30 -6.85 -3.76
C ARG A 61 -0.77 -5.51 -3.26
N CYS A 62 -1.53 -4.45 -3.51
CA CYS A 62 -1.14 -3.11 -3.08
C CYS A 62 -0.99 -3.05 -1.57
N TYR A 63 0.08 -2.38 -1.12
CA TYR A 63 0.34 -2.24 0.31
C TYR A 63 0.99 -0.90 0.62
N ILE A 64 0.87 -0.47 1.87
CA ILE A 64 1.45 0.81 2.29
C ILE A 64 1.99 0.71 3.71
N CYS A 65 3.29 0.88 3.86
CA CYS A 65 3.93 0.82 5.17
C CYS A 65 4.65 2.13 5.49
N ASN A 66 4.81 2.40 6.78
CA ASN A 66 5.48 3.62 7.22
C ASN A 66 6.98 3.56 6.96
N ASN A 67 7.64 4.71 7.03
CA ASN A 67 9.08 4.78 6.79
C ASN A 67 9.84 3.88 7.76
N GLU A 68 9.26 3.69 8.96
CA GLU A 68 9.89 2.86 9.97
C GLU A 68 9.66 1.38 9.67
N LYS A 69 8.80 1.11 8.70
CA LYS A 69 8.49 -0.27 8.31
C LYS A 69 8.03 -1.08 9.52
N THR A 70 7.46 -0.40 10.51
CA THR A 70 6.97 -1.06 11.71
C THR A 70 5.48 -1.33 11.63
N LEU A 71 4.75 -0.39 11.05
CA LEU A 71 3.30 -0.52 10.90
C LEU A 71 2.90 -0.65 9.43
N CYS A 72 2.00 -1.58 9.14
CA CYS A 72 1.54 -1.80 7.78
C CYS A 72 0.04 -2.09 7.75
N THR A 73 -0.56 -1.94 6.58
CA THR A 73 -1.99 -2.19 6.42
C THR A 73 -2.35 -3.61 6.85
N SER A 74 -3.42 -3.73 7.64
CA SER A 74 -3.87 -5.02 8.13
C SER A 74 -4.09 -5.99 6.97
N VAL A 75 -3.89 -7.28 7.23
CA VAL A 75 -4.07 -8.30 6.22
C VAL A 75 -5.51 -8.33 5.71
N MET A 76 -6.43 -7.89 6.55
CA MET A 76 -7.84 -7.86 6.20
C MET A 76 -8.40 -6.45 6.25
N GLY A 1 4.51 10.79 17.04
CA GLY A 1 5.03 9.93 18.09
C GLY A 1 5.11 8.49 17.66
N THR A 2 4.19 7.67 18.17
CA THR A 2 4.16 6.25 17.84
C THR A 2 3.39 6.00 16.55
N PRO A 3 3.65 4.85 15.92
CA PRO A 3 2.98 4.45 14.67
C PRO A 3 1.50 4.14 14.87
N SER A 4 0.68 4.52 13.91
CA SER A 4 -0.75 4.27 13.98
C SER A 4 -1.33 3.97 12.60
N ALA A 5 -2.59 3.56 12.57
CA ALA A 5 -3.26 3.24 11.31
C ALA A 5 -3.22 4.42 10.35
N ASP A 6 -3.09 5.62 10.90
CA ASP A 6 -3.05 6.84 10.10
C ASP A 6 -1.75 6.90 9.29
N GLN A 7 -0.72 6.24 9.79
CA GLN A 7 0.58 6.22 9.11
C GLN A 7 0.53 5.33 7.87
N VAL A 8 -0.29 4.28 7.94
CA VAL A 8 -0.42 3.35 6.82
C VAL A 8 -1.54 3.78 5.88
N ARG A 9 -2.02 5.01 6.05
CA ARG A 9 -3.09 5.53 5.22
C ARG A 9 -2.61 5.74 3.79
N TYR A 10 -3.51 6.25 2.94
CA TYR A 10 -3.18 6.50 1.54
C TYR A 10 -3.92 7.72 1.01
N ASN A 11 -3.42 8.28 -0.09
CA ASN A 11 -4.03 9.45 -0.70
C ASN A 11 -4.51 9.14 -2.11
N TYR A 12 -5.65 9.73 -2.48
CA TYR A 12 -6.21 9.52 -3.81
C TYR A 12 -5.45 10.33 -4.86
N THR A 13 -4.73 9.63 -5.73
CA THR A 13 -3.95 10.28 -6.78
C THR A 13 -4.45 9.88 -8.16
N GLU A 14 -3.99 10.60 -9.18
CA GLU A 14 -4.39 10.33 -10.55
C GLU A 14 -3.36 9.44 -11.24
N LEU A 15 -3.83 8.61 -12.18
CA LEU A 15 -2.95 7.71 -12.92
C LEU A 15 -2.99 8.03 -14.41
N PRO A 16 -1.93 7.60 -15.13
CA PRO A 16 -1.83 7.82 -16.58
C PRO A 16 -2.83 6.99 -17.36
N ASN A 17 -3.40 5.97 -16.71
CA ASN A 17 -4.37 5.10 -17.36
C ASN A 17 -5.77 5.72 -17.31
N GLY A 18 -5.89 6.85 -16.61
CA GLY A 18 -7.17 7.52 -16.50
C GLY A 18 -7.82 7.32 -15.15
N GLU A 19 -7.46 6.24 -14.47
CA GLU A 19 -8.01 5.93 -13.16
C GLU A 19 -7.26 6.70 -12.06
N TYR A 20 -7.65 6.47 -10.82
CA TYR A 20 -7.02 7.13 -9.68
C TYR A 20 -5.91 6.26 -9.10
N CYS A 21 -6.30 5.16 -8.47
CA CYS A 21 -5.35 4.24 -7.86
C CYS A 21 -6.05 3.00 -7.33
N TYR A 22 -5.30 1.92 -7.19
CA TYR A 22 -5.84 0.66 -6.70
C TYR A 22 -5.76 0.59 -5.17
N THR A 23 -6.91 0.45 -4.53
CA THR A 23 -6.97 0.37 -3.06
C THR A 23 -5.96 -0.64 -2.54
N PRO A 24 -5.64 -0.52 -1.23
CA PRO A 24 -4.69 -1.42 -0.57
C PRO A 24 -5.24 -2.83 -0.41
N ARG A 25 -4.34 -3.81 -0.32
CA ARG A 25 -4.73 -5.21 -0.16
C ARG A 25 -5.46 -5.71 -1.41
N ARG A 26 -5.24 -5.02 -2.53
CA ARG A 26 -5.87 -5.39 -3.78
C ARG A 26 -4.84 -5.91 -4.78
N ARG A 27 -5.26 -6.85 -5.62
CA ARG A 27 -4.36 -7.42 -6.63
C ARG A 27 -3.95 -6.38 -7.66
N CYS A 28 -2.65 -6.14 -7.77
CA CYS A 28 -2.13 -5.17 -8.72
C CYS A 28 -0.97 -5.76 -9.52
N THR A 29 -0.56 -5.05 -10.57
CA THR A 29 0.53 -5.50 -11.42
C THR A 29 1.70 -4.53 -11.37
N SER A 30 1.40 -3.26 -11.10
CA SER A 30 2.42 -2.23 -11.03
C SER A 30 2.28 -1.41 -9.76
N ALA A 31 3.42 -1.06 -9.14
CA ALA A 31 3.41 -0.27 -7.92
C ALA A 31 2.84 1.13 -8.17
N ASP A 32 3.10 1.66 -9.35
CA ASP A 32 2.61 2.99 -9.72
C ASP A 32 1.10 3.08 -9.51
N GLN A 33 0.40 1.99 -9.78
CA GLN A 33 -1.05 1.94 -9.63
C GLN A 33 -1.45 1.95 -8.16
N CYS A 34 -0.71 1.19 -7.36
CA CYS A 34 -0.99 1.11 -5.92
C CYS A 34 -1.07 2.50 -5.31
N CYS A 35 -2.17 2.76 -4.62
CA CYS A 35 -2.38 4.06 -3.98
C CYS A 35 -1.18 4.43 -3.10
N ARG A 36 -0.77 5.69 -3.18
CA ARG A 36 0.37 6.16 -2.41
C ARG A 36 -0.06 6.52 -0.98
N PRO A 37 0.92 6.56 -0.07
CA PRO A 37 0.67 6.88 1.35
C PRO A 37 0.26 8.34 1.56
N TYR A 38 -0.54 8.58 2.58
CA TYR A 38 -1.00 9.93 2.88
C TYR A 38 0.17 10.88 3.05
N ASP A 39 1.33 10.33 3.45
CA ASP A 39 2.52 11.13 3.64
C ASP A 39 3.77 10.38 3.18
N THR A 40 4.19 10.66 1.95
CA THR A 40 5.37 10.01 1.38
C THR A 40 6.59 10.20 2.26
N THR A 41 6.61 11.31 3.01
CA THR A 41 7.73 11.61 3.89
C THR A 41 7.72 10.71 5.11
N ALA A 42 6.58 10.07 5.37
CA ALA A 42 6.44 9.17 6.51
C ALA A 42 5.87 7.82 6.08
N ALA A 43 6.03 7.50 4.81
CA ALA A 43 5.52 6.24 4.27
C ALA A 43 5.87 6.09 2.79
N PHE A 44 5.72 4.87 2.27
CA PHE A 44 6.03 4.61 0.87
C PHE A 44 4.97 3.69 0.25
N HIS A 45 5.04 3.51 -1.06
CA HIS A 45 4.08 2.67 -1.78
C HIS A 45 4.81 1.55 -2.53
N GLY A 46 4.04 0.59 -3.03
CA GLY A 46 4.62 -0.52 -3.76
C GLY A 46 3.69 -1.71 -3.85
N CYS A 47 3.90 -2.55 -4.84
CA CYS A 47 3.08 -3.73 -5.04
C CYS A 47 3.82 -5.00 -4.63
N GLY A 48 3.27 -5.73 -3.67
CA GLY A 48 3.90 -6.95 -3.21
C GLY A 48 3.05 -7.70 -2.20
N ARG A 49 3.68 -8.57 -1.43
CA ARG A 49 2.97 -9.35 -0.42
C ARG A 49 3.66 -9.25 0.93
N ILE A 50 3.07 -8.49 1.85
CA ILE A 50 3.62 -8.33 3.18
C ILE A 50 2.85 -9.13 4.22
N TRP A 51 2.12 -10.13 3.75
CA TRP A 51 1.33 -10.99 4.63
C TRP A 51 1.38 -12.44 4.17
N PRO A 52 1.15 -13.37 5.11
CA PRO A 52 1.16 -14.81 4.82
C PRO A 52 -0.03 -15.24 3.96
N LYS A 53 -1.22 -14.75 4.31
CA LYS A 53 -2.43 -15.09 3.57
C LYS A 53 -2.25 -14.82 2.09
N ASP A 54 -1.62 -13.69 1.77
CA ASP A 54 -1.38 -13.32 0.38
C ASP A 54 -0.29 -14.19 -0.24
N LYS A 55 0.63 -14.66 0.60
CA LYS A 55 1.72 -15.50 0.13
C LYS A 55 1.20 -16.88 -0.27
N ARG A 56 0.19 -17.37 0.44
CA ARG A 56 -0.38 -18.67 0.14
C ARG A 56 -1.02 -18.69 -1.24
N GLU A 57 -1.48 -17.53 -1.69
CA GLU A 57 -2.10 -17.41 -3.01
C GLU A 57 -1.08 -17.01 -4.06
N LYS A 58 0.04 -16.45 -3.61
CA LYS A 58 1.11 -16.02 -4.51
C LYS A 58 0.59 -14.97 -5.49
N VAL A 59 0.03 -13.89 -4.95
CA VAL A 59 -0.50 -12.81 -5.77
C VAL A 59 -0.12 -11.44 -5.22
N ASP A 60 0.69 -10.70 -5.97
CA ASP A 60 1.13 -9.38 -5.55
C ASP A 60 -0.07 -8.44 -5.38
N ARG A 61 -0.06 -7.65 -4.31
CA ARG A 61 -1.13 -6.72 -4.05
C ARG A 61 -0.58 -5.39 -3.54
N CYS A 62 -1.43 -4.36 -3.57
CA CYS A 62 -1.02 -3.03 -3.12
C CYS A 62 -0.82 -3.01 -1.61
N TYR A 63 0.28 -2.42 -1.16
CA TYR A 63 0.58 -2.33 0.27
C TYR A 63 1.23 -0.99 0.61
N ILE A 64 1.02 -0.54 1.84
CA ILE A 64 1.58 0.72 2.29
C ILE A 64 2.08 0.62 3.73
N CYS A 65 3.35 0.96 3.93
CA CYS A 65 3.95 0.91 5.26
C CYS A 65 4.56 2.26 5.63
N ASN A 66 4.64 2.53 6.93
CA ASN A 66 5.21 3.78 7.41
C ASN A 66 6.71 3.85 7.12
N ASN A 67 7.28 5.04 7.29
CA ASN A 67 8.71 5.24 7.04
C ASN A 67 9.54 4.32 7.95
N GLU A 68 9.02 4.04 9.13
CA GLU A 68 9.71 3.19 10.08
C GLU A 68 9.57 1.72 9.70
N LYS A 69 8.70 1.45 8.74
CA LYS A 69 8.48 0.08 8.27
C LYS A 69 8.07 -0.82 9.43
N THR A 70 7.50 -0.23 10.47
CA THR A 70 7.07 -0.98 11.65
C THR A 70 5.59 -1.35 11.55
N LEU A 71 4.78 -0.44 11.01
CA LEU A 71 3.35 -0.68 10.86
C LEU A 71 2.97 -0.77 9.38
N CYS A 72 2.02 -1.65 9.07
CA CYS A 72 1.57 -1.84 7.71
C CYS A 72 0.08 -2.14 7.66
N THR A 73 -0.53 -1.99 6.49
CA THR A 73 -1.94 -2.25 6.31
C THR A 73 -2.32 -3.64 6.84
N SER A 74 -3.60 -3.82 7.15
CA SER A 74 -4.09 -5.09 7.67
C SER A 74 -3.99 -6.18 6.59
N VAL A 75 -4.16 -7.43 7.02
CA VAL A 75 -4.09 -8.56 6.10
C VAL A 75 -5.44 -8.80 5.42
N MET A 76 -6.51 -8.38 6.08
CA MET A 76 -7.85 -8.55 5.54
C MET A 76 -8.27 -7.32 4.74
N GLY A 1 6.33 10.46 16.20
CA GLY A 1 5.56 9.77 17.22
C GLY A 1 5.43 8.28 16.95
N THR A 2 4.76 7.57 17.84
CA THR A 2 4.57 6.14 17.70
C THR A 2 3.80 5.80 16.42
N PRO A 3 3.93 4.55 15.96
CA PRO A 3 3.25 4.08 14.75
C PRO A 3 1.75 3.96 14.94
N SER A 4 0.99 4.43 13.95
CA SER A 4 -0.47 4.38 14.01
C SER A 4 -1.05 4.06 12.63
N ALA A 5 -2.30 3.60 12.63
CA ALA A 5 -2.98 3.26 11.38
C ALA A 5 -3.00 4.45 10.42
N ASP A 6 -2.91 5.64 10.98
CA ASP A 6 -2.92 6.86 10.17
C ASP A 6 -1.65 6.96 9.32
N GLN A 7 -0.58 6.33 9.79
CA GLN A 7 0.69 6.34 9.07
C GLN A 7 0.63 5.44 7.83
N VAL A 8 -0.19 4.39 7.92
CA VAL A 8 -0.34 3.45 6.82
C VAL A 8 -1.53 3.82 5.94
N ARG A 9 -1.91 5.09 5.96
CA ARG A 9 -3.04 5.57 5.17
C ARG A 9 -2.64 5.77 3.72
N TYR A 10 -3.58 6.22 2.90
CA TYR A 10 -3.33 6.45 1.48
C TYR A 10 -4.07 7.69 1.00
N ASN A 11 -3.61 8.24 -0.13
CA ASN A 11 -4.23 9.43 -0.70
C ASN A 11 -4.69 9.16 -2.14
N TYR A 12 -5.86 9.69 -2.48
CA TYR A 12 -6.41 9.51 -3.82
C TYR A 12 -5.68 10.39 -4.84
N THR A 13 -5.02 9.74 -5.81
CA THR A 13 -4.28 10.45 -6.83
C THR A 13 -4.70 10.00 -8.22
N GLU A 14 -4.28 10.75 -9.24
CA GLU A 14 -4.61 10.42 -10.62
C GLU A 14 -3.49 9.61 -11.28
N LEU A 15 -3.86 8.52 -11.93
CA LEU A 15 -2.88 7.67 -12.60
C LEU A 15 -2.82 7.98 -14.10
N PRO A 16 -1.70 7.60 -14.73
CA PRO A 16 -1.49 7.82 -16.16
C PRO A 16 -2.39 6.95 -17.03
N ASN A 17 -2.97 5.92 -16.41
CA ASN A 17 -3.85 5.00 -17.13
C ASN A 17 -5.27 5.57 -17.21
N GLY A 18 -5.49 6.70 -16.56
CA GLY A 18 -6.80 7.33 -16.57
C GLY A 18 -7.53 7.15 -15.26
N GLU A 19 -7.19 6.10 -14.53
CA GLU A 19 -7.84 5.82 -13.25
C GLU A 19 -7.20 6.64 -12.13
N TYR A 20 -7.60 6.35 -10.89
CA TYR A 20 -7.07 7.07 -9.73
C TYR A 20 -6.00 6.24 -9.04
N CYS A 21 -6.42 5.14 -8.41
CA CYS A 21 -5.49 4.27 -7.70
C CYS A 21 -6.21 3.02 -7.18
N TYR A 22 -5.45 1.96 -6.96
CA TYR A 22 -6.01 0.70 -6.47
C TYR A 22 -5.94 0.64 -4.95
N THR A 23 -7.09 0.41 -4.32
CA THR A 23 -7.16 0.32 -2.86
C THR A 23 -6.11 -0.65 -2.33
N PRO A 24 -5.82 -0.53 -1.01
CA PRO A 24 -4.84 -1.40 -0.35
C PRO A 24 -5.33 -2.84 -0.21
N ARG A 25 -4.39 -3.77 -0.16
CA ARG A 25 -4.72 -5.18 -0.03
C ARG A 25 -5.47 -5.68 -1.26
N ARG A 26 -5.29 -4.98 -2.38
CA ARG A 26 -5.95 -5.35 -3.63
C ARG A 26 -4.94 -5.86 -4.65
N ARG A 27 -5.37 -6.82 -5.47
CA ARG A 27 -4.50 -7.38 -6.50
C ARG A 27 -4.12 -6.34 -7.53
N CYS A 28 -2.82 -6.11 -7.70
CA CYS A 28 -2.33 -5.13 -8.66
C CYS A 28 -1.30 -5.75 -9.58
N THR A 29 -0.77 -4.95 -10.51
CA THR A 29 0.23 -5.42 -11.46
C THR A 29 1.51 -4.61 -11.35
N SER A 30 1.37 -3.33 -11.02
CA SER A 30 2.53 -2.44 -10.88
C SER A 30 2.42 -1.60 -9.62
N ALA A 31 3.56 -1.35 -8.98
CA ALA A 31 3.59 -0.55 -7.76
C ALA A 31 2.99 0.83 -7.99
N ASP A 32 3.27 1.41 -9.16
CA ASP A 32 2.75 2.73 -9.49
C ASP A 32 1.24 2.77 -9.35
N GLN A 33 0.59 1.64 -9.63
CA GLN A 33 -0.87 1.55 -9.53
C GLN A 33 -1.32 1.64 -8.08
N CYS A 34 -0.62 0.93 -7.20
CA CYS A 34 -0.94 0.92 -5.78
C CYS A 34 -1.05 2.35 -5.24
N CYS A 35 -2.19 2.67 -4.64
CA CYS A 35 -2.41 4.00 -4.08
C CYS A 35 -1.27 4.40 -3.15
N ARG A 36 -0.71 5.57 -3.40
CA ARG A 36 0.40 6.06 -2.59
C ARG A 36 -0.06 6.41 -1.18
N PRO A 37 0.88 6.49 -0.24
CA PRO A 37 0.58 6.80 1.16
C PRO A 37 0.15 8.25 1.35
N TYR A 38 -0.59 8.51 2.42
CA TYR A 38 -1.07 9.86 2.71
C TYR A 38 0.09 10.84 2.79
N ASP A 39 1.27 10.33 3.15
CA ASP A 39 2.46 11.16 3.27
C ASP A 39 3.71 10.37 2.89
N THR A 40 4.19 10.60 1.66
CA THR A 40 5.37 9.91 1.16
C THR A 40 6.57 10.16 2.07
N THR A 41 6.53 11.27 2.80
CA THR A 41 7.62 11.63 3.71
C THR A 41 7.59 10.76 4.97
N ALA A 42 6.45 10.12 5.20
CA ALA A 42 6.30 9.25 6.37
C ALA A 42 5.76 7.89 5.97
N ALA A 43 5.93 7.53 4.70
CA ALA A 43 5.46 6.25 4.18
C ALA A 43 5.82 6.08 2.72
N PHE A 44 5.66 4.87 2.20
CA PHE A 44 5.96 4.58 0.80
C PHE A 44 4.91 3.65 0.20
N HIS A 45 4.97 3.46 -1.11
CA HIS A 45 4.03 2.61 -1.81
C HIS A 45 4.75 1.46 -2.51
N GLY A 46 3.98 0.48 -2.99
CA GLY A 46 4.57 -0.66 -3.67
C GLY A 46 3.61 -1.82 -3.79
N CYS A 47 3.88 -2.72 -4.74
CA CYS A 47 3.02 -3.88 -4.96
C CYS A 47 3.76 -5.17 -4.58
N GLY A 48 3.18 -5.91 -3.63
CA GLY A 48 3.80 -7.15 -3.19
C GLY A 48 2.92 -7.92 -2.22
N ARG A 49 3.54 -8.75 -1.40
CA ARG A 49 2.81 -9.54 -0.42
C ARG A 49 3.50 -9.49 0.94
N ILE A 50 2.93 -8.71 1.85
CA ILE A 50 3.48 -8.57 3.19
C ILE A 50 2.67 -9.36 4.21
N TRP A 51 1.91 -10.34 3.72
CA TRP A 51 1.08 -11.17 4.59
C TRP A 51 1.11 -12.62 4.14
N PRO A 52 0.83 -13.54 5.07
CA PRO A 52 0.81 -14.98 4.79
C PRO A 52 -0.35 -15.39 3.90
N LYS A 53 -1.47 -14.66 4.02
CA LYS A 53 -2.66 -14.94 3.22
C LYS A 53 -2.42 -14.60 1.76
N ASP A 54 -1.71 -13.51 1.52
CA ASP A 54 -1.42 -13.07 0.16
C ASP A 54 -0.26 -13.88 -0.43
N LYS A 55 0.63 -14.32 0.43
CA LYS A 55 1.79 -15.11 0.01
C LYS A 55 1.36 -16.47 -0.53
N ARG A 56 0.48 -17.14 0.22
CA ARG A 56 -0.01 -18.45 -0.19
C ARG A 56 -0.68 -18.39 -1.55
N GLU A 57 -1.12 -17.20 -1.93
CA GLU A 57 -1.79 -17.00 -3.22
C GLU A 57 -0.79 -16.58 -4.29
N LYS A 58 0.35 -16.04 -3.85
CA LYS A 58 1.39 -15.60 -4.77
C LYS A 58 0.85 -14.56 -5.74
N VAL A 59 0.20 -13.53 -5.21
CA VAL A 59 -0.35 -12.46 -6.03
C VAL A 59 0.04 -11.09 -5.49
N ASP A 60 0.64 -10.28 -6.35
CA ASP A 60 1.08 -8.95 -5.97
C ASP A 60 -0.12 -8.09 -5.54
N ARG A 61 -0.09 -7.63 -4.30
CA ARG A 61 -1.17 -6.81 -3.76
C ARG A 61 -0.64 -5.46 -3.28
N CYS A 62 -1.47 -4.43 -3.40
CA CYS A 62 -1.08 -3.09 -2.98
C CYS A 62 -0.86 -3.04 -1.47
N TYR A 63 0.27 -2.48 -1.06
CA TYR A 63 0.60 -2.36 0.35
C TYR A 63 1.18 -0.98 0.67
N ILE A 64 0.98 -0.53 1.90
CA ILE A 64 1.49 0.77 2.34
C ILE A 64 1.99 0.71 3.77
N CYS A 65 3.28 0.99 3.96
CA CYS A 65 3.87 0.98 5.29
C CYS A 65 4.48 2.33 5.63
N ASN A 66 4.69 2.57 6.92
CA ASN A 66 5.27 3.84 7.37
C ASN A 66 6.78 3.87 7.13
N ASN A 67 7.36 5.06 7.22
CA ASN A 67 8.79 5.21 7.01
C ASN A 67 9.59 4.36 7.98
N GLU A 68 9.01 4.13 9.16
CA GLU A 68 9.67 3.32 10.18
C GLU A 68 9.54 1.84 9.87
N LYS A 69 8.71 1.52 8.89
CA LYS A 69 8.50 0.14 8.49
C LYS A 69 8.11 -0.72 9.70
N THR A 70 7.46 -0.11 10.67
CA THR A 70 7.03 -0.81 11.88
C THR A 70 5.56 -1.19 11.80
N LEU A 71 4.78 -0.39 11.08
CA LEU A 71 3.35 -0.63 10.93
C LEU A 71 2.97 -0.74 9.46
N CYS A 72 2.00 -1.59 9.16
CA CYS A 72 1.54 -1.79 7.80
C CYS A 72 0.04 -2.09 7.76
N THR A 73 -0.54 -1.97 6.57
CA THR A 73 -1.97 -2.23 6.41
C THR A 73 -2.32 -3.65 6.81
N SER A 74 -3.46 -3.81 7.48
CA SER A 74 -3.92 -5.13 7.92
C SER A 74 -3.98 -6.10 6.74
N VAL A 75 -4.15 -7.39 7.06
CA VAL A 75 -4.23 -8.42 6.03
C VAL A 75 -5.63 -8.53 5.47
N MET A 76 -6.62 -8.14 6.26
CA MET A 76 -8.02 -8.19 5.84
C MET A 76 -8.78 -6.97 6.35
N GLY A 1 5.70 10.92 16.53
CA GLY A 1 4.82 10.10 17.34
C GLY A 1 4.91 8.63 16.98
N THR A 2 4.30 7.78 17.82
CA THR A 2 4.33 6.35 17.59
C THR A 2 3.52 5.98 16.34
N PRO A 3 3.80 4.79 15.79
CA PRO A 3 3.11 4.28 14.60
C PRO A 3 1.65 3.94 14.87
N SER A 4 0.77 4.26 13.93
CA SER A 4 -0.64 3.98 14.07
C SER A 4 -1.29 3.70 12.72
N ALA A 5 -2.55 3.30 12.73
CA ALA A 5 -3.27 3.00 11.50
C ALA A 5 -3.31 4.20 10.57
N ASP A 6 -3.15 5.39 11.14
CA ASP A 6 -3.15 6.62 10.36
C ASP A 6 -1.87 6.75 9.54
N GLN A 7 -0.79 6.18 10.05
CA GLN A 7 0.50 6.24 9.36
C GLN A 7 0.48 5.36 8.11
N VAL A 8 -0.34 4.33 8.13
CA VAL A 8 -0.46 3.42 6.99
C VAL A 8 -1.61 3.82 6.08
N ARG A 9 -1.99 5.09 6.13
CA ARG A 9 -3.09 5.60 5.32
C ARG A 9 -2.65 5.76 3.87
N TYR A 10 -3.57 6.22 3.03
CA TYR A 10 -3.28 6.44 1.61
C TYR A 10 -3.98 7.67 1.08
N ASN A 11 -3.47 8.22 -0.01
CA ASN A 11 -4.05 9.41 -0.62
C ASN A 11 -4.49 9.13 -2.06
N TYR A 12 -5.60 9.72 -2.46
CA TYR A 12 -6.12 9.53 -3.81
C TYR A 12 -5.34 10.36 -4.82
N THR A 13 -4.72 9.69 -5.78
CA THR A 13 -3.93 10.35 -6.81
C THR A 13 -4.39 9.96 -8.20
N GLU A 14 -3.92 10.68 -9.21
CA GLU A 14 -4.28 10.41 -10.59
C GLU A 14 -3.24 9.53 -11.26
N LEU A 15 -3.67 8.69 -12.19
CA LEU A 15 -2.78 7.79 -12.90
C LEU A 15 -2.79 8.09 -14.40
N PRO A 16 -1.73 7.66 -15.10
CA PRO A 16 -1.60 7.87 -16.55
C PRO A 16 -2.59 7.02 -17.34
N ASN A 17 -3.13 5.99 -16.71
CA ASN A 17 -4.08 5.11 -17.35
C ASN A 17 -5.49 5.71 -17.36
N GLY A 18 -5.62 6.85 -16.67
CA GLY A 18 -6.91 7.52 -16.62
C GLY A 18 -7.60 7.34 -15.28
N GLU A 19 -7.25 6.27 -14.57
CA GLU A 19 -7.84 5.99 -13.27
C GLU A 19 -7.11 6.75 -12.17
N TYR A 20 -7.54 6.54 -10.92
CA TYR A 20 -6.93 7.20 -9.79
C TYR A 20 -5.85 6.33 -9.15
N CYS A 21 -6.27 5.24 -8.54
CA CYS A 21 -5.34 4.31 -7.89
C CYS A 21 -6.07 3.08 -7.37
N TYR A 22 -5.34 1.97 -7.29
CA TYR A 22 -5.92 0.71 -6.81
C TYR A 22 -5.85 0.63 -5.29
N THR A 23 -7.00 0.47 -4.65
CA THR A 23 -7.06 0.36 -3.20
C THR A 23 -6.05 -0.65 -2.67
N PRO A 24 -5.75 -0.57 -1.37
CA PRO A 24 -4.81 -1.47 -0.71
C PRO A 24 -5.34 -2.89 -0.60
N ARG A 25 -4.44 -3.86 -0.50
CA ARG A 25 -4.82 -5.26 -0.39
C ARG A 25 -5.52 -5.73 -1.65
N ARG A 26 -5.31 -5.01 -2.74
CA ARG A 26 -5.93 -5.36 -4.02
C ARG A 26 -4.88 -5.84 -5.02
N ARG A 27 -5.26 -6.82 -5.83
CA ARG A 27 -4.35 -7.37 -6.84
C ARG A 27 -3.94 -6.30 -7.84
N CYS A 28 -2.64 -6.10 -7.99
CA CYS A 28 -2.11 -5.10 -8.93
C CYS A 28 -0.92 -5.66 -9.69
N THR A 29 -0.48 -4.91 -10.71
CA THR A 29 0.64 -5.33 -11.54
C THR A 29 1.79 -4.33 -11.44
N SER A 30 1.44 -3.06 -11.25
CA SER A 30 2.44 -2.01 -11.15
C SER A 30 2.30 -1.24 -9.85
N ALA A 31 3.43 -0.93 -9.22
CA ALA A 31 3.43 -0.20 -7.95
C ALA A 31 2.81 1.19 -8.13
N ASP A 32 3.06 1.80 -9.28
CA ASP A 32 2.54 3.13 -9.57
C ASP A 32 1.03 3.17 -9.38
N GLN A 33 0.36 2.08 -9.72
CA GLN A 33 -1.10 1.99 -9.58
C GLN A 33 -1.51 1.97 -8.11
N CYS A 34 -0.75 1.23 -7.31
CA CYS A 34 -1.03 1.12 -5.88
C CYS A 34 -1.18 2.50 -5.25
N CYS A 35 -2.32 2.73 -4.60
CA CYS A 35 -2.59 4.00 -3.96
C CYS A 35 -1.44 4.41 -3.04
N ARG A 36 -0.88 5.59 -3.29
CA ARG A 36 0.23 6.09 -2.49
C ARG A 36 -0.21 6.41 -1.07
N PRO A 37 0.75 6.47 -0.14
CA PRO A 37 0.48 6.76 1.27
C PRO A 37 0.03 8.21 1.49
N TYR A 38 -0.60 8.46 2.63
CA TYR A 38 -1.08 9.80 2.96
C TYR A 38 0.08 10.78 3.05
N ASP A 39 1.26 10.26 3.39
CA ASP A 39 2.45 11.08 3.52
C ASP A 39 3.69 10.34 3.04
N THR A 40 4.16 10.68 1.85
CA THR A 40 5.34 10.04 1.27
C THR A 40 6.55 10.21 2.17
N THR A 41 6.53 11.28 2.98
CA THR A 41 7.63 11.57 3.88
C THR A 41 7.59 10.66 5.11
N ALA A 42 6.45 10.01 5.33
CA ALA A 42 6.29 9.13 6.46
C ALA A 42 5.71 7.78 6.03
N ALA A 43 5.87 7.46 4.75
CA ALA A 43 5.37 6.21 4.20
C ALA A 43 5.71 6.08 2.72
N PHE A 44 5.58 4.86 2.20
CA PHE A 44 5.88 4.60 0.79
C PHE A 44 4.83 3.67 0.17
N HIS A 45 4.88 3.52 -1.14
CA HIS A 45 3.95 2.66 -1.85
C HIS A 45 4.68 1.56 -2.60
N GLY A 46 3.92 0.58 -3.10
CA GLY A 46 4.51 -0.52 -3.82
C GLY A 46 3.58 -1.70 -3.97
N CYS A 47 3.84 -2.56 -4.95
CA CYS A 47 3.00 -3.72 -5.20
C CYS A 47 3.75 -5.00 -4.87
N GLY A 48 3.19 -5.78 -3.94
CA GLY A 48 3.83 -7.03 -3.55
C GLY A 48 3.07 -7.73 -2.43
N ARG A 49 3.80 -8.50 -1.62
CA ARG A 49 3.18 -9.23 -0.51
C ARG A 49 4.05 -9.12 0.74
N ILE A 50 3.45 -8.65 1.83
CA ILE A 50 4.16 -8.50 3.09
C ILE A 50 3.63 -9.48 4.14
N TRP A 51 2.36 -9.84 4.01
CA TRP A 51 1.74 -10.77 4.94
C TRP A 51 1.73 -12.19 4.38
N PRO A 52 1.68 -13.18 5.27
CA PRO A 52 1.66 -14.60 4.88
C PRO A 52 0.35 -15.00 4.20
N LYS A 53 -0.74 -14.36 4.61
CA LYS A 53 -2.05 -14.64 4.05
C LYS A 53 -2.03 -14.50 2.53
N ASP A 54 -1.25 -13.54 2.04
CA ASP A 54 -1.13 -13.31 0.60
C ASP A 54 -0.20 -14.32 -0.05
N LYS A 55 0.75 -14.82 0.72
CA LYS A 55 1.72 -15.80 0.21
C LYS A 55 1.00 -17.06 -0.24
N ARG A 56 0.13 -17.60 0.62
CA ARG A 56 -0.61 -18.81 0.31
C ARG A 56 -1.43 -18.63 -0.96
N GLU A 57 -1.79 -17.37 -1.26
CA GLU A 57 -2.57 -17.07 -2.45
C GLU A 57 -1.67 -16.87 -3.66
N LYS A 58 -0.41 -16.54 -3.40
CA LYS A 58 0.56 -16.33 -4.48
C LYS A 58 0.08 -15.22 -5.43
N VAL A 59 -0.13 -14.03 -4.88
CA VAL A 59 -0.59 -12.91 -5.68
C VAL A 59 -0.16 -11.59 -5.05
N ASP A 60 0.47 -10.72 -5.85
CA ASP A 60 0.93 -9.43 -5.37
C ASP A 60 -0.21 -8.42 -5.33
N ARG A 61 -0.30 -7.67 -4.24
CA ARG A 61 -1.35 -6.67 -4.09
C ARG A 61 -0.77 -5.35 -3.55
N CYS A 62 -1.54 -4.29 -3.67
CA CYS A 62 -1.12 -2.98 -3.21
C CYS A 62 -0.91 -2.98 -1.69
N TYR A 63 0.20 -2.41 -1.25
CA TYR A 63 0.52 -2.35 0.17
C TYR A 63 1.13 -1.00 0.54
N ILE A 64 0.97 -0.60 1.79
CA ILE A 64 1.51 0.66 2.27
C ILE A 64 2.04 0.53 3.70
N CYS A 65 3.29 0.93 3.90
CA CYS A 65 3.91 0.87 5.21
C CYS A 65 4.51 2.22 5.60
N ASN A 66 4.63 2.45 6.91
CA ASN A 66 5.18 3.70 7.41
C ASN A 66 6.67 3.79 7.13
N ASN A 67 7.22 4.99 7.25
CA ASN A 67 8.64 5.22 7.00
C ASN A 67 9.49 4.34 7.92
N GLU A 68 8.97 4.05 9.10
CA GLU A 68 9.67 3.22 10.07
C GLU A 68 9.59 1.75 9.69
N LYS A 69 8.75 1.43 8.71
CA LYS A 69 8.58 0.06 8.26
C LYS A 69 8.22 -0.85 9.42
N THR A 70 7.57 -0.29 10.43
CA THR A 70 7.16 -1.06 11.60
C THR A 70 5.67 -1.39 11.54
N LEU A 71 4.88 -0.47 11.02
CA LEU A 71 3.43 -0.66 10.92
C LEU A 71 3.00 -0.69 9.46
N CYS A 72 2.18 -1.68 9.11
CA CYS A 72 1.69 -1.83 7.75
C CYS A 72 0.20 -2.13 7.74
N THR A 73 -0.43 -1.98 6.57
CA THR A 73 -1.85 -2.24 6.43
C THR A 73 -2.21 -3.62 6.97
N SER A 74 -3.38 -3.72 7.59
CA SER A 74 -3.84 -4.98 8.16
C SER A 74 -3.84 -6.08 7.10
N VAL A 75 -3.61 -7.31 7.55
CA VAL A 75 -3.59 -8.45 6.63
C VAL A 75 -4.95 -8.70 6.01
N MET A 76 -6.00 -8.27 6.71
CA MET A 76 -7.37 -8.44 6.22
C MET A 76 -8.13 -7.12 6.27
N GLY A 1 5.35 11.13 18.54
CA GLY A 1 4.19 10.26 18.48
C GLY A 1 4.51 8.90 17.90
N THR A 2 3.83 7.87 18.37
CA THR A 2 4.06 6.51 17.88
C THR A 2 3.25 6.24 16.61
N PRO A 3 3.67 5.23 15.85
CA PRO A 3 3.01 4.85 14.59
C PRO A 3 1.64 4.22 14.84
N SER A 4 0.70 4.49 13.93
CA SER A 4 -0.65 3.96 14.06
C SER A 4 -1.26 3.72 12.67
N ALA A 5 -2.51 3.28 12.66
CA ALA A 5 -3.21 3.01 11.41
C ALA A 5 -3.23 4.25 10.51
N ASP A 6 -3.10 5.42 11.12
CA ASP A 6 -3.10 6.67 10.38
C ASP A 6 -1.81 6.81 9.56
N GLN A 7 -0.74 6.16 10.01
CA GLN A 7 0.54 6.23 9.33
C GLN A 7 0.52 5.37 8.07
N VAL A 8 -0.31 4.33 8.07
CA VAL A 8 -0.43 3.44 6.93
C VAL A 8 -1.57 3.86 6.02
N ARG A 9 -1.95 5.12 6.08
CA ARG A 9 -3.04 5.65 5.27
C ARG A 9 -2.59 5.82 3.82
N TYR A 10 -3.51 6.29 2.98
CA TYR A 10 -3.21 6.50 1.56
C TYR A 10 -3.94 7.73 1.03
N ASN A 11 -3.43 8.27 -0.07
CA ASN A 11 -4.04 9.45 -0.68
C ASN A 11 -4.52 9.14 -2.10
N TYR A 12 -5.65 9.73 -2.48
CA TYR A 12 -6.21 9.51 -3.81
C TYR A 12 -5.47 10.34 -4.85
N THR A 13 -4.65 9.66 -5.65
CA THR A 13 -3.88 10.34 -6.69
C THR A 13 -4.40 9.97 -8.08
N GLU A 14 -3.96 10.72 -9.09
CA GLU A 14 -4.37 10.47 -10.46
C GLU A 14 -3.34 9.62 -11.20
N LEU A 15 -3.82 8.78 -12.12
CA LEU A 15 -2.93 7.92 -12.89
C LEU A 15 -3.00 8.25 -14.38
N PRO A 16 -1.96 7.86 -15.12
CA PRO A 16 -1.88 8.11 -16.57
C PRO A 16 -2.89 7.28 -17.35
N ASN A 17 -3.39 6.21 -16.73
CA ASN A 17 -4.37 5.34 -17.37
C ASN A 17 -5.77 5.94 -17.30
N GLY A 18 -5.89 7.05 -16.59
CA GLY A 18 -7.18 7.69 -16.44
C GLY A 18 -7.81 7.47 -15.08
N GLU A 19 -7.42 6.38 -14.44
CA GLU A 19 -7.95 6.05 -13.12
C GLU A 19 -7.21 6.81 -12.02
N TYR A 20 -7.57 6.55 -10.77
CA TYR A 20 -6.93 7.21 -9.64
C TYR A 20 -5.81 6.35 -9.06
N CYS A 21 -6.20 5.23 -8.45
CA CYS A 21 -5.23 4.31 -7.85
C CYS A 21 -5.92 3.06 -7.33
N TYR A 22 -5.20 1.94 -7.32
CA TYR A 22 -5.74 0.68 -6.84
C TYR A 22 -5.69 0.60 -5.33
N THR A 23 -6.85 0.43 -4.71
CA THR A 23 -6.95 0.35 -3.25
C THR A 23 -5.93 -0.65 -2.71
N PRO A 24 -5.67 -0.55 -1.39
CA PRO A 24 -4.72 -1.44 -0.71
C PRO A 24 -5.23 -2.88 -0.61
N ARG A 25 -4.31 -3.83 -0.53
CA ARG A 25 -4.68 -5.23 -0.42
C ARG A 25 -5.40 -5.70 -1.68
N ARG A 26 -5.22 -4.96 -2.77
CA ARG A 26 -5.86 -5.31 -4.04
C ARG A 26 -4.83 -5.80 -5.05
N ARG A 27 -5.21 -6.80 -5.85
CA ARG A 27 -4.32 -7.36 -6.85
C ARG A 27 -3.89 -6.29 -7.85
N CYS A 28 -2.59 -6.00 -7.88
CA CYS A 28 -2.04 -5.00 -8.78
C CYS A 28 -0.92 -5.59 -9.64
N THR A 29 -0.55 -4.87 -10.69
CA THR A 29 0.51 -5.32 -11.58
C THR A 29 1.71 -4.37 -11.56
N SER A 30 1.48 -3.17 -11.03
CA SER A 30 2.53 -2.16 -10.95
C SER A 30 2.36 -1.29 -9.71
N ALA A 31 3.48 -0.95 -9.08
CA ALA A 31 3.46 -0.12 -7.88
C ALA A 31 2.91 1.27 -8.18
N ASP A 32 3.16 1.75 -9.38
CA ASP A 32 2.70 3.07 -9.80
C ASP A 32 1.19 3.19 -9.61
N GLN A 33 0.48 2.10 -9.85
CA GLN A 33 -0.97 2.08 -9.70
C GLN A 33 -1.37 2.01 -8.23
N CYS A 34 -0.61 1.26 -7.45
CA CYS A 34 -0.89 1.11 -6.03
C CYS A 34 -1.04 2.47 -5.35
N CYS A 35 -2.18 2.66 -4.68
CA CYS A 35 -2.45 3.92 -3.99
C CYS A 35 -1.28 4.32 -3.10
N ARG A 36 -0.79 5.54 -3.29
CA ARG A 36 0.33 6.04 -2.51
C ARG A 36 -0.12 6.41 -1.10
N PRO A 37 0.84 6.50 -0.16
CA PRO A 37 0.56 6.83 1.24
C PRO A 37 0.14 8.29 1.40
N TYR A 38 -0.69 8.56 2.40
CA TYR A 38 -1.17 9.90 2.67
C TYR A 38 0.01 10.87 2.81
N ASP A 39 1.14 10.35 3.26
CA ASP A 39 2.33 11.17 3.44
C ASP A 39 3.58 10.41 3.02
N THR A 40 4.03 10.66 1.80
CA THR A 40 5.22 9.99 1.26
C THR A 40 6.43 10.24 2.15
N THR A 41 6.40 11.35 2.89
CA THR A 41 7.50 11.69 3.77
C THR A 41 7.51 10.80 5.02
N ALA A 42 6.39 10.14 5.28
CA ALA A 42 6.27 9.25 6.42
C ALA A 42 5.73 7.89 6.01
N ALA A 43 5.90 7.55 4.74
CA ALA A 43 5.42 6.27 4.21
C ALA A 43 5.78 6.12 2.74
N PHE A 44 5.67 4.90 2.23
CA PHE A 44 5.97 4.62 0.83
C PHE A 44 4.93 3.68 0.23
N HIS A 45 5.01 3.50 -1.09
CA HIS A 45 4.07 2.62 -1.79
C HIS A 45 4.81 1.51 -2.53
N GLY A 46 4.07 0.53 -3.02
CA GLY A 46 4.68 -0.58 -3.74
C GLY A 46 3.72 -1.73 -3.94
N CYS A 47 4.07 -2.64 -4.84
CA CYS A 47 3.23 -3.81 -5.13
C CYS A 47 3.95 -5.10 -4.77
N GLY A 48 3.35 -5.87 -3.89
CA GLY A 48 3.95 -7.13 -3.48
C GLY A 48 3.18 -7.80 -2.35
N ARG A 49 3.85 -8.66 -1.59
CA ARG A 49 3.24 -9.36 -0.48
C ARG A 49 4.05 -9.20 0.79
N ILE A 50 3.37 -8.80 1.87
CA ILE A 50 4.04 -8.60 3.15
C ILE A 50 3.49 -9.55 4.21
N TRP A 51 2.25 -9.98 4.01
CA TRP A 51 1.60 -10.90 4.94
C TRP A 51 1.62 -12.33 4.41
N PRO A 52 1.55 -13.31 5.33
CA PRO A 52 1.54 -14.73 4.96
C PRO A 52 0.27 -15.16 4.25
N LYS A 53 -0.84 -14.54 4.64
CA LYS A 53 -2.14 -14.85 4.04
C LYS A 53 -2.09 -14.70 2.52
N ASP A 54 -1.41 -13.67 2.05
CA ASP A 54 -1.28 -13.42 0.62
C ASP A 54 -0.26 -14.38 -0.01
N LYS A 55 0.71 -14.81 0.79
CA LYS A 55 1.73 -15.72 0.31
C LYS A 55 1.13 -17.08 -0.04
N ARG A 56 0.12 -17.49 0.72
CA ARG A 56 -0.53 -18.77 0.49
C ARG A 56 -1.31 -18.75 -0.83
N GLU A 57 -1.73 -17.56 -1.24
CA GLU A 57 -2.48 -17.40 -2.48
C GLU A 57 -1.54 -17.11 -3.65
N LYS A 58 -0.35 -16.63 -3.35
CA LYS A 58 0.64 -16.32 -4.38
C LYS A 58 0.12 -15.26 -5.33
N VAL A 59 -0.16 -14.07 -4.80
CA VAL A 59 -0.67 -12.98 -5.62
C VAL A 59 -0.19 -11.63 -5.09
N ASP A 60 0.39 -10.82 -5.97
CA ASP A 60 0.89 -9.51 -5.58
C ASP A 60 -0.26 -8.49 -5.49
N ARG A 61 -0.26 -7.72 -4.42
CA ARG A 61 -1.31 -6.71 -4.21
C ARG A 61 -0.71 -5.42 -3.66
N CYS A 62 -1.46 -4.33 -3.78
CA CYS A 62 -1.00 -3.03 -3.30
C CYS A 62 -0.83 -3.05 -1.78
N TYR A 63 0.23 -2.38 -1.32
CA TYR A 63 0.51 -2.32 0.11
C TYR A 63 1.14 -0.99 0.49
N ILE A 64 0.96 -0.58 1.74
CA ILE A 64 1.51 0.68 2.22
C ILE A 64 2.01 0.56 3.65
N CYS A 65 3.29 0.84 3.86
CA CYS A 65 3.90 0.75 5.18
C CYS A 65 4.44 2.11 5.62
N ASN A 66 4.58 2.28 6.94
CA ASN A 66 5.09 3.53 7.49
C ASN A 66 6.58 3.70 7.20
N ASN A 67 7.08 4.92 7.38
CA ASN A 67 8.49 5.21 7.14
C ASN A 67 9.38 4.32 8.01
N GLU A 68 8.89 3.99 9.20
CA GLU A 68 9.65 3.15 10.12
C GLU A 68 9.58 1.69 9.71
N LYS A 69 8.72 1.39 8.74
CA LYS A 69 8.56 0.03 8.25
C LYS A 69 8.18 -0.92 9.39
N THR A 70 7.60 -0.36 10.45
CA THR A 70 7.19 -1.16 11.60
C THR A 70 5.72 -1.54 11.51
N LEU A 71 4.90 -0.63 10.99
CA LEU A 71 3.48 -0.86 10.85
C LEU A 71 3.06 -0.85 9.38
N CYS A 72 2.09 -1.70 9.04
CA CYS A 72 1.60 -1.78 7.66
C CYS A 72 0.11 -2.05 7.64
N THR A 73 -0.51 -1.82 6.47
CA THR A 73 -1.94 -2.04 6.32
C THR A 73 -2.34 -3.44 6.78
N SER A 74 -3.50 -3.53 7.44
CA SER A 74 -3.98 -4.81 7.94
C SER A 74 -4.05 -5.84 6.81
N VAL A 75 -3.86 -7.11 7.17
CA VAL A 75 -3.90 -8.19 6.20
C VAL A 75 -5.20 -8.16 5.40
N MET A 76 -6.25 -7.65 6.02
CA MET A 76 -7.55 -7.57 5.36
C MET A 76 -8.35 -6.37 5.88
N GLY A 1 5.43 9.32 20.80
CA GLY A 1 4.91 9.20 19.45
C GLY A 1 5.12 7.82 18.87
N THR A 2 4.02 7.10 18.66
CA THR A 2 4.08 5.76 18.10
C THR A 2 3.29 5.66 16.81
N PRO A 3 3.61 4.64 15.99
CA PRO A 3 2.93 4.41 14.70
C PRO A 3 1.49 3.96 14.88
N SER A 4 0.64 4.32 13.94
CA SER A 4 -0.77 3.96 13.99
C SER A 4 -1.32 3.72 12.59
N ALA A 5 -2.56 3.24 12.52
CA ALA A 5 -3.20 2.97 11.24
C ALA A 5 -3.19 4.20 10.34
N ASP A 6 -3.16 5.38 10.97
CA ASP A 6 -3.14 6.63 10.24
C ASP A 6 -1.85 6.78 9.44
N GLN A 7 -0.79 6.15 9.92
CA GLN A 7 0.51 6.23 9.26
C GLN A 7 0.51 5.39 7.98
N VAL A 8 -0.29 4.33 7.98
CA VAL A 8 -0.38 3.44 6.82
C VAL A 8 -1.56 3.83 5.92
N ARG A 9 -1.96 5.09 6.01
CA ARG A 9 -3.08 5.59 5.20
C ARG A 9 -2.66 5.80 3.76
N TYR A 10 -3.59 6.25 2.93
CA TYR A 10 -3.32 6.48 1.52
C TYR A 10 -4.02 7.75 1.04
N ASN A 11 -3.54 8.29 -0.08
CA ASN A 11 -4.12 9.51 -0.65
C ASN A 11 -4.56 9.26 -2.09
N TYR A 12 -5.69 9.85 -2.46
CA TYR A 12 -6.24 9.69 -3.81
C TYR A 12 -5.45 10.53 -4.80
N THR A 13 -4.87 9.87 -5.80
CA THR A 13 -4.09 10.55 -6.83
C THR A 13 -4.50 10.10 -8.22
N GLU A 14 -4.03 10.82 -9.23
CA GLU A 14 -4.34 10.49 -10.62
C GLU A 14 -3.23 9.64 -11.24
N LEU A 15 -3.63 8.70 -12.10
CA LEU A 15 -2.67 7.82 -12.76
C LEU A 15 -2.57 8.15 -14.25
N PRO A 16 -1.45 7.74 -14.86
CA PRO A 16 -1.21 7.98 -16.30
C PRO A 16 -2.13 7.14 -17.19
N ASN A 17 -2.80 6.18 -16.58
CA ASN A 17 -3.71 5.30 -17.32
C ASN A 17 -5.12 5.88 -17.35
N GLY A 18 -5.31 6.99 -16.63
CA GLY A 18 -6.62 7.63 -16.59
C GLY A 18 -7.33 7.39 -15.27
N GLU A 19 -6.98 6.31 -14.59
CA GLU A 19 -7.60 5.97 -13.31
C GLU A 19 -6.98 6.78 -12.19
N TYR A 20 -7.39 6.50 -10.96
CA TYR A 20 -6.89 7.21 -9.79
C TYR A 20 -5.84 6.38 -9.06
N CYS A 21 -6.28 5.28 -8.44
CA CYS A 21 -5.37 4.41 -7.71
C CYS A 21 -6.11 3.18 -7.19
N TYR A 22 -5.42 2.06 -7.11
CA TYR A 22 -6.01 0.81 -6.63
C TYR A 22 -5.96 0.74 -5.11
N THR A 23 -7.13 0.58 -4.50
CA THR A 23 -7.24 0.50 -3.05
C THR A 23 -6.24 -0.51 -2.48
N PRO A 24 -5.96 -0.40 -1.18
CA PRO A 24 -5.03 -1.31 -0.48
C PRO A 24 -5.58 -2.72 -0.36
N ARG A 25 -4.67 -3.69 -0.28
CA ARG A 25 -5.07 -5.09 -0.15
C ARG A 25 -5.80 -5.57 -1.40
N ARG A 26 -5.56 -4.87 -2.51
CA ARG A 26 -6.21 -5.23 -3.77
C ARG A 26 -5.17 -5.74 -4.77
N ARG A 27 -5.59 -6.71 -5.58
CA ARG A 27 -4.70 -7.30 -6.59
C ARG A 27 -4.27 -6.26 -7.61
N CYS A 28 -2.96 -6.07 -7.75
CA CYS A 28 -2.42 -5.10 -8.69
C CYS A 28 -1.36 -5.74 -9.57
N THR A 29 -0.93 -5.01 -10.60
CA THR A 29 0.08 -5.51 -11.53
C THR A 29 1.33 -4.64 -11.48
N SER A 30 1.15 -3.37 -11.13
CA SER A 30 2.27 -2.43 -11.05
C SER A 30 2.21 -1.63 -9.76
N ALA A 31 3.38 -1.34 -9.19
CA ALA A 31 3.47 -0.58 -7.96
C ALA A 31 2.96 0.85 -8.16
N ASP A 32 3.27 1.42 -9.30
CA ASP A 32 2.85 2.78 -9.62
C ASP A 32 1.33 2.92 -9.50
N GLN A 33 0.63 1.81 -9.70
CA GLN A 33 -0.83 1.82 -9.61
C GLN A 33 -1.29 1.85 -8.16
N CYS A 34 -0.62 1.09 -7.30
CA CYS A 34 -0.97 1.03 -5.89
C CYS A 34 -1.03 2.44 -5.30
N CYS A 35 -2.17 2.76 -4.69
CA CYS A 35 -2.36 4.08 -4.08
C CYS A 35 -1.20 4.42 -3.15
N ARG A 36 -0.63 5.60 -3.33
CA ARG A 36 0.48 6.04 -2.50
C ARG A 36 0.01 6.39 -1.10
N PRO A 37 0.96 6.43 -0.14
CA PRO A 37 0.67 6.75 1.26
C PRO A 37 0.27 8.21 1.44
N TYR A 38 -0.61 8.47 2.40
CA TYR A 38 -1.06 9.82 2.68
C TYR A 38 0.14 10.76 2.89
N ASP A 39 1.23 10.22 3.42
CA ASP A 39 2.43 11.00 3.65
C ASP A 39 3.66 10.28 3.13
N THR A 40 4.04 10.58 1.90
CA THR A 40 5.20 9.96 1.27
C THR A 40 6.46 10.19 2.10
N THR A 41 6.46 11.29 2.87
CA THR A 41 7.60 11.62 3.71
C THR A 41 7.66 10.74 4.95
N ALA A 42 6.54 10.07 5.25
CA ALA A 42 6.47 9.18 6.40
C ALA A 42 5.90 7.83 6.01
N ALA A 43 6.04 7.47 4.74
CA ALA A 43 5.55 6.19 4.25
C ALA A 43 5.86 6.01 2.77
N PHE A 44 5.71 4.78 2.27
CA PHE A 44 5.99 4.48 0.87
C PHE A 44 4.91 3.58 0.29
N HIS A 45 4.99 3.35 -1.01
CA HIS A 45 4.02 2.50 -1.70
C HIS A 45 4.70 1.32 -2.38
N GLY A 46 3.91 0.37 -2.84
CA GLY A 46 4.45 -0.81 -3.50
C GLY A 46 3.41 -1.87 -3.76
N CYS A 47 3.59 -2.63 -4.83
CA CYS A 47 2.65 -3.70 -5.19
C CYS A 47 3.31 -5.07 -5.05
N GLY A 48 2.72 -5.91 -4.20
CA GLY A 48 3.26 -7.24 -4.00
C GLY A 48 2.67 -7.92 -2.77
N ARG A 49 3.43 -8.85 -2.19
CA ARG A 49 2.97 -9.58 -1.00
C ARG A 49 3.89 -9.31 0.18
N ILE A 50 3.33 -8.70 1.23
CA ILE A 50 4.10 -8.39 2.43
C ILE A 50 3.69 -9.28 3.59
N TRP A 51 2.45 -9.76 3.56
CA TRP A 51 1.93 -10.62 4.61
C TRP A 51 2.09 -12.09 4.23
N PRO A 52 2.14 -12.97 5.25
CA PRO A 52 2.29 -14.41 5.04
C PRO A 52 1.04 -15.04 4.43
N LYS A 53 -0.11 -14.44 4.71
CA LYS A 53 -1.38 -14.94 4.20
C LYS A 53 -1.45 -14.79 2.68
N ASP A 54 -1.14 -13.60 2.21
CA ASP A 54 -1.16 -13.32 0.77
C ASP A 54 -0.09 -14.12 0.05
N LYS A 55 1.00 -14.42 0.76
CA LYS A 55 2.10 -15.17 0.18
C LYS A 55 1.66 -16.59 -0.19
N ARG A 56 0.76 -17.15 0.61
CA ARG A 56 0.26 -18.49 0.36
C ARG A 56 -0.54 -18.54 -0.94
N GLU A 57 -1.17 -17.42 -1.29
CA GLU A 57 -1.96 -17.35 -2.51
C GLU A 57 -1.09 -16.92 -3.69
N LYS A 58 0.05 -16.29 -3.40
CA LYS A 58 0.96 -15.84 -4.44
C LYS A 58 0.28 -14.85 -5.37
N VAL A 59 -0.27 -13.78 -4.80
CA VAL A 59 -0.95 -12.76 -5.58
C VAL A 59 -0.54 -11.36 -5.15
N ASP A 60 0.12 -10.63 -6.04
CA ASP A 60 0.57 -9.28 -5.75
C ASP A 60 -0.60 -8.38 -5.35
N ARG A 61 -0.45 -7.69 -4.23
CA ARG A 61 -1.50 -6.80 -3.74
C ARG A 61 -0.91 -5.47 -3.28
N CYS A 62 -1.70 -4.40 -3.42
CA CYS A 62 -1.27 -3.08 -3.02
C CYS A 62 -1.09 -2.99 -1.51
N TYR A 63 0.09 -2.53 -1.08
CA TYR A 63 0.38 -2.40 0.33
C TYR A 63 0.98 -1.03 0.64
N ILE A 64 0.83 -0.59 1.90
CA ILE A 64 1.35 0.70 2.33
C ILE A 64 1.83 0.65 3.77
N CYS A 65 3.11 0.92 3.97
CA CYS A 65 3.70 0.91 5.29
C CYS A 65 4.27 2.28 5.66
N ASN A 66 4.61 2.46 6.93
CA ASN A 66 5.17 3.72 7.40
C ASN A 66 6.67 3.79 7.13
N ASN A 67 7.23 4.98 7.28
CA ASN A 67 8.66 5.18 7.04
C ASN A 67 9.49 4.29 7.96
N GLU A 68 8.95 4.01 9.14
CA GLU A 68 9.64 3.17 10.12
C GLU A 68 9.52 1.70 9.74
N LYS A 69 8.68 1.40 8.76
CA LYS A 69 8.48 0.03 8.30
C LYS A 69 8.08 -0.87 9.47
N THR A 70 7.46 -0.28 10.48
CA THR A 70 7.04 -1.04 11.66
C THR A 70 5.56 -1.42 11.56
N LEU A 71 4.78 -0.55 10.94
CA LEU A 71 3.34 -0.80 10.78
C LEU A 71 2.97 -0.88 9.31
N CYS A 72 2.00 -1.73 8.99
CA CYS A 72 1.55 -1.91 7.61
C CYS A 72 0.04 -2.18 7.57
N THR A 73 -0.54 -2.00 6.39
CA THR A 73 -1.97 -2.24 6.21
C THR A 73 -2.38 -3.62 6.72
N SER A 74 -3.61 -3.73 7.19
CA SER A 74 -4.12 -4.99 7.71
C SER A 74 -4.09 -6.07 6.63
N VAL A 75 -3.96 -7.32 7.05
CA VAL A 75 -3.91 -8.44 6.12
C VAL A 75 -5.27 -8.68 5.48
N MET A 76 -6.32 -8.29 6.19
CA MET A 76 -7.69 -8.47 5.68
C MET A 76 -8.38 -7.12 5.54
N GLY A 1 2.94 10.86 17.97
CA GLY A 1 4.36 10.58 17.90
C GLY A 1 4.65 9.14 17.50
N THR A 2 3.83 8.22 18.01
CA THR A 2 4.01 6.80 17.71
C THR A 2 3.25 6.41 16.45
N PRO A 3 3.65 5.29 15.84
CA PRO A 3 3.02 4.78 14.62
C PRO A 3 1.61 4.25 14.87
N SER A 4 0.70 4.56 13.95
CA SER A 4 -0.69 4.12 14.08
C SER A 4 -1.31 3.88 12.70
N ALA A 5 -2.58 3.48 12.69
CA ALA A 5 -3.28 3.22 11.45
C ALA A 5 -3.26 4.45 10.54
N ASP A 6 -3.10 5.63 11.14
CA ASP A 6 -3.06 6.87 10.38
C ASP A 6 -1.78 6.98 9.58
N GLN A 7 -0.72 6.33 10.06
CA GLN A 7 0.57 6.36 9.39
C GLN A 7 0.54 5.50 8.13
N VAL A 8 -0.32 4.48 8.14
CA VAL A 8 -0.45 3.58 6.99
C VAL A 8 -1.60 4.01 6.08
N ARG A 9 -1.94 5.29 6.14
CA ARG A 9 -3.03 5.82 5.33
C ARG A 9 -2.60 5.95 3.87
N TYR A 10 -3.51 6.43 3.03
CA TYR A 10 -3.23 6.60 1.61
C TYR A 10 -3.97 7.81 1.05
N ASN A 11 -3.45 8.35 -0.05
CA ASN A 11 -4.06 9.51 -0.69
C ASN A 11 -4.48 9.19 -2.12
N TYR A 12 -5.61 9.76 -2.53
CA TYR A 12 -6.13 9.53 -3.87
C TYR A 12 -5.33 10.33 -4.90
N THR A 13 -4.63 9.62 -5.79
CA THR A 13 -3.82 10.25 -6.81
C THR A 13 -4.29 9.85 -8.21
N GLU A 14 -3.79 10.54 -9.23
CA GLU A 14 -4.16 10.25 -10.60
C GLU A 14 -3.12 9.34 -11.26
N LEU A 15 -3.59 8.49 -12.18
CA LEU A 15 -2.71 7.57 -12.88
C LEU A 15 -2.68 7.87 -14.38
N PRO A 16 -1.62 7.41 -15.05
CA PRO A 16 -1.46 7.61 -16.49
C PRO A 16 -2.46 6.80 -17.31
N ASN A 17 -3.08 5.81 -16.67
CA ASN A 17 -4.06 4.96 -17.34
C ASN A 17 -5.43 5.62 -17.34
N GLY A 18 -5.55 6.75 -16.66
CA GLY A 18 -6.81 7.46 -16.59
C GLY A 18 -7.51 7.29 -15.26
N GLU A 19 -7.20 6.20 -14.56
CA GLU A 19 -7.81 5.93 -13.26
C GLU A 19 -7.07 6.68 -12.16
N TYR A 20 -7.51 6.47 -10.92
CA TYR A 20 -6.91 7.13 -9.77
C TYR A 20 -5.84 6.24 -9.13
N CYS A 21 -6.27 5.15 -8.52
CA CYS A 21 -5.36 4.22 -7.88
C CYS A 21 -6.11 3.00 -7.36
N TYR A 22 -5.37 1.91 -7.11
CA TYR A 22 -5.97 0.69 -6.62
C TYR A 22 -5.89 0.62 -5.09
N THR A 23 -7.05 0.46 -4.45
CA THR A 23 -7.11 0.38 -3.00
C THR A 23 -6.10 -0.63 -2.46
N PRO A 24 -5.80 -0.52 -1.16
CA PRO A 24 -4.86 -1.41 -0.49
C PRO A 24 -5.38 -2.83 -0.34
N ARG A 25 -4.48 -3.79 -0.28
CA ARG A 25 -4.86 -5.19 -0.14
C ARG A 25 -5.59 -5.68 -1.39
N ARG A 26 -5.40 -4.98 -2.49
CA ARG A 26 -6.04 -5.33 -3.75
C ARG A 26 -5.03 -5.83 -4.78
N ARG A 27 -5.42 -6.79 -5.59
CA ARG A 27 -4.54 -7.36 -6.61
C ARG A 27 -4.11 -6.28 -7.60
N CYS A 28 -2.80 -6.14 -7.78
CA CYS A 28 -2.26 -5.15 -8.69
C CYS A 28 -1.10 -5.73 -9.51
N THR A 29 -0.76 -5.07 -10.60
CA THR A 29 0.33 -5.52 -11.46
C THR A 29 1.48 -4.53 -11.46
N SER A 30 1.19 -3.28 -11.12
CA SER A 30 2.20 -2.24 -11.08
C SER A 30 2.13 -1.47 -9.75
N ALA A 31 3.30 -1.15 -9.21
CA ALA A 31 3.37 -0.41 -7.95
C ALA A 31 2.79 0.99 -8.10
N ASP A 32 3.05 1.62 -9.24
CA ASP A 32 2.55 2.96 -9.51
C ASP A 32 1.04 3.03 -9.32
N GLN A 33 0.35 1.96 -9.70
CA GLN A 33 -1.10 1.89 -9.57
C GLN A 33 -1.52 1.94 -8.10
N CYS A 34 -0.82 1.17 -7.27
CA CYS A 34 -1.11 1.13 -5.85
C CYS A 34 -1.16 2.53 -5.25
N CYS A 35 -2.26 2.84 -4.57
CA CYS A 35 -2.43 4.15 -3.95
C CYS A 35 -1.22 4.50 -3.09
N ARG A 36 -0.79 5.76 -3.16
CA ARG A 36 0.35 6.22 -2.38
C ARG A 36 -0.07 6.59 -0.96
N PRO A 37 0.90 6.62 -0.04
CA PRO A 37 0.65 6.96 1.37
C PRO A 37 0.30 8.44 1.55
N TYR A 38 -0.56 8.72 2.52
CA TYR A 38 -0.98 10.09 2.80
C TYR A 38 0.23 10.99 3.03
N ASP A 39 1.29 10.42 3.59
CA ASP A 39 2.51 11.17 3.86
C ASP A 39 3.72 10.47 3.27
N THR A 40 4.09 10.85 2.05
CA THR A 40 5.24 10.25 1.38
C THR A 40 6.51 10.42 2.19
N THR A 41 6.51 11.43 3.07
CA THR A 41 7.67 11.70 3.91
C THR A 41 7.70 10.78 5.12
N ALA A 42 6.59 10.10 5.36
CA ALA A 42 6.49 9.18 6.49
C ALA A 42 5.91 7.84 6.05
N ALA A 43 6.05 7.52 4.78
CA ALA A 43 5.52 6.26 4.24
C ALA A 43 5.85 6.13 2.76
N PHE A 44 5.70 4.92 2.23
CA PHE A 44 5.97 4.66 0.82
C PHE A 44 4.89 3.79 0.20
N HIS A 45 5.02 3.53 -1.09
CA HIS A 45 4.04 2.70 -1.79
C HIS A 45 4.73 1.59 -2.59
N GLY A 46 3.95 0.64 -3.09
CA GLY A 46 4.51 -0.47 -3.85
C GLY A 46 3.58 -1.65 -3.91
N CYS A 47 3.84 -2.55 -4.86
CA CYS A 47 3.01 -3.75 -5.01
C CYS A 47 3.80 -5.00 -4.67
N GLY A 48 3.28 -5.78 -3.73
CA GLY A 48 3.94 -7.00 -3.32
C GLY A 48 3.12 -7.82 -2.35
N ARG A 49 3.78 -8.67 -1.57
CA ARG A 49 3.11 -9.51 -0.59
C ARG A 49 3.80 -9.43 0.76
N ILE A 50 3.34 -8.51 1.60
CA ILE A 50 3.91 -8.33 2.94
C ILE A 50 3.14 -9.14 3.97
N TRP A 51 2.41 -10.14 3.51
CA TRP A 51 1.63 -10.99 4.41
C TRP A 51 1.73 -12.46 4.00
N PRO A 52 1.51 -13.36 4.96
CA PRO A 52 1.58 -14.81 4.73
C PRO A 52 0.42 -15.30 3.86
N LYS A 53 -0.77 -14.76 4.08
CA LYS A 53 -1.94 -15.14 3.32
C LYS A 53 -1.73 -14.91 1.84
N ASP A 54 -1.04 -13.83 1.50
CA ASP A 54 -0.76 -13.49 0.11
C ASP A 54 0.22 -14.49 -0.51
N LYS A 55 1.09 -15.02 0.33
CA LYS A 55 2.08 -16.00 -0.13
C LYS A 55 1.42 -17.32 -0.51
N ARG A 56 0.42 -17.71 0.26
CA ARG A 56 -0.30 -18.96 0.00
C ARG A 56 -1.05 -18.89 -1.32
N GLU A 57 -1.67 -17.73 -1.58
CA GLU A 57 -2.43 -17.54 -2.81
C GLU A 57 -1.51 -17.16 -3.97
N LYS A 58 -0.33 -16.65 -3.63
CA LYS A 58 0.65 -16.25 -4.64
C LYS A 58 0.10 -15.13 -5.51
N VAL A 59 -0.18 -13.98 -4.90
CA VAL A 59 -0.71 -12.83 -5.62
C VAL A 59 -0.30 -11.52 -4.95
N ASP A 60 0.39 -10.68 -5.70
CA ASP A 60 0.84 -9.39 -5.17
C ASP A 60 -0.30 -8.38 -5.14
N ARG A 61 -0.44 -7.68 -4.03
CA ARG A 61 -1.49 -6.68 -3.87
C ARG A 61 -0.93 -5.37 -3.34
N CYS A 62 -1.67 -4.28 -3.55
CA CYS A 62 -1.24 -2.96 -3.10
C CYS A 62 -1.01 -2.97 -1.59
N TYR A 63 0.07 -2.33 -1.16
CA TYR A 63 0.40 -2.24 0.26
C TYR A 63 1.06 -0.90 0.59
N ILE A 64 0.90 -0.47 1.84
CA ILE A 64 1.47 0.79 2.29
C ILE A 64 2.00 0.68 3.72
N CYS A 65 3.27 0.98 3.90
CA CYS A 65 3.90 0.92 5.22
C CYS A 65 4.51 2.26 5.60
N ASN A 66 4.63 2.52 6.89
CA ASN A 66 5.20 3.77 7.39
C ASN A 66 6.69 3.82 7.12
N ASN A 67 7.27 5.01 7.24
CA ASN A 67 8.70 5.20 7.01
C ASN A 67 9.52 4.32 7.95
N GLU A 68 8.97 4.05 9.13
CA GLU A 68 9.65 3.22 10.12
C GLU A 68 9.53 1.74 9.76
N LYS A 69 8.69 1.44 8.78
CA LYS A 69 8.47 0.07 8.34
C LYS A 69 8.03 -0.82 9.50
N THR A 70 7.44 -0.20 10.53
CA THR A 70 6.99 -0.93 11.69
C THR A 70 5.52 -1.33 11.56
N LEU A 71 4.72 -0.43 10.98
CA LEU A 71 3.29 -0.68 10.79
C LEU A 71 2.96 -0.79 9.31
N CYS A 72 1.98 -1.63 8.99
CA CYS A 72 1.56 -1.81 7.61
C CYS A 72 0.06 -2.09 7.53
N THR A 73 -0.50 -1.96 6.33
CA THR A 73 -1.92 -2.19 6.12
C THR A 73 -2.32 -3.61 6.53
N SER A 74 -3.55 -3.76 7.00
CA SER A 74 -4.05 -5.07 7.43
C SER A 74 -3.93 -6.08 6.31
N VAL A 75 -3.92 -7.37 6.68
CA VAL A 75 -3.81 -8.44 5.70
C VAL A 75 -5.16 -8.72 5.04
N MET A 76 -6.24 -8.44 5.76
CA MET A 76 -7.58 -8.66 5.25
C MET A 76 -8.06 -7.46 4.45
N GLY A 1 7.51 9.28 19.07
CA GLY A 1 6.16 8.78 19.18
C GLY A 1 6.04 7.34 18.75
N THR A 2 4.81 6.87 18.54
CA THR A 2 4.57 5.50 18.13
C THR A 2 3.78 5.45 16.83
N PRO A 3 3.84 4.30 16.14
CA PRO A 3 3.13 4.10 14.87
C PRO A 3 1.62 4.01 15.06
N SER A 4 0.88 4.39 14.03
CA SER A 4 -0.58 4.35 14.07
C SER A 4 -1.17 4.07 12.70
N ALA A 5 -2.42 3.64 12.66
CA ALA A 5 -3.10 3.33 11.41
C ALA A 5 -3.08 4.54 10.48
N ASP A 6 -2.97 5.73 11.06
CA ASP A 6 -2.94 6.96 10.28
C ASP A 6 -1.66 7.05 9.44
N GLN A 7 -0.61 6.36 9.91
CA GLN A 7 0.66 6.37 9.21
C GLN A 7 0.61 5.48 7.97
N VAL A 8 -0.21 4.45 8.02
CA VAL A 8 -0.36 3.52 6.91
C VAL A 8 -1.52 3.94 5.99
N ARG A 9 -1.94 5.19 6.13
CA ARG A 9 -3.04 5.70 5.32
C ARG A 9 -2.62 5.85 3.86
N TYR A 10 -3.54 6.31 3.03
CA TYR A 10 -3.27 6.49 1.61
C TYR A 10 -3.97 7.73 1.07
N ASN A 11 -3.43 8.28 -0.02
CA ASN A 11 -4.02 9.48 -0.64
C ASN A 11 -4.45 9.19 -2.07
N TYR A 12 -5.56 9.78 -2.48
CA TYR A 12 -6.08 9.59 -3.83
C TYR A 12 -5.28 10.39 -4.85
N THR A 13 -4.61 9.69 -5.75
CA THR A 13 -3.80 10.33 -6.78
C THR A 13 -4.28 9.96 -8.18
N GLU A 14 -3.82 10.70 -9.18
CA GLU A 14 -4.20 10.44 -10.55
C GLU A 14 -3.17 9.56 -11.26
N LEU A 15 -3.65 8.69 -12.14
CA LEU A 15 -2.77 7.79 -12.88
C LEU A 15 -2.78 8.13 -14.37
N PRO A 16 -1.73 7.70 -15.08
CA PRO A 16 -1.59 7.94 -16.52
C PRO A 16 -2.60 7.14 -17.34
N ASN A 17 -3.13 6.09 -16.74
CA ASN A 17 -4.11 5.24 -17.42
C ASN A 17 -5.49 5.87 -17.40
N GLY A 18 -5.61 7.00 -16.69
CA GLY A 18 -6.88 7.69 -16.60
C GLY A 18 -7.56 7.50 -15.26
N GLU A 19 -7.23 6.40 -14.58
CA GLU A 19 -7.80 6.10 -13.27
C GLU A 19 -7.07 6.86 -12.17
N TYR A 20 -7.46 6.60 -10.93
CA TYR A 20 -6.85 7.25 -9.78
C TYR A 20 -5.76 6.37 -9.16
N CYS A 21 -6.19 5.26 -8.55
CA CYS A 21 -5.26 4.33 -7.92
C CYS A 21 -6.00 3.11 -7.40
N TYR A 22 -5.28 2.00 -7.31
CA TYR A 22 -5.86 0.75 -6.83
C TYR A 22 -5.82 0.67 -5.30
N THR A 23 -6.99 0.55 -4.69
CA THR A 23 -7.08 0.47 -3.23
C THR A 23 -6.11 -0.56 -2.68
N PRO A 24 -5.83 -0.47 -1.37
CA PRO A 24 -4.92 -1.39 -0.68
C PRO A 24 -5.49 -2.80 -0.57
N ARG A 25 -4.60 -3.79 -0.45
CA ARG A 25 -5.03 -5.17 -0.33
C ARG A 25 -5.73 -5.64 -1.60
N ARG A 26 -5.50 -4.93 -2.70
CA ARG A 26 -6.11 -5.27 -3.98
C ARG A 26 -5.06 -5.78 -4.96
N ARG A 27 -5.44 -6.79 -5.74
CA ARG A 27 -4.54 -7.39 -6.72
C ARG A 27 -4.11 -6.35 -7.76
N CYS A 28 -2.81 -6.07 -7.79
CA CYS A 28 -2.27 -5.10 -8.74
C CYS A 28 -1.16 -5.71 -9.59
N THR A 29 -0.76 -5.02 -10.64
CA THR A 29 0.28 -5.50 -11.54
C THR A 29 1.48 -4.56 -11.52
N SER A 30 1.28 -3.34 -11.05
CA SER A 30 2.34 -2.35 -10.99
C SER A 30 2.22 -1.50 -9.72
N ALA A 31 3.37 -1.19 -9.12
CA ALA A 31 3.39 -0.38 -7.91
C ALA A 31 2.82 1.01 -8.16
N ASP A 32 3.10 1.55 -9.35
CA ASP A 32 2.62 2.88 -9.71
C ASP A 32 1.11 2.97 -9.54
N GLN A 33 0.41 1.87 -9.82
CA GLN A 33 -1.04 1.83 -9.69
C GLN A 33 -1.47 1.85 -8.22
N CYS A 34 -0.75 1.09 -7.40
CA CYS A 34 -1.05 1.02 -5.97
C CYS A 34 -1.14 2.42 -5.37
N CYS A 35 -2.25 2.69 -4.68
CA CYS A 35 -2.46 3.98 -4.06
C CYS A 35 -1.27 4.37 -3.19
N ARG A 36 -0.86 5.63 -3.27
CA ARG A 36 0.27 6.12 -2.48
C ARG A 36 -0.14 6.39 -1.04
N PRO A 37 0.85 6.43 -0.14
CA PRO A 37 0.62 6.66 1.28
C PRO A 37 0.18 8.10 1.56
N TYR A 38 -0.67 8.26 2.57
CA TYR A 38 -1.18 9.58 2.93
C TYR A 38 -0.03 10.56 3.18
N ASP A 39 1.11 10.01 3.63
CA ASP A 39 2.28 10.83 3.91
C ASP A 39 3.53 10.22 3.29
N THR A 40 3.85 10.64 2.08
CA THR A 40 5.03 10.14 1.37
C THR A 40 6.30 10.38 2.18
N THR A 41 6.24 11.35 3.09
CA THR A 41 7.39 11.68 3.93
C THR A 41 7.49 10.74 5.13
N ALA A 42 6.46 9.93 5.32
CA ALA A 42 6.45 8.98 6.43
C ALA A 42 5.87 7.64 6.00
N ALA A 43 5.99 7.33 4.70
CA ALA A 43 5.49 6.08 4.16
C ALA A 43 5.82 5.96 2.68
N PHE A 44 5.64 4.75 2.14
CA PHE A 44 5.92 4.50 0.73
C PHE A 44 4.90 3.53 0.14
N HIS A 45 4.84 3.48 -1.19
CA HIS A 45 3.91 2.60 -1.88
C HIS A 45 4.65 1.48 -2.60
N GLY A 46 3.90 0.49 -3.07
CA GLY A 46 4.50 -0.63 -3.77
C GLY A 46 3.57 -1.82 -3.88
N CYS A 47 3.84 -2.69 -4.84
CA CYS A 47 3.02 -3.87 -5.05
C CYS A 47 3.78 -5.15 -4.66
N GLY A 48 3.22 -5.91 -3.73
CA GLY A 48 3.85 -7.14 -3.29
C GLY A 48 3.08 -7.83 -2.19
N ARG A 49 3.78 -8.60 -1.37
CA ARG A 49 3.15 -9.32 -0.28
C ARG A 49 3.87 -9.07 1.04
N ILE A 50 3.16 -8.51 2.00
CA ILE A 50 3.74 -8.21 3.31
C ILE A 50 3.25 -9.18 4.37
N TRP A 51 2.14 -9.87 4.07
CA TRP A 51 1.57 -10.84 4.99
C TRP A 51 1.71 -12.25 4.45
N PRO A 52 1.71 -13.24 5.36
CA PRO A 52 1.83 -14.66 4.99
C PRO A 52 0.59 -15.18 4.27
N LYS A 53 -0.57 -14.63 4.62
CA LYS A 53 -1.82 -15.04 4.00
C LYS A 53 -1.77 -14.85 2.49
N ASP A 54 -1.10 -13.80 2.05
CA ASP A 54 -0.98 -13.49 0.63
C ASP A 54 -0.04 -14.48 -0.05
N LYS A 55 0.96 -14.95 0.68
CA LYS A 55 1.93 -15.91 0.14
C LYS A 55 1.23 -17.19 -0.29
N ARG A 56 0.19 -17.57 0.44
CA ARG A 56 -0.56 -18.79 0.12
C ARG A 56 -1.17 -18.69 -1.27
N GLU A 57 -1.36 -17.47 -1.75
CA GLU A 57 -1.94 -17.25 -3.08
C GLU A 57 -0.88 -16.77 -4.06
N LYS A 58 0.20 -16.22 -3.53
CA LYS A 58 1.29 -15.72 -4.36
C LYS A 58 0.78 -14.70 -5.37
N VAL A 59 0.02 -13.73 -4.89
CA VAL A 59 -0.53 -12.69 -5.75
C VAL A 59 -0.08 -11.30 -5.30
N ASP A 60 0.27 -10.46 -6.27
CA ASP A 60 0.73 -9.11 -5.96
C ASP A 60 -0.44 -8.22 -5.55
N ARG A 61 -0.38 -7.70 -4.33
CA ARG A 61 -1.44 -6.84 -3.80
C ARG A 61 -0.86 -5.51 -3.32
N CYS A 62 -1.62 -4.44 -3.53
CA CYS A 62 -1.18 -3.11 -3.11
C CYS A 62 -1.02 -3.04 -1.59
N TYR A 63 0.13 -2.53 -1.15
CA TYR A 63 0.41 -2.41 0.27
C TYR A 63 1.01 -1.04 0.59
N ILE A 64 0.88 -0.63 1.85
CA ILE A 64 1.42 0.65 2.29
C ILE A 64 1.95 0.58 3.71
N CYS A 65 3.22 0.95 3.89
CA CYS A 65 3.84 0.92 5.21
C CYS A 65 4.49 2.26 5.54
N ASN A 66 4.66 2.54 6.83
CA ASN A 66 5.27 3.78 7.27
C ASN A 66 6.76 3.79 6.98
N ASN A 67 7.37 4.97 7.04
CA ASN A 67 8.79 5.11 6.79
C ASN A 67 9.61 4.27 7.76
N GLU A 68 9.03 4.02 8.94
CA GLU A 68 9.70 3.22 9.96
C GLU A 68 9.58 1.73 9.67
N LYS A 69 8.73 1.40 8.69
CA LYS A 69 8.51 0.01 8.31
C LYS A 69 8.11 -0.83 9.52
N THR A 70 7.44 -0.20 10.47
CA THR A 70 7.00 -0.90 11.68
C THR A 70 5.51 -1.25 11.61
N LEU A 71 4.74 -0.37 10.97
CA LEU A 71 3.30 -0.58 10.84
C LEU A 71 2.91 -0.71 9.37
N CYS A 72 1.97 -1.60 9.09
CA CYS A 72 1.51 -1.82 7.73
C CYS A 72 0.01 -2.15 7.71
N THR A 73 -0.63 -1.94 6.57
CA THR A 73 -2.05 -2.21 6.41
C THR A 73 -2.38 -3.63 6.86
N SER A 74 -3.42 -3.75 7.69
CA SER A 74 -3.84 -5.05 8.19
C SER A 74 -4.08 -6.04 7.04
N VAL A 75 -3.83 -7.31 7.31
CA VAL A 75 -4.02 -8.35 6.30
C VAL A 75 -5.47 -8.37 5.79
N MET A 76 -6.38 -7.90 6.63
CA MET A 76 -7.80 -7.86 6.27
C MET A 76 -8.56 -6.85 7.13
N GLY A 1 4.25 10.48 17.58
CA GLY A 1 5.14 9.61 18.33
C GLY A 1 5.19 8.20 17.77
N THR A 2 4.47 7.28 18.42
CA THR A 2 4.43 5.89 17.97
C THR A 2 3.63 5.75 16.69
N PRO A 3 3.86 4.65 15.97
CA PRO A 3 3.16 4.36 14.71
C PRO A 3 1.69 4.03 14.93
N SER A 4 0.87 4.34 13.95
CA SER A 4 -0.57 4.08 14.03
C SER A 4 -1.16 3.79 12.65
N ALA A 5 -2.41 3.34 12.63
CA ALA A 5 -3.08 3.04 11.37
C ALA A 5 -3.09 4.25 10.44
N ASP A 6 -2.98 5.44 11.02
CA ASP A 6 -2.97 6.67 10.25
C ASP A 6 -1.70 6.77 9.41
N GLN A 7 -0.63 6.12 9.87
CA GLN A 7 0.64 6.15 9.17
C GLN A 7 0.59 5.27 7.92
N VAL A 8 -0.24 4.22 7.98
CA VAL A 8 -0.38 3.30 6.85
C VAL A 8 -1.56 3.70 5.96
N ARG A 9 -1.93 4.97 6.01
CA ARG A 9 -3.04 5.47 5.22
C ARG A 9 -2.61 5.71 3.77
N TYR A 10 -3.54 6.20 2.96
CA TYR A 10 -3.25 6.47 1.55
C TYR A 10 -4.00 7.71 1.08
N ASN A 11 -3.55 8.26 -0.05
CA ASN A 11 -4.18 9.45 -0.62
C ASN A 11 -4.64 9.19 -2.05
N TYR A 12 -5.79 9.75 -2.41
CA TYR A 12 -6.34 9.57 -3.75
C TYR A 12 -5.58 10.43 -4.76
N THR A 13 -5.09 9.78 -5.81
CA THR A 13 -4.33 10.47 -6.86
C THR A 13 -4.74 9.98 -8.24
N GLU A 14 -4.29 10.70 -9.27
CA GLU A 14 -4.60 10.32 -10.65
C GLU A 14 -3.47 9.49 -11.25
N LEU A 15 -3.84 8.59 -12.16
CA LEU A 15 -2.86 7.72 -12.81
C LEU A 15 -2.82 7.99 -14.31
N PRO A 16 -1.70 7.62 -14.95
CA PRO A 16 -1.50 7.81 -16.39
C PRO A 16 -2.40 6.89 -17.22
N ASN A 17 -3.10 5.98 -16.54
CA ASN A 17 -3.98 5.05 -17.22
C ASN A 17 -5.43 5.57 -17.21
N GLY A 18 -5.63 6.73 -16.60
CA GLY A 18 -6.95 7.32 -16.54
C GLY A 18 -7.62 7.09 -15.20
N GLU A 19 -7.23 6.02 -14.52
CA GLU A 19 -7.79 5.68 -13.22
C GLU A 19 -7.15 6.50 -12.11
N TYR A 20 -7.61 6.30 -10.88
CA TYR A 20 -7.08 7.02 -9.74
C TYR A 20 -5.98 6.22 -9.05
N CYS A 21 -6.37 5.13 -8.40
CA CYS A 21 -5.42 4.27 -7.71
C CYS A 21 -6.11 3.03 -7.15
N TYR A 22 -5.37 1.93 -7.09
CA TYR A 22 -5.92 0.68 -6.58
C TYR A 22 -5.85 0.63 -5.06
N THR A 23 -6.99 0.43 -4.42
CA THR A 23 -7.08 0.37 -2.96
C THR A 23 -6.03 -0.59 -2.40
N PRO A 24 -5.73 -0.45 -1.11
CA PRO A 24 -4.75 -1.30 -0.42
C PRO A 24 -5.23 -2.73 -0.25
N ARG A 25 -4.30 -3.67 -0.19
CA ARG A 25 -4.64 -5.09 -0.03
C ARG A 25 -5.39 -5.60 -1.25
N ARG A 26 -5.21 -4.91 -2.38
CA ARG A 26 -5.88 -5.31 -3.62
C ARG A 26 -4.87 -5.83 -4.64
N ARG A 27 -5.30 -6.80 -5.44
CA ARG A 27 -4.43 -7.39 -6.45
C ARG A 27 -3.99 -6.33 -7.47
N CYS A 28 -2.68 -6.23 -7.66
CA CYS A 28 -2.12 -5.26 -8.61
C CYS A 28 -0.96 -5.87 -9.39
N THR A 29 -0.42 -5.10 -10.33
CA THR A 29 0.69 -5.56 -11.14
C THR A 29 1.85 -4.57 -11.11
N SER A 30 1.53 -3.29 -11.10
CA SER A 30 2.54 -2.23 -11.08
C SER A 30 2.41 -1.39 -9.81
N ALA A 31 3.54 -1.18 -9.13
CA ALA A 31 3.55 -0.39 -7.91
C ALA A 31 2.99 1.01 -8.16
N ASP A 32 3.24 1.54 -9.35
CA ASP A 32 2.77 2.88 -9.71
C ASP A 32 1.26 2.97 -9.55
N GLN A 33 0.58 1.84 -9.73
CA GLN A 33 -0.87 1.79 -9.60
C GLN A 33 -1.31 1.83 -8.14
N CYS A 34 -0.59 1.10 -7.30
CA CYS A 34 -0.89 1.05 -5.87
C CYS A 34 -0.98 2.46 -5.29
N CYS A 35 -2.12 2.76 -4.67
CA CYS A 35 -2.35 4.06 -4.06
C CYS A 35 -1.20 4.45 -3.14
N ARG A 36 -0.69 5.66 -3.31
CA ARG A 36 0.41 6.15 -2.50
C ARG A 36 -0.06 6.48 -1.09
N PRO A 37 0.89 6.55 -0.14
CA PRO A 37 0.60 6.85 1.26
C PRO A 37 0.17 8.29 1.47
N TYR A 38 -0.64 8.53 2.48
CA TYR A 38 -1.14 9.86 2.78
C TYR A 38 0.02 10.85 2.89
N ASP A 39 1.18 10.36 3.31
CA ASP A 39 2.36 11.20 3.46
C ASP A 39 3.62 10.45 3.02
N THR A 40 4.07 10.72 1.79
CA THR A 40 5.26 10.08 1.26
C THR A 40 6.47 10.31 2.15
N THR A 41 6.44 11.42 2.90
CA THR A 41 7.53 11.75 3.80
C THR A 41 7.52 10.88 5.04
N ALA A 42 6.39 10.23 5.28
CA ALA A 42 6.24 9.35 6.45
C ALA A 42 5.76 7.97 6.04
N ALA A 43 5.93 7.64 4.76
CA ALA A 43 5.52 6.34 4.23
C ALA A 43 5.86 6.21 2.76
N PHE A 44 5.69 5.00 2.22
CA PHE A 44 5.99 4.75 0.82
C PHE A 44 4.92 3.85 0.19
N HIS A 45 5.07 3.58 -1.10
CA HIS A 45 4.11 2.73 -1.81
C HIS A 45 4.83 1.60 -2.55
N GLY A 46 4.06 0.64 -3.04
CA GLY A 46 4.65 -0.48 -3.75
C GLY A 46 3.68 -1.64 -3.89
N CYS A 47 3.98 -2.55 -4.82
CA CYS A 47 3.13 -3.72 -5.05
C CYS A 47 3.86 -5.00 -4.67
N GLY A 48 3.26 -5.75 -3.74
CA GLY A 48 3.87 -6.99 -3.29
C GLY A 48 3.06 -7.68 -2.21
N ARG A 49 3.66 -8.67 -1.57
CA ARG A 49 2.98 -9.41 -0.51
C ARG A 49 3.73 -9.28 0.81
N ILE A 50 3.02 -8.82 1.84
CA ILE A 50 3.62 -8.65 3.16
C ILE A 50 2.87 -9.44 4.21
N TRP A 51 2.11 -10.44 3.77
CA TRP A 51 1.34 -11.28 4.67
C TRP A 51 1.25 -12.71 4.15
N PRO A 52 1.03 -13.66 5.07
CA PRO A 52 0.93 -15.09 4.73
C PRO A 52 -0.34 -15.40 3.95
N LYS A 53 -1.42 -14.71 4.28
CA LYS A 53 -2.71 -14.92 3.61
C LYS A 53 -2.57 -14.70 2.10
N ASP A 54 -1.83 -13.67 1.72
CA ASP A 54 -1.61 -13.36 0.32
C ASP A 54 -0.55 -14.27 -0.29
N LYS A 55 0.38 -14.72 0.54
CA LYS A 55 1.44 -15.61 0.09
C LYS A 55 0.87 -16.91 -0.48
N ARG A 56 -0.07 -17.50 0.23
CA ARG A 56 -0.71 -18.74 -0.22
C ARG A 56 -1.34 -18.56 -1.59
N GLU A 57 -1.69 -17.32 -1.92
CA GLU A 57 -2.32 -17.02 -3.21
C GLU A 57 -1.26 -16.68 -4.25
N LYS A 58 -0.09 -16.28 -3.79
CA LYS A 58 1.01 -15.92 -4.69
C LYS A 58 0.60 -14.80 -5.63
N VAL A 59 0.09 -13.71 -5.06
CA VAL A 59 -0.34 -12.56 -5.85
C VAL A 59 0.09 -11.25 -5.20
N ASP A 60 0.78 -10.41 -5.97
CA ASP A 60 1.25 -9.13 -5.46
C ASP A 60 0.09 -8.13 -5.36
N ARG A 61 -0.16 -7.66 -4.14
CA ARG A 61 -1.23 -6.70 -3.91
C ARG A 61 -0.68 -5.37 -3.39
N CYS A 62 -1.45 -4.30 -3.57
CA CYS A 62 -1.04 -2.98 -3.12
C CYS A 62 -0.81 -2.97 -1.62
N TYR A 63 0.33 -2.41 -1.20
CA TYR A 63 0.67 -2.34 0.21
C TYR A 63 1.27 -0.97 0.55
N ILE A 64 1.07 -0.55 1.79
CA ILE A 64 1.60 0.73 2.26
C ILE A 64 2.08 0.65 3.70
N CYS A 65 3.35 1.01 3.91
CA CYS A 65 3.93 0.98 5.24
C CYS A 65 4.48 2.35 5.63
N ASN A 66 4.65 2.57 6.93
CA ASN A 66 5.16 3.83 7.43
C ASN A 66 6.65 3.97 7.14
N ASN A 67 7.15 5.19 7.26
CA ASN A 67 8.56 5.47 7.00
C ASN A 67 9.45 4.64 7.92
N GLU A 68 8.95 4.34 9.11
CA GLU A 68 9.69 3.55 10.08
C GLU A 68 9.64 2.07 9.73
N LYS A 69 8.80 1.71 8.77
CA LYS A 69 8.66 0.33 8.34
C LYS A 69 8.32 -0.58 9.52
N THR A 70 7.64 -0.01 10.51
CA THR A 70 7.25 -0.77 11.70
C THR A 70 5.80 -1.21 11.61
N LEU A 71 4.95 -0.37 11.03
CA LEU A 71 3.53 -0.67 10.88
C LEU A 71 3.14 -0.77 9.41
N CYS A 72 2.21 -1.66 9.11
CA CYS A 72 1.75 -1.85 7.74
C CYS A 72 0.26 -2.19 7.71
N THR A 73 -0.35 -2.07 6.54
CA THR A 73 -1.77 -2.37 6.38
C THR A 73 -2.09 -3.78 6.88
N SER A 74 -3.22 -3.89 7.57
CA SER A 74 -3.64 -5.18 8.12
C SER A 74 -3.78 -6.22 7.00
N VAL A 75 -3.66 -7.49 7.38
CA VAL A 75 -3.79 -8.58 6.41
C VAL A 75 -5.17 -8.62 5.78
N MET A 76 -6.16 -8.09 6.51
CA MET A 76 -7.53 -8.07 6.03
C MET A 76 -7.80 -6.79 5.24
N GLY A 1 6.39 8.54 20.55
CA GLY A 1 6.29 8.48 19.10
C GLY A 1 6.11 7.06 18.58
N THR A 2 4.87 6.59 18.56
CA THR A 2 4.57 5.25 18.09
C THR A 2 3.75 5.28 16.82
N PRO A 3 3.77 4.17 16.07
CA PRO A 3 3.03 4.03 14.82
C PRO A 3 1.52 3.98 15.03
N SER A 4 0.76 4.32 14.00
CA SER A 4 -0.70 4.32 14.08
C SER A 4 -1.31 3.99 12.73
N ALA A 5 -2.58 3.60 12.74
CA ALA A 5 -3.28 3.25 11.51
C ALA A 5 -3.29 4.43 10.54
N ASP A 6 -3.13 5.64 11.07
CA ASP A 6 -3.12 6.84 10.25
C ASP A 6 -1.83 6.92 9.43
N GLN A 7 -0.77 6.30 9.94
CA GLN A 7 0.52 6.31 9.25
C GLN A 7 0.48 5.41 8.01
N VAL A 8 -0.37 4.39 8.06
CA VAL A 8 -0.50 3.46 6.94
C VAL A 8 -1.64 3.86 6.03
N ARG A 9 -2.00 5.14 6.05
CA ARG A 9 -3.08 5.66 5.21
C ARG A 9 -2.61 5.82 3.77
N TYR A 10 -3.51 6.34 2.93
CA TYR A 10 -3.19 6.54 1.52
C TYR A 10 -3.89 7.79 0.98
N ASN A 11 -3.40 8.29 -0.15
CA ASN A 11 -3.97 9.49 -0.76
C ASN A 11 -4.46 9.18 -2.18
N TYR A 12 -5.57 9.79 -2.55
CA TYR A 12 -6.15 9.59 -3.88
C TYR A 12 -5.39 10.41 -4.93
N THR A 13 -4.69 9.71 -5.80
CA THR A 13 -3.92 10.36 -6.86
C THR A 13 -4.40 9.92 -8.23
N GLU A 14 -3.93 10.62 -9.27
CA GLU A 14 -4.32 10.29 -10.64
C GLU A 14 -3.28 9.40 -11.30
N LEU A 15 -3.74 8.56 -12.22
CA LEU A 15 -2.86 7.64 -12.93
C LEU A 15 -2.82 7.94 -14.42
N PRO A 16 -1.75 7.51 -15.09
CA PRO A 16 -1.58 7.72 -16.53
C PRO A 16 -2.56 6.90 -17.36
N ASN A 17 -3.30 6.03 -16.70
CA ASN A 17 -4.28 5.18 -17.38
C ASN A 17 -5.67 5.81 -17.31
N GLY A 18 -5.77 6.95 -16.64
CA GLY A 18 -7.05 7.62 -16.53
C GLY A 18 -7.69 7.41 -15.17
N GLU A 19 -7.36 6.30 -14.53
CA GLU A 19 -7.91 5.97 -13.22
C GLU A 19 -7.17 6.74 -12.11
N TYR A 20 -7.56 6.49 -10.87
CA TYR A 20 -6.94 7.14 -9.73
C TYR A 20 -5.85 6.27 -9.12
N CYS A 21 -6.26 5.17 -8.50
CA CYS A 21 -5.33 4.25 -7.86
C CYS A 21 -6.04 3.01 -7.33
N TYR A 22 -5.32 1.91 -7.24
CA TYR A 22 -5.90 0.66 -6.75
C TYR A 22 -5.84 0.61 -5.22
N THR A 23 -7.01 0.47 -4.59
CA THR A 23 -7.10 0.41 -3.14
C THR A 23 -6.11 -0.61 -2.58
N PRO A 24 -5.82 -0.48 -1.27
CA PRO A 24 -4.89 -1.39 -0.59
C PRO A 24 -5.46 -2.80 -0.43
N ARG A 25 -4.57 -3.78 -0.29
CA ARG A 25 -4.98 -5.16 -0.14
C ARG A 25 -5.69 -5.67 -1.39
N ARG A 26 -5.44 -4.99 -2.51
CA ARG A 26 -6.05 -5.37 -3.78
C ARG A 26 -5.00 -5.91 -4.76
N ARG A 27 -5.41 -6.85 -5.60
CA ARG A 27 -4.50 -7.45 -6.57
C ARG A 27 -4.06 -6.41 -7.60
N CYS A 28 -2.76 -6.18 -7.69
CA CYS A 28 -2.21 -5.22 -8.64
C CYS A 28 -1.04 -5.82 -9.42
N THR A 29 -0.64 -5.15 -10.50
CA THR A 29 0.46 -5.62 -11.32
C THR A 29 1.63 -4.65 -11.28
N SER A 30 1.33 -3.38 -10.97
CA SER A 30 2.36 -2.36 -10.90
C SER A 30 2.21 -1.52 -9.63
N ALA A 31 3.34 -1.18 -9.02
CA ALA A 31 3.33 -0.38 -7.80
C ALA A 31 2.75 1.02 -8.06
N ASP A 32 3.02 1.54 -9.25
CA ASP A 32 2.53 2.87 -9.62
C ASP A 32 1.02 2.96 -9.44
N GLN A 33 0.33 1.86 -9.72
CA GLN A 33 -1.13 1.82 -9.59
C GLN A 33 -1.53 1.81 -8.12
N CYS A 34 -0.79 1.09 -7.30
CA CYS A 34 -1.07 1.00 -5.88
C CYS A 34 -1.18 2.39 -5.26
N CYS A 35 -2.31 2.65 -4.60
CA CYS A 35 -2.53 3.95 -3.96
C CYS A 35 -1.35 4.33 -3.07
N ARG A 36 -0.80 5.51 -3.29
CA ARG A 36 0.33 5.99 -2.50
C ARG A 36 -0.10 6.37 -1.09
N PRO A 37 0.86 6.43 -0.17
CA PRO A 37 0.60 6.77 1.23
C PRO A 37 0.22 8.24 1.40
N TYR A 38 -0.53 8.53 2.47
CA TYR A 38 -0.96 9.89 2.74
C TYR A 38 0.24 10.82 2.90
N ASP A 39 1.38 10.26 3.28
CA ASP A 39 2.59 11.04 3.46
C ASP A 39 3.82 10.25 3.04
N THR A 40 4.28 10.49 1.81
CA THR A 40 5.44 9.79 1.29
C THR A 40 6.66 9.97 2.19
N THR A 41 6.69 11.10 2.89
CA THR A 41 7.80 11.40 3.80
C THR A 41 7.75 10.52 5.04
N ALA A 42 6.59 9.91 5.29
CA ALA A 42 6.41 9.04 6.44
C ALA A 42 5.82 7.70 6.03
N ALA A 43 5.98 7.36 4.75
CA ALA A 43 5.46 6.09 4.23
C ALA A 43 5.82 5.93 2.77
N PHE A 44 5.66 4.70 2.27
CA PHE A 44 5.96 4.40 0.87
C PHE A 44 4.90 3.49 0.26
N HIS A 45 4.95 3.32 -1.06
CA HIS A 45 4.00 2.46 -1.76
C HIS A 45 4.72 1.32 -2.47
N GLY A 46 3.94 0.35 -2.95
CA GLY A 46 4.52 -0.79 -3.64
C GLY A 46 3.55 -1.95 -3.76
N CYS A 47 3.79 -2.83 -4.73
CA CYS A 47 2.94 -3.98 -4.94
C CYS A 47 3.65 -5.27 -4.54
N GLY A 48 3.08 -6.00 -3.60
CA GLY A 48 3.67 -7.24 -3.15
C GLY A 48 2.80 -7.98 -2.14
N ARG A 49 3.43 -8.79 -1.31
CA ARG A 49 2.72 -9.55 -0.29
C ARG A 49 3.40 -9.46 1.06
N ILE A 50 3.14 -8.37 1.78
CA ILE A 50 3.74 -8.15 3.09
C ILE A 50 3.18 -9.13 4.11
N TRP A 51 1.98 -9.64 3.85
CA TRP A 51 1.34 -10.58 4.74
C TRP A 51 1.49 -12.01 4.23
N PRO A 52 1.41 -12.99 5.16
CA PRO A 52 1.54 -14.41 4.82
C PRO A 52 0.34 -14.92 4.02
N LYS A 53 -0.85 -14.45 4.37
CA LYS A 53 -2.07 -14.87 3.69
C LYS A 53 -1.94 -14.69 2.19
N ASP A 54 -1.49 -13.51 1.77
CA ASP A 54 -1.31 -13.21 0.35
C ASP A 54 -0.19 -14.06 -0.24
N LYS A 55 0.85 -14.30 0.56
CA LYS A 55 1.98 -15.09 0.11
C LYS A 55 1.53 -16.45 -0.44
N ARG A 56 0.60 -17.09 0.27
CA ARG A 56 0.09 -18.39 -0.15
C ARG A 56 -0.59 -18.29 -1.51
N GLU A 57 -1.12 -17.11 -1.82
CA GLU A 57 -1.80 -16.89 -3.09
C GLU A 57 -0.79 -16.52 -4.18
N LYS A 58 0.36 -16.02 -3.77
CA LYS A 58 1.41 -15.63 -4.70
C LYS A 58 0.89 -14.58 -5.68
N VAL A 59 0.21 -13.57 -5.15
CA VAL A 59 -0.34 -12.50 -5.97
C VAL A 59 0.07 -11.13 -5.44
N ASP A 60 0.67 -10.31 -6.29
CA ASP A 60 1.10 -8.97 -5.91
C ASP A 60 -0.09 -8.11 -5.52
N ARG A 61 -0.15 -7.71 -4.26
CA ARG A 61 -1.23 -6.87 -3.76
C ARG A 61 -0.72 -5.52 -3.28
N CYS A 62 -1.52 -4.49 -3.44
CA CYS A 62 -1.14 -3.15 -3.02
C CYS A 62 -0.99 -3.07 -1.51
N TYR A 63 0.12 -2.51 -1.06
CA TYR A 63 0.38 -2.38 0.37
C TYR A 63 1.02 -1.03 0.69
N ILE A 64 0.89 -0.60 1.95
CA ILE A 64 1.45 0.67 2.37
C ILE A 64 1.96 0.59 3.81
N CYS A 65 3.24 0.87 3.99
CA CYS A 65 3.84 0.84 5.32
C CYS A 65 4.49 2.17 5.66
N ASN A 66 4.59 2.47 6.96
CA ASN A 66 5.18 3.72 7.42
C ASN A 66 6.67 3.76 7.09
N ASN A 67 7.26 4.95 7.19
CA ASN A 67 8.68 5.13 6.91
C ASN A 67 9.53 4.25 7.81
N GLU A 68 9.03 3.98 9.02
CA GLU A 68 9.74 3.14 9.97
C GLU A 68 9.59 1.66 9.61
N LYS A 69 8.71 1.37 8.66
CA LYS A 69 8.47 0.00 8.23
C LYS A 69 8.09 -0.89 9.41
N THR A 70 7.53 -0.27 10.44
CA THR A 70 7.10 -1.00 11.63
C THR A 70 5.63 -1.36 11.56
N LEU A 71 4.83 -0.46 11.01
CA LEU A 71 3.39 -0.69 10.89
C LEU A 71 2.99 -0.81 9.42
N CYS A 72 2.00 -1.66 9.15
CA CYS A 72 1.52 -1.86 7.79
C CYS A 72 0.02 -2.12 7.77
N THR A 73 -0.59 -1.93 6.61
CA THR A 73 -2.03 -2.14 6.46
C THR A 73 -2.44 -3.52 6.97
N SER A 74 -3.74 -3.71 7.15
CA SER A 74 -4.27 -4.99 7.64
C SER A 74 -4.04 -6.09 6.60
N VAL A 75 -4.52 -7.29 6.93
CA VAL A 75 -4.38 -8.43 6.03
C VAL A 75 -5.70 -8.75 5.32
N MET A 76 -6.80 -8.30 5.91
CA MET A 76 -8.12 -8.53 5.34
C MET A 76 -8.78 -7.21 4.94
N GLY A 1 6.40 10.23 18.59
CA GLY A 1 5.24 9.40 18.87
C GLY A 1 5.32 8.05 18.17
N THR A 2 4.50 7.11 18.63
CA THR A 2 4.47 5.78 18.05
C THR A 2 3.60 5.74 16.80
N PRO A 3 3.82 4.72 15.94
CA PRO A 3 3.07 4.55 14.71
C PRO A 3 1.62 4.16 14.96
N SER A 4 0.74 4.48 14.01
CA SER A 4 -0.67 4.15 14.12
C SER A 4 -1.28 3.85 12.76
N ALA A 5 -2.55 3.48 12.75
CA ALA A 5 -3.25 3.17 11.52
C ALA A 5 -3.28 4.37 10.59
N ASP A 6 -3.12 5.56 11.15
CA ASP A 6 -3.13 6.79 10.36
C ASP A 6 -1.84 6.92 9.56
N GLN A 7 -0.77 6.29 10.04
CA GLN A 7 0.52 6.34 9.37
C GLN A 7 0.50 5.48 8.11
N VAL A 8 -0.34 4.45 8.10
CA VAL A 8 -0.45 3.55 6.96
C VAL A 8 -1.59 3.97 6.05
N ARG A 9 -1.96 5.24 6.12
CA ARG A 9 -3.04 5.78 5.29
C ARG A 9 -2.60 5.91 3.84
N TYR A 10 -3.50 6.40 2.99
CA TYR A 10 -3.21 6.58 1.58
C TYR A 10 -3.90 7.82 1.03
N ASN A 11 -3.38 8.35 -0.07
CA ASN A 11 -3.94 9.53 -0.71
C ASN A 11 -4.39 9.22 -2.13
N TYR A 12 -5.50 9.83 -2.55
CA TYR A 12 -6.03 9.62 -3.88
C TYR A 12 -5.23 10.41 -4.91
N THR A 13 -4.55 9.69 -5.79
CA THR A 13 -3.74 10.33 -6.84
C THR A 13 -4.21 9.90 -8.22
N GLU A 14 -3.71 10.60 -9.24
CA GLU A 14 -4.06 10.29 -10.62
C GLU A 14 -3.04 9.36 -11.26
N LEU A 15 -3.51 8.51 -12.18
CA LEU A 15 -2.63 7.57 -12.86
C LEU A 15 -2.53 7.91 -14.34
N PRO A 16 -1.45 7.43 -14.99
CA PRO A 16 -1.22 7.66 -16.41
C PRO A 16 -2.20 6.89 -17.29
N ASN A 17 -3.01 6.04 -16.67
CA ASN A 17 -3.99 5.26 -17.40
C ASN A 17 -5.36 5.94 -17.37
N GLY A 18 -5.45 7.04 -16.65
CA GLY A 18 -6.71 7.77 -16.54
C GLY A 18 -7.39 7.56 -15.20
N GLU A 19 -7.11 6.42 -14.57
CA GLU A 19 -7.71 6.11 -13.27
C GLU A 19 -6.99 6.84 -12.15
N TYR A 20 -7.39 6.56 -10.91
CA TYR A 20 -6.79 7.20 -9.75
C TYR A 20 -5.75 6.29 -9.11
N CYS A 21 -6.20 5.21 -8.51
CA CYS A 21 -5.31 4.26 -7.85
C CYS A 21 -6.08 3.05 -7.32
N TYR A 22 -5.39 1.93 -7.18
CA TYR A 22 -6.01 0.71 -6.68
C TYR A 22 -5.94 0.64 -5.16
N THR A 23 -7.10 0.52 -4.53
CA THR A 23 -7.17 0.44 -3.07
C THR A 23 -6.19 -0.58 -2.53
N PRO A 24 -5.89 -0.48 -1.22
CA PRO A 24 -4.97 -1.41 -0.55
C PRO A 24 -5.55 -2.81 -0.41
N ARG A 25 -4.68 -3.80 -0.26
CA ARG A 25 -5.10 -5.18 -0.10
C ARG A 25 -5.78 -5.67 -1.37
N ARG A 26 -5.55 -4.99 -2.49
CA ARG A 26 -6.13 -5.36 -3.77
C ARG A 26 -5.07 -5.86 -4.74
N ARG A 27 -5.45 -6.84 -5.55
CA ARG A 27 -4.52 -7.42 -6.52
C ARG A 27 -4.14 -6.39 -7.59
N CYS A 28 -2.85 -6.10 -7.69
CA CYS A 28 -2.35 -5.14 -8.67
C CYS A 28 -1.19 -5.72 -9.46
N THR A 29 -0.87 -5.09 -10.59
CA THR A 29 0.21 -5.55 -11.45
C THR A 29 1.42 -4.62 -11.35
N SER A 30 1.15 -3.33 -11.22
CA SER A 30 2.22 -2.33 -11.10
C SER A 30 2.12 -1.56 -9.79
N ALA A 31 3.26 -1.25 -9.21
CA ALA A 31 3.31 -0.52 -7.95
C ALA A 31 2.75 0.89 -8.12
N ASP A 32 3.01 1.50 -9.26
CA ASP A 32 2.53 2.85 -9.54
C ASP A 32 1.02 2.93 -9.35
N GLN A 33 0.32 1.87 -9.72
CA GLN A 33 -1.13 1.83 -9.58
C GLN A 33 -1.55 1.84 -8.12
N CYS A 34 -0.84 1.07 -7.31
CA CYS A 34 -1.12 1.00 -5.87
C CYS A 34 -1.19 2.38 -5.26
N CYS A 35 -2.31 2.68 -4.58
CA CYS A 35 -2.50 3.97 -3.95
C CYS A 35 -1.30 4.33 -3.07
N ARG A 36 -0.81 5.55 -3.22
CA ARG A 36 0.34 6.02 -2.44
C ARG A 36 -0.09 6.42 -1.03
N PRO A 37 0.88 6.46 -0.11
CA PRO A 37 0.63 6.82 1.29
C PRO A 37 0.28 8.30 1.45
N TYR A 38 -0.58 8.60 2.42
CA TYR A 38 -1.01 9.97 2.68
C TYR A 38 0.20 10.87 2.92
N ASP A 39 1.25 10.31 3.51
CA ASP A 39 2.46 11.07 3.79
C ASP A 39 3.69 10.37 3.19
N THR A 40 4.03 10.74 1.97
CA THR A 40 5.18 10.14 1.28
C THR A 40 6.46 10.35 2.09
N THR A 41 6.46 11.39 2.92
CA THR A 41 7.62 11.69 3.75
C THR A 41 7.69 10.78 4.97
N ALA A 42 6.58 10.10 5.25
CA ALA A 42 6.51 9.20 6.39
C ALA A 42 5.90 7.86 5.99
N ALA A 43 6.03 7.50 4.73
CA ALA A 43 5.50 6.25 4.22
C ALA A 43 5.82 6.06 2.74
N PHE A 44 5.68 4.83 2.26
CA PHE A 44 5.96 4.53 0.85
C PHE A 44 4.89 3.60 0.28
N HIS A 45 4.92 3.41 -1.04
CA HIS A 45 3.96 2.55 -1.71
C HIS A 45 4.67 1.39 -2.40
N GLY A 46 3.89 0.42 -2.86
CA GLY A 46 4.46 -0.74 -3.54
C GLY A 46 3.45 -1.86 -3.73
N CYS A 47 3.53 -2.53 -4.87
CA CYS A 47 2.62 -3.63 -5.16
C CYS A 47 3.32 -4.98 -5.02
N GLY A 48 2.81 -5.82 -4.14
CA GLY A 48 3.39 -7.12 -3.93
C GLY A 48 2.78 -7.85 -2.74
N ARG A 49 3.52 -8.83 -2.20
CA ARG A 49 3.05 -9.60 -1.06
C ARG A 49 3.91 -9.33 0.17
N ILE A 50 3.31 -8.75 1.20
CA ILE A 50 4.02 -8.43 2.43
C ILE A 50 3.56 -9.33 3.57
N TRP A 51 2.34 -9.83 3.47
CA TRP A 51 1.77 -10.71 4.50
C TRP A 51 1.90 -12.16 4.09
N PRO A 52 1.91 -13.06 5.08
CA PRO A 52 2.01 -14.51 4.86
C PRO A 52 0.76 -15.08 4.21
N LYS A 53 -0.38 -14.47 4.49
CA LYS A 53 -1.65 -14.92 3.92
C LYS A 53 -1.65 -14.80 2.41
N ASP A 54 -1.22 -13.64 1.91
CA ASP A 54 -1.17 -13.39 0.49
C ASP A 54 -0.09 -14.24 -0.18
N LYS A 55 0.95 -14.55 0.58
CA LYS A 55 2.06 -15.36 0.05
C LYS A 55 1.58 -16.77 -0.30
N ARG A 56 0.64 -17.28 0.48
CA ARG A 56 0.10 -18.61 0.25
C ARG A 56 -0.53 -18.71 -1.13
N GLU A 57 -1.22 -17.66 -1.55
CA GLU A 57 -1.88 -17.63 -2.84
C GLU A 57 -0.92 -17.10 -3.92
N LYS A 58 0.14 -16.44 -3.48
CA LYS A 58 1.13 -15.88 -4.40
C LYS A 58 0.48 -14.89 -5.37
N VAL A 59 -0.05 -13.80 -4.83
CA VAL A 59 -0.69 -12.78 -5.64
C VAL A 59 -0.32 -11.38 -5.17
N ASP A 60 0.36 -10.64 -6.04
CA ASP A 60 0.78 -9.28 -5.70
C ASP A 60 -0.42 -8.41 -5.32
N ARG A 61 -0.30 -7.70 -4.21
CA ARG A 61 -1.38 -6.85 -3.73
C ARG A 61 -0.83 -5.49 -3.28
N CYS A 62 -1.66 -4.46 -3.37
CA CYS A 62 -1.26 -3.12 -2.97
C CYS A 62 -1.09 -3.03 -1.45
N TYR A 63 0.04 -2.50 -1.01
CA TYR A 63 0.33 -2.36 0.40
C TYR A 63 0.97 -1.00 0.71
N ILE A 64 0.87 -0.58 1.96
CA ILE A 64 1.42 0.70 2.37
C ILE A 64 1.96 0.63 3.80
N CYS A 65 3.25 0.88 3.95
CA CYS A 65 3.89 0.85 5.27
C CYS A 65 4.50 2.20 5.61
N ASN A 66 4.60 2.49 6.91
CA ASN A 66 5.17 3.75 7.37
C ASN A 66 6.67 3.80 7.11
N ASN A 67 7.25 4.99 7.25
CA ASN A 67 8.67 5.17 7.03
C ASN A 67 9.49 4.28 7.98
N GLU A 68 8.93 4.01 9.15
CA GLU A 68 9.60 3.18 10.14
C GLU A 68 9.49 1.70 9.78
N LYS A 69 8.65 1.41 8.78
CA LYS A 69 8.44 0.03 8.34
C LYS A 69 8.07 -0.87 9.51
N THR A 70 7.35 -0.31 10.48
CA THR A 70 6.93 -1.07 11.66
C THR A 70 5.44 -1.39 11.60
N LEU A 71 4.65 -0.47 11.03
CA LEU A 71 3.22 -0.67 10.90
C LEU A 71 2.80 -0.71 9.43
N CYS A 72 2.01 -1.73 9.08
CA CYS A 72 1.54 -1.88 7.72
C CYS A 72 0.04 -2.18 7.69
N THR A 73 -0.58 -1.96 6.55
CA THR A 73 -2.02 -2.20 6.39
C THR A 73 -2.39 -3.61 6.83
N SER A 74 -3.57 -3.75 7.41
CA SER A 74 -4.04 -5.04 7.88
C SER A 74 -4.00 -6.08 6.75
N VAL A 75 -3.86 -7.34 7.13
CA VAL A 75 -3.81 -8.43 6.16
C VAL A 75 -5.18 -8.70 5.56
N MET A 76 -6.22 -8.35 6.30
CA MET A 76 -7.59 -8.55 5.84
C MET A 76 -8.35 -7.23 5.79
N GLY A 1 5.23 11.90 17.78
CA GLY A 1 4.10 10.99 17.91
C GLY A 1 4.51 9.54 17.77
N THR A 2 3.52 8.66 17.60
CA THR A 2 3.78 7.24 17.46
C THR A 2 3.11 6.67 16.22
N PRO A 3 3.60 5.51 15.75
CA PRO A 3 3.06 4.83 14.57
C PRO A 3 1.67 4.27 14.81
N SER A 4 0.76 4.52 13.87
CA SER A 4 -0.61 4.03 13.98
C SER A 4 -1.21 3.76 12.60
N ALA A 5 -2.45 3.29 12.58
CA ALA A 5 -3.13 2.98 11.33
C ALA A 5 -3.15 4.21 10.42
N ASP A 6 -3.07 5.39 11.01
CA ASP A 6 -3.08 6.63 10.24
C ASP A 6 -1.80 6.78 9.42
N GLN A 7 -0.73 6.13 9.89
CA GLN A 7 0.55 6.20 9.19
C GLN A 7 0.53 5.33 7.94
N VAL A 8 -0.29 4.29 7.96
CA VAL A 8 -0.40 3.39 6.81
C VAL A 8 -1.57 3.77 5.93
N ARG A 9 -1.97 5.04 5.99
CA ARG A 9 -3.08 5.54 5.19
C ARG A 9 -2.65 5.75 3.74
N TYR A 10 -3.59 6.22 2.92
CA TYR A 10 -3.30 6.47 1.51
C TYR A 10 -4.01 7.73 1.03
N ASN A 11 -3.55 8.27 -0.09
CA ASN A 11 -4.14 9.48 -0.66
C ASN A 11 -4.60 9.23 -2.09
N TYR A 12 -5.75 9.80 -2.45
CA TYR A 12 -6.30 9.65 -3.80
C TYR A 12 -5.52 10.50 -4.80
N THR A 13 -4.93 9.85 -5.79
CA THR A 13 -4.17 10.54 -6.81
C THR A 13 -4.57 10.09 -8.21
N GLU A 14 -4.10 10.81 -9.22
CA GLU A 14 -4.41 10.47 -10.61
C GLU A 14 -3.31 9.62 -11.22
N LEU A 15 -3.69 8.71 -12.11
CA LEU A 15 -2.72 7.84 -12.77
C LEU A 15 -2.63 8.16 -14.26
N PRO A 16 -1.50 7.78 -14.88
CA PRO A 16 -1.26 8.01 -16.31
C PRO A 16 -2.17 7.18 -17.20
N ASN A 17 -2.92 6.27 -16.59
CA ASN A 17 -3.83 5.40 -17.33
C ASN A 17 -5.25 5.98 -17.34
N GLY A 18 -5.43 7.09 -16.63
CA GLY A 18 -6.73 7.72 -16.55
C GLY A 18 -7.43 7.47 -15.23
N GLU A 19 -7.09 6.36 -14.58
CA GLU A 19 -7.69 6.01 -13.30
C GLU A 19 -7.05 6.81 -12.16
N TYR A 20 -7.48 6.51 -10.95
CA TYR A 20 -6.95 7.20 -9.77
C TYR A 20 -5.90 6.35 -9.07
N CYS A 21 -6.32 5.25 -8.46
CA CYS A 21 -5.42 4.36 -7.76
C CYS A 21 -6.15 3.13 -7.24
N TYR A 22 -5.44 2.01 -7.17
CA TYR A 22 -6.04 0.76 -6.71
C TYR A 22 -5.96 0.67 -5.18
N THR A 23 -7.13 0.50 -4.55
CA THR A 23 -7.20 0.40 -3.10
C THR A 23 -6.21 -0.61 -2.57
N PRO A 24 -5.91 -0.54 -1.26
CA PRO A 24 -4.96 -1.43 -0.60
C PRO A 24 -5.51 -2.85 -0.49
N ARG A 25 -4.61 -3.82 -0.38
CA ARG A 25 -5.00 -5.22 -0.27
C ARG A 25 -5.72 -5.69 -1.53
N ARG A 26 -5.53 -4.96 -2.62
CA ARG A 26 -6.16 -5.31 -3.89
C ARG A 26 -5.13 -5.81 -4.89
N ARG A 27 -5.52 -6.81 -5.68
CA ARG A 27 -4.62 -7.39 -6.68
C ARG A 27 -4.25 -6.37 -7.74
N CYS A 28 -2.97 -6.03 -7.80
CA CYS A 28 -2.48 -5.06 -8.77
C CYS A 28 -1.44 -5.69 -9.69
N THR A 29 -0.92 -4.89 -10.62
CA THR A 29 0.08 -5.36 -11.56
C THR A 29 1.36 -4.53 -11.46
N SER A 30 1.20 -3.24 -11.19
CA SER A 30 2.34 -2.33 -11.07
C SER A 30 2.25 -1.52 -9.79
N ALA A 31 3.40 -1.28 -9.16
CA ALA A 31 3.45 -0.51 -7.93
C ALA A 31 2.93 0.90 -8.14
N ASP A 32 3.24 1.47 -9.31
CA ASP A 32 2.80 2.82 -9.64
C ASP A 32 1.27 2.94 -9.52
N GLN A 33 0.58 1.83 -9.73
CA GLN A 33 -0.88 1.81 -9.65
C GLN A 33 -1.33 1.86 -8.19
N CYS A 34 -0.66 1.09 -7.34
CA CYS A 34 -1.00 1.04 -5.92
C CYS A 34 -1.07 2.45 -5.33
N CYS A 35 -2.21 2.76 -4.71
CA CYS A 35 -2.41 4.07 -4.11
C CYS A 35 -1.25 4.43 -3.17
N ARG A 36 -0.69 5.62 -3.36
CA ARG A 36 0.43 6.07 -2.54
C ARG A 36 -0.04 6.41 -1.12
N PRO A 37 0.91 6.45 -0.18
CA PRO A 37 0.61 6.76 1.23
C PRO A 37 0.22 8.22 1.42
N TYR A 38 -0.64 8.47 2.40
CA TYR A 38 -1.08 9.83 2.69
C TYR A 38 0.10 10.77 2.87
N ASP A 39 1.21 10.22 3.35
CA ASP A 39 2.42 11.02 3.56
C ASP A 39 3.66 10.26 3.10
N THR A 40 4.08 10.52 1.86
CA THR A 40 5.25 9.85 1.31
C THR A 40 6.49 10.08 2.18
N THR A 41 6.47 11.17 2.94
CA THR A 41 7.59 11.50 3.82
C THR A 41 7.61 10.60 5.04
N ALA A 42 6.49 9.94 5.31
CA ALA A 42 6.39 9.03 6.44
C ALA A 42 5.85 7.67 6.02
N ALA A 43 5.98 7.36 4.74
CA ALA A 43 5.52 6.09 4.21
C ALA A 43 5.83 5.96 2.72
N PHE A 44 5.67 4.75 2.19
CA PHE A 44 5.94 4.50 0.77
C PHE A 44 4.85 3.63 0.16
N HIS A 45 4.99 3.34 -1.13
CA HIS A 45 4.02 2.52 -1.84
C HIS A 45 4.71 1.38 -2.59
N GLY A 46 3.92 0.43 -3.09
CA GLY A 46 4.47 -0.69 -3.81
C GLY A 46 3.49 -1.83 -3.94
N CYS A 47 3.74 -2.72 -4.91
CA CYS A 47 2.86 -3.87 -5.12
C CYS A 47 3.57 -5.17 -4.76
N GLY A 48 2.99 -5.91 -3.81
CA GLY A 48 3.58 -7.16 -3.39
C GLY A 48 2.82 -7.79 -2.24
N ARG A 49 3.50 -8.62 -1.46
CA ARG A 49 2.88 -9.30 -0.33
C ARG A 49 3.77 -9.22 0.91
N ILE A 50 3.19 -8.81 2.03
CA ILE A 50 3.92 -8.69 3.28
C ILE A 50 3.38 -9.65 4.34
N TRP A 51 2.16 -10.12 4.12
CA TRP A 51 1.53 -11.05 5.05
C TRP A 51 1.58 -12.49 4.50
N PRO A 52 1.52 -13.47 5.42
CA PRO A 52 1.55 -14.88 5.05
C PRO A 52 0.28 -15.33 4.34
N LYS A 53 -0.78 -14.54 4.47
CA LYS A 53 -2.06 -14.84 3.85
C LYS A 53 -1.99 -14.62 2.35
N ASP A 54 -1.40 -13.50 1.94
CA ASP A 54 -1.27 -13.17 0.53
C ASP A 54 -0.12 -13.94 -0.11
N LYS A 55 0.89 -14.26 0.70
CA LYS A 55 2.05 -15.00 0.22
C LYS A 55 1.66 -16.40 -0.25
N ARG A 56 0.90 -17.11 0.58
CA ARG A 56 0.46 -18.46 0.24
C ARG A 56 -0.35 -18.46 -1.05
N GLU A 57 -0.95 -17.31 -1.37
CA GLU A 57 -1.75 -17.18 -2.59
C GLU A 57 -0.88 -16.78 -3.77
N LYS A 58 0.28 -16.18 -3.48
CA LYS A 58 1.21 -15.75 -4.52
C LYS A 58 0.52 -14.78 -5.48
N VAL A 59 -0.04 -13.71 -4.93
CA VAL A 59 -0.71 -12.70 -5.74
C VAL A 59 -0.34 -11.29 -5.28
N ASP A 60 0.33 -10.56 -6.15
CA ASP A 60 0.74 -9.20 -5.84
C ASP A 60 -0.46 -8.33 -5.48
N ARG A 61 -0.35 -7.62 -4.36
CA ARG A 61 -1.44 -6.76 -3.89
C ARG A 61 -0.89 -5.43 -3.38
N CYS A 62 -1.65 -4.37 -3.59
CA CYS A 62 -1.25 -3.04 -3.15
C CYS A 62 -1.05 -2.99 -1.64
N TYR A 63 0.09 -2.49 -1.21
CA TYR A 63 0.41 -2.40 0.21
C TYR A 63 1.02 -1.03 0.55
N ILE A 64 0.87 -0.62 1.81
CA ILE A 64 1.40 0.66 2.26
C ILE A 64 1.89 0.57 3.70
N CYS A 65 3.17 0.87 3.90
CA CYS A 65 3.77 0.83 5.24
C CYS A 65 4.34 2.19 5.61
N ASN A 66 4.63 2.37 6.90
CA ASN A 66 5.19 3.62 7.39
C ASN A 66 6.68 3.70 7.08
N ASN A 67 7.24 4.91 7.17
CA ASN A 67 8.65 5.12 6.90
C ASN A 67 9.52 4.28 7.83
N GLU A 68 9.00 4.02 9.03
CA GLU A 68 9.72 3.21 10.01
C GLU A 68 9.63 1.73 9.68
N LYS A 69 8.77 1.40 8.72
CA LYS A 69 8.59 0.01 8.31
C LYS A 69 8.21 -0.87 9.50
N THR A 70 7.62 -0.26 10.52
CA THR A 70 7.22 -0.97 11.72
C THR A 70 5.75 -1.38 11.64
N LEU A 71 4.94 -0.52 11.06
CA LEU A 71 3.51 -0.79 10.92
C LEU A 71 3.11 -0.88 9.46
N CYS A 72 2.12 -1.72 9.16
CA CYS A 72 1.64 -1.90 7.80
C CYS A 72 0.14 -2.18 7.77
N THR A 73 -0.47 -2.02 6.60
CA THR A 73 -1.90 -2.25 6.45
C THR A 73 -2.29 -3.62 7.00
N SER A 74 -3.49 -3.68 7.60
CA SER A 74 -3.98 -4.92 8.17
C SER A 74 -3.97 -6.05 7.14
N VAL A 75 -3.80 -7.28 7.62
CA VAL A 75 -3.76 -8.44 6.73
C VAL A 75 -4.99 -8.48 5.83
N MET A 76 -6.10 -7.91 6.31
CA MET A 76 -7.34 -7.88 5.55
C MET A 76 -7.96 -6.49 5.59
N GLY A 1 4.27 10.23 18.22
CA GLY A 1 5.58 9.63 18.27
C GLY A 1 5.56 8.14 17.99
N THR A 2 4.38 7.52 18.18
CA THR A 2 4.24 6.09 17.93
C THR A 2 3.46 5.83 16.64
N PRO A 3 3.62 4.62 16.09
CA PRO A 3 2.95 4.22 14.85
C PRO A 3 1.44 4.06 15.04
N SER A 4 0.67 4.44 14.03
CA SER A 4 -0.78 4.33 14.08
C SER A 4 -1.36 4.07 12.69
N ALA A 5 -2.60 3.60 12.65
CA ALA A 5 -3.27 3.30 11.39
C ALA A 5 -3.27 4.53 10.47
N ASP A 6 -3.20 5.71 11.07
CA ASP A 6 -3.19 6.95 10.30
C ASP A 6 -1.89 7.10 9.52
N GLN A 7 -0.81 6.49 10.04
CA GLN A 7 0.49 6.56 9.39
C GLN A 7 0.52 5.70 8.13
N VAL A 8 -0.30 4.63 8.12
CA VAL A 8 -0.37 3.74 6.98
C VAL A 8 -1.53 4.11 6.05
N ARG A 9 -1.93 5.37 6.11
CA ARG A 9 -3.03 5.86 5.28
C ARG A 9 -2.58 6.00 3.82
N TYR A 10 -3.49 6.45 2.97
CA TYR A 10 -3.20 6.63 1.56
C TYR A 10 -3.93 7.84 0.99
N ASN A 11 -3.45 8.35 -0.14
CA ASN A 11 -4.05 9.51 -0.78
C ASN A 11 -4.53 9.16 -2.19
N TYR A 12 -5.66 9.74 -2.58
CA TYR A 12 -6.22 9.50 -3.90
C TYR A 12 -5.50 10.33 -4.96
N THR A 13 -4.86 9.63 -5.90
CA THR A 13 -4.12 10.30 -6.96
C THR A 13 -4.58 9.81 -8.33
N GLU A 14 -4.16 10.52 -9.38
CA GLU A 14 -4.53 10.15 -10.74
C GLU A 14 -3.45 9.28 -11.39
N LEU A 15 -3.88 8.38 -12.27
CA LEU A 15 -2.95 7.50 -12.96
C LEU A 15 -2.96 7.76 -14.46
N PRO A 16 -1.87 7.35 -15.14
CA PRO A 16 -1.73 7.53 -16.59
C PRO A 16 -2.68 6.65 -17.38
N ASN A 17 -3.39 5.76 -16.68
CA ASN A 17 -4.34 4.86 -17.32
C ASN A 17 -5.75 5.42 -17.27
N GLY A 18 -5.89 6.60 -16.64
CA GLY A 18 -7.19 7.22 -16.53
C GLY A 18 -7.82 7.00 -15.17
N GLU A 19 -7.42 5.92 -14.50
CA GLU A 19 -7.96 5.60 -13.18
C GLU A 19 -7.25 6.40 -12.09
N TYR A 20 -7.66 6.21 -10.85
CA TYR A 20 -7.06 6.91 -9.72
C TYR A 20 -5.94 6.08 -9.10
N CYS A 21 -6.33 4.98 -8.45
CA CYS A 21 -5.36 4.10 -7.81
C CYS A 21 -6.05 2.86 -7.24
N TYR A 22 -5.29 1.77 -7.12
CA TYR A 22 -5.83 0.52 -6.60
C TYR A 22 -5.75 0.48 -5.09
N THR A 23 -6.91 0.33 -4.45
CA THR A 23 -6.98 0.27 -2.99
C THR A 23 -5.97 -0.71 -2.43
N PRO A 24 -5.66 -0.59 -1.12
CA PRO A 24 -4.72 -1.46 -0.44
C PRO A 24 -5.25 -2.88 -0.28
N ARG A 25 -4.34 -3.85 -0.17
CA ARG A 25 -4.72 -5.25 -0.01
C ARG A 25 -5.45 -5.76 -1.25
N ARG A 26 -5.24 -5.07 -2.37
CA ARG A 26 -5.87 -5.46 -3.63
C ARG A 26 -4.83 -5.96 -4.63
N ARG A 27 -5.26 -6.84 -5.52
CA ARG A 27 -4.37 -7.41 -6.53
C ARG A 27 -3.95 -6.34 -7.54
N CYS A 28 -2.64 -6.08 -7.61
CA CYS A 28 -2.11 -5.08 -8.53
C CYS A 28 -1.00 -5.68 -9.38
N THR A 29 -0.58 -4.92 -10.39
CA THR A 29 0.48 -5.37 -11.29
C THR A 29 1.69 -4.44 -11.23
N SER A 30 1.43 -3.17 -10.94
CA SER A 30 2.49 -2.18 -10.85
C SER A 30 2.34 -1.32 -9.61
N ALA A 31 3.45 -1.07 -8.92
CA ALA A 31 3.44 -0.25 -7.70
C ALA A 31 2.81 1.10 -7.97
N ASP A 32 3.06 1.65 -9.16
CA ASP A 32 2.52 2.95 -9.53
C ASP A 32 1.01 2.99 -9.35
N GLN A 33 0.35 1.86 -9.64
CA GLN A 33 -1.09 1.77 -9.51
C GLN A 33 -1.51 1.78 -8.04
N CYS A 34 -0.74 1.09 -7.21
CA CYS A 34 -1.02 1.02 -5.78
C CYS A 34 -1.15 2.42 -5.17
N CYS A 35 -2.27 2.67 -4.51
CA CYS A 35 -2.52 3.97 -3.90
C CYS A 35 -1.34 4.37 -3.01
N ARG A 36 -0.80 5.55 -3.27
CA ARG A 36 0.33 6.07 -2.49
C ARG A 36 -0.12 6.48 -1.09
N PRO A 37 0.85 6.57 -0.16
CA PRO A 37 0.59 6.97 1.22
C PRO A 37 0.19 8.44 1.34
N TYR A 38 -0.60 8.75 2.35
CA TYR A 38 -1.05 10.12 2.58
C TYR A 38 0.14 11.07 2.68
N ASP A 39 1.28 10.53 3.10
CA ASP A 39 2.50 11.34 3.24
C ASP A 39 3.73 10.50 2.90
N THR A 40 4.32 10.79 1.74
CA THR A 40 5.51 10.07 1.30
C THR A 40 6.65 10.22 2.30
N THR A 41 6.60 11.27 3.10
CA THR A 41 7.62 11.52 4.11
C THR A 41 7.36 10.71 5.37
N ALA A 42 6.21 10.05 5.41
CA ALA A 42 5.85 9.23 6.56
C ALA A 42 5.72 7.76 6.19
N ALA A 43 5.44 7.50 4.92
CA ALA A 43 5.30 6.14 4.42
C ALA A 43 5.60 6.06 2.93
N PHE A 44 5.60 4.85 2.38
CA PHE A 44 5.88 4.63 0.97
C PHE A 44 4.84 3.71 0.34
N HIS A 45 4.99 3.45 -0.95
CA HIS A 45 4.07 2.58 -1.67
C HIS A 45 4.83 1.46 -2.38
N GLY A 46 4.08 0.48 -2.89
CA GLY A 46 4.70 -0.63 -3.59
C GLY A 46 3.77 -1.82 -3.72
N CYS A 47 4.05 -2.68 -4.69
CA CYS A 47 3.23 -3.87 -4.92
C CYS A 47 4.02 -5.14 -4.60
N GLY A 48 3.50 -5.93 -3.66
CA GLY A 48 4.16 -7.16 -3.28
C GLY A 48 3.32 -8.01 -2.34
N ARG A 49 4.00 -8.73 -1.44
CA ARG A 49 3.30 -9.58 -0.49
C ARG A 49 3.97 -9.51 0.89
N ILE A 50 3.36 -8.76 1.79
CA ILE A 50 3.90 -8.61 3.13
C ILE A 50 3.16 -9.52 4.12
N TRP A 51 1.94 -9.89 3.78
CA TRP A 51 1.14 -10.76 4.63
C TRP A 51 1.14 -12.20 4.10
N PRO A 52 0.88 -13.16 5.00
CA PRO A 52 0.85 -14.58 4.64
C PRO A 52 -0.36 -14.93 3.78
N LYS A 53 -1.36 -14.06 3.78
CA LYS A 53 -2.57 -14.27 3.00
C LYS A 53 -2.29 -14.11 1.51
N ASP A 54 -1.37 -13.20 1.18
CA ASP A 54 -1.01 -12.97 -0.21
C ASP A 54 -0.06 -14.04 -0.73
N LYS A 55 0.73 -14.61 0.18
CA LYS A 55 1.67 -15.66 -0.18
C LYS A 55 0.95 -16.91 -0.68
N ARG A 56 -0.01 -17.37 0.12
CA ARG A 56 -0.78 -18.55 -0.24
C ARG A 56 -1.51 -18.36 -1.57
N GLU A 57 -1.77 -17.11 -1.91
CA GLU A 57 -2.46 -16.78 -3.15
C GLU A 57 -1.47 -16.55 -4.28
N LYS A 58 -0.23 -16.23 -3.92
CA LYS A 58 0.82 -15.99 -4.90
C LYS A 58 0.44 -14.84 -5.84
N VAL A 59 0.20 -13.67 -5.26
CA VAL A 59 -0.17 -12.50 -6.04
C VAL A 59 0.23 -11.20 -5.32
N ASP A 60 0.99 -10.37 -5.99
CA ASP A 60 1.45 -9.11 -5.42
C ASP A 60 0.30 -8.12 -5.33
N ARG A 61 -0.05 -7.73 -4.10
CA ARG A 61 -1.14 -6.79 -3.87
C ARG A 61 -0.60 -5.45 -3.36
N CYS A 62 -1.44 -4.42 -3.44
CA CYS A 62 -1.04 -3.08 -2.99
C CYS A 62 -0.86 -3.06 -1.48
N TYR A 63 0.22 -2.42 -1.03
CA TYR A 63 0.52 -2.32 0.38
C TYR A 63 1.18 -0.99 0.71
N ILE A 64 0.98 -0.51 1.94
CA ILE A 64 1.56 0.76 2.37
C ILE A 64 2.09 0.65 3.79
N CYS A 65 3.40 0.84 3.94
CA CYS A 65 4.04 0.77 5.25
C CYS A 65 4.75 2.08 5.59
N ASN A 66 4.83 2.40 6.87
CA ASN A 66 5.48 3.62 7.32
C ASN A 66 6.97 3.59 7.00
N ASN A 67 7.62 4.74 7.13
CA ASN A 67 9.05 4.85 6.85
C ASN A 67 9.85 3.95 7.79
N GLU A 68 9.33 3.74 8.99
CA GLU A 68 10.00 2.90 9.97
C GLU A 68 9.79 1.41 9.66
N LYS A 69 8.90 1.14 8.71
CA LYS A 69 8.61 -0.23 8.31
C LYS A 69 8.18 -1.06 9.51
N THR A 70 7.64 -0.39 10.54
CA THR A 70 7.18 -1.07 11.74
C THR A 70 5.69 -1.37 11.67
N LEU A 71 4.93 -0.45 11.10
CA LEU A 71 3.48 -0.61 10.96
C LEU A 71 3.08 -0.73 9.49
N CYS A 72 2.07 -1.55 9.23
CA CYS A 72 1.59 -1.76 7.87
C CYS A 72 0.08 -1.98 7.86
N THR A 73 -0.52 -1.86 6.68
CA THR A 73 -1.96 -2.05 6.54
C THR A 73 -2.39 -3.42 7.03
N SER A 74 -3.63 -3.52 7.48
CA SER A 74 -4.16 -4.78 7.98
C SER A 74 -4.01 -5.89 6.96
N VAL A 75 -4.31 -7.12 7.38
CA VAL A 75 -4.20 -8.28 6.49
C VAL A 75 -5.52 -8.53 5.77
N MET A 76 -6.62 -8.09 6.36
CA MET A 76 -7.94 -8.27 5.78
C MET A 76 -8.24 -7.18 4.75
N GLY A 1 5.84 10.75 18.70
CA GLY A 1 4.74 10.25 17.90
C GLY A 1 4.94 8.81 17.47
N THR A 2 4.24 7.89 18.14
CA THR A 2 4.35 6.47 17.83
C THR A 2 3.59 6.13 16.56
N PRO A 3 3.95 4.99 15.94
CA PRO A 3 3.30 4.53 14.70
C PRO A 3 1.87 4.07 14.93
N SER A 4 0.99 4.40 13.99
CA SER A 4 -0.41 4.02 14.09
C SER A 4 -0.99 3.70 12.71
N ALA A 5 -2.24 3.27 12.69
CA ALA A 5 -2.92 2.92 11.44
C ALA A 5 -3.01 4.14 10.52
N ASP A 6 -2.99 5.33 11.12
CA ASP A 6 -3.07 6.56 10.35
C ASP A 6 -1.81 6.77 9.52
N GLN A 7 -0.70 6.19 9.97
CA GLN A 7 0.57 6.32 9.27
C GLN A 7 0.58 5.46 8.01
N VAL A 8 -0.18 4.37 8.03
CA VAL A 8 -0.25 3.46 6.90
C VAL A 8 -1.45 3.79 6.02
N ARG A 9 -1.91 5.03 6.08
CA ARG A 9 -3.05 5.48 5.29
C ARG A 9 -2.63 5.77 3.86
N TYR A 10 -3.61 6.12 3.02
CA TYR A 10 -3.34 6.42 1.62
C TYR A 10 -4.15 7.65 1.17
N ASN A 11 -3.90 8.08 -0.06
CA ASN A 11 -4.60 9.24 -0.61
C ASN A 11 -4.94 9.01 -2.08
N TYR A 12 -6.09 9.54 -2.51
CA TYR A 12 -6.54 9.40 -3.88
C TYR A 12 -5.71 10.29 -4.81
N THR A 13 -5.20 9.69 -5.89
CA THR A 13 -4.40 10.42 -6.86
C THR A 13 -4.73 9.99 -8.29
N GLU A 14 -4.23 10.75 -9.26
CA GLU A 14 -4.47 10.45 -10.66
C GLU A 14 -3.31 9.64 -11.26
N LEU A 15 -3.65 8.60 -12.01
CA LEU A 15 -2.64 7.76 -12.63
C LEU A 15 -2.52 8.06 -14.12
N PRO A 16 -1.37 7.69 -14.70
CA PRO A 16 -1.09 7.91 -16.13
C PRO A 16 -1.95 7.03 -17.02
N ASN A 17 -2.47 5.95 -16.46
CA ASN A 17 -3.32 5.02 -17.22
C ASN A 17 -4.72 5.57 -17.38
N GLY A 18 -4.98 6.71 -16.74
CA GLY A 18 -6.30 7.33 -16.82
C GLY A 18 -7.11 7.14 -15.55
N GLU A 19 -6.81 6.09 -14.81
CA GLU A 19 -7.51 5.79 -13.57
C GLU A 19 -6.94 6.61 -12.41
N TYR A 20 -7.46 6.37 -11.21
CA TYR A 20 -7.01 7.08 -10.03
C TYR A 20 -5.95 6.27 -9.28
N CYS A 21 -6.38 5.17 -8.67
CA CYS A 21 -5.47 4.30 -7.93
C CYS A 21 -6.18 3.05 -7.44
N TYR A 22 -5.41 2.07 -7.00
CA TYR A 22 -5.97 0.81 -6.51
C TYR A 22 -5.89 0.74 -4.99
N THR A 23 -7.04 0.60 -4.34
CA THR A 23 -7.11 0.52 -2.89
C THR A 23 -6.12 -0.52 -2.36
N PRO A 24 -5.81 -0.43 -1.06
CA PRO A 24 -4.88 -1.34 -0.40
C PRO A 24 -5.46 -2.75 -0.27
N ARG A 25 -4.58 -3.75 -0.20
CA ARG A 25 -5.00 -5.14 -0.07
C ARG A 25 -5.73 -5.60 -1.33
N ARG A 26 -5.49 -4.91 -2.44
CA ARG A 26 -6.12 -5.25 -3.70
C ARG A 26 -5.09 -5.76 -4.70
N ARG A 27 -5.52 -6.68 -5.57
CA ARG A 27 -4.64 -7.25 -6.57
C ARG A 27 -4.15 -6.18 -7.54
N CYS A 28 -2.84 -6.16 -7.78
CA CYS A 28 -2.25 -5.19 -8.68
C CYS A 28 -1.06 -5.79 -9.43
N THR A 29 -0.61 -5.09 -10.47
CA THR A 29 0.52 -5.57 -11.27
C THR A 29 1.68 -4.59 -11.21
N SER A 30 1.38 -3.31 -11.01
CA SER A 30 2.39 -2.28 -10.94
C SER A 30 2.30 -1.51 -9.63
N ALA A 31 3.45 -1.24 -9.02
CA ALA A 31 3.49 -0.52 -7.75
C ALA A 31 2.92 0.89 -7.92
N ASP A 32 3.25 1.54 -9.02
CA ASP A 32 2.77 2.89 -9.30
C ASP A 32 1.26 2.95 -9.20
N GLN A 33 0.60 1.87 -9.59
CA GLN A 33 -0.87 1.81 -9.55
C GLN A 33 -1.37 1.86 -8.11
N CYS A 34 -0.70 1.13 -7.23
CA CYS A 34 -1.08 1.08 -5.82
C CYS A 34 -1.20 2.50 -5.25
N CYS A 35 -2.35 2.79 -4.66
CA CYS A 35 -2.60 4.10 -4.07
C CYS A 35 -1.47 4.50 -3.13
N ARG A 36 -0.83 5.64 -3.41
CA ARG A 36 0.27 6.12 -2.59
C ARG A 36 -0.21 6.43 -1.17
N PRO A 37 0.75 6.48 -0.23
CA PRO A 37 0.46 6.77 1.18
C PRO A 37 0.01 8.20 1.39
N TYR A 38 -0.79 8.41 2.44
CA TYR A 38 -1.30 9.75 2.76
C TYR A 38 -0.15 10.74 2.91
N ASP A 39 1.00 10.25 3.36
CA ASP A 39 2.18 11.09 3.56
C ASP A 39 3.43 10.40 3.04
N THR A 40 3.81 10.71 1.80
CA THR A 40 5.00 10.11 1.19
C THR A 40 6.24 10.38 2.04
N THR A 41 6.19 11.44 2.82
CA THR A 41 7.32 11.81 3.68
C THR A 41 7.39 10.91 4.91
N ALA A 42 6.31 10.20 5.18
CA ALA A 42 6.24 9.30 6.33
C ALA A 42 5.69 7.94 5.93
N ALA A 43 5.82 7.61 4.65
CA ALA A 43 5.33 6.33 4.14
C ALA A 43 5.63 6.19 2.65
N PHE A 44 5.60 4.95 2.17
CA PHE A 44 5.88 4.68 0.76
C PHE A 44 4.81 3.76 0.17
N HIS A 45 4.92 3.48 -1.12
CA HIS A 45 3.97 2.61 -1.81
C HIS A 45 4.69 1.46 -2.50
N GLY A 46 3.92 0.48 -2.97
CA GLY A 46 4.50 -0.67 -3.65
C GLY A 46 3.51 -1.80 -3.82
N CYS A 47 3.83 -2.73 -4.72
CA CYS A 47 2.95 -3.87 -4.97
C CYS A 47 3.68 -5.17 -4.69
N GLY A 48 3.13 -5.97 -3.77
CA GLY A 48 3.74 -7.23 -3.42
C GLY A 48 3.00 -7.95 -2.30
N ARG A 49 3.69 -8.84 -1.61
CA ARG A 49 3.09 -9.60 -0.52
C ARG A 49 3.97 -9.54 0.73
N ILE A 50 3.41 -9.01 1.81
CA ILE A 50 4.15 -8.91 3.06
C ILE A 50 3.59 -9.85 4.12
N TRP A 51 2.32 -10.22 3.96
CA TRP A 51 1.66 -11.12 4.89
C TRP A 51 1.65 -12.55 4.36
N PRO A 52 1.56 -13.53 5.27
CA PRO A 52 1.54 -14.94 4.92
C PRO A 52 0.26 -15.35 4.21
N LYS A 53 -0.78 -14.53 4.36
CA LYS A 53 -2.07 -14.80 3.73
C LYS A 53 -2.00 -14.61 2.22
N ASP A 54 -1.44 -13.47 1.81
CA ASP A 54 -1.30 -13.16 0.38
C ASP A 54 -0.34 -14.12 -0.29
N LYS A 55 0.66 -14.58 0.45
CA LYS A 55 1.64 -15.52 -0.08
C LYS A 55 0.97 -16.78 -0.61
N ARG A 56 0.02 -17.29 0.16
CA ARG A 56 -0.71 -18.50 -0.22
C ARG A 56 -1.44 -18.29 -1.54
N GLU A 57 -1.78 -17.04 -1.83
CA GLU A 57 -2.50 -16.72 -3.07
C GLU A 57 -1.52 -16.47 -4.20
N LYS A 58 -0.28 -16.13 -3.85
CA LYS A 58 0.76 -15.86 -4.84
C LYS A 58 0.33 -14.74 -5.79
N VAL A 59 -0.17 -13.64 -5.21
CA VAL A 59 -0.61 -12.50 -5.99
C VAL A 59 -0.21 -11.19 -5.32
N ASP A 60 0.55 -10.38 -6.04
CA ASP A 60 1.00 -9.09 -5.52
C ASP A 60 -0.17 -8.12 -5.37
N ARG A 61 -0.37 -7.63 -4.14
CA ARG A 61 -1.45 -6.70 -3.86
C ARG A 61 -0.91 -5.36 -3.34
N CYS A 62 -1.68 -4.31 -3.52
CA CYS A 62 -1.29 -2.98 -3.08
C CYS A 62 -1.06 -2.96 -1.56
N TYR A 63 0.10 -2.45 -1.15
CA TYR A 63 0.43 -2.37 0.26
C TYR A 63 1.08 -1.04 0.59
N ILE A 64 0.98 -0.64 1.86
CA ILE A 64 1.56 0.63 2.31
C ILE A 64 2.07 0.51 3.74
N CYS A 65 3.29 1.00 3.95
CA CYS A 65 3.91 0.97 5.27
C CYS A 65 4.46 2.33 5.67
N ASN A 66 4.78 2.49 6.94
CA ASN A 66 5.31 3.75 7.45
C ASN A 66 6.80 3.89 7.12
N ASN A 67 7.33 5.10 7.24
CA ASN A 67 8.73 5.36 6.95
C ASN A 67 9.63 4.50 7.83
N GLU A 68 9.15 4.18 9.02
CA GLU A 68 9.92 3.36 9.96
C GLU A 68 9.83 1.88 9.59
N LYS A 69 8.94 1.57 8.64
CA LYS A 69 8.76 0.19 8.19
C LYS A 69 8.43 -0.72 9.36
N THR A 70 7.79 -0.17 10.38
CA THR A 70 7.42 -0.94 11.56
C THR A 70 5.94 -1.28 11.55
N LEU A 71 5.13 -0.39 10.99
CA LEU A 71 3.69 -0.60 10.91
C LEU A 71 3.23 -0.66 9.47
N CYS A 72 2.34 -1.61 9.18
CA CYS A 72 1.82 -1.78 7.83
C CYS A 72 0.32 -2.10 7.86
N THR A 73 -0.33 -1.97 6.71
CA THR A 73 -1.76 -2.25 6.61
C THR A 73 -2.10 -3.64 7.16
N SER A 74 -3.21 -3.74 7.87
CA SER A 74 -3.64 -5.00 8.45
C SER A 74 -3.74 -6.08 7.37
N VAL A 75 -3.51 -7.32 7.77
CA VAL A 75 -3.58 -8.45 6.84
C VAL A 75 -4.91 -8.47 6.10
N MET A 76 -5.96 -7.98 6.76
CA MET A 76 -7.29 -7.94 6.16
C MET A 76 -7.93 -6.57 6.35
N GLY A 1 5.98 10.74 18.69
CA GLY A 1 4.74 10.10 18.30
C GLY A 1 4.94 8.66 17.88
N THR A 2 3.99 7.80 18.24
CA THR A 2 4.07 6.38 17.92
C THR A 2 3.31 6.07 16.64
N PRO A 3 3.64 4.94 16.00
CA PRO A 3 3.00 4.50 14.76
C PRO A 3 1.54 4.07 14.97
N SER A 4 0.69 4.38 14.01
CA SER A 4 -0.72 4.04 14.10
C SER A 4 -1.30 3.79 12.71
N ALA A 5 -2.56 3.35 12.68
CA ALA A 5 -3.24 3.07 11.41
C ALA A 5 -3.25 4.30 10.52
N ASP A 6 -3.14 5.48 11.13
CA ASP A 6 -3.14 6.73 10.39
C ASP A 6 -1.85 6.88 9.58
N GLN A 7 -0.78 6.24 10.04
CA GLN A 7 0.51 6.30 9.37
C GLN A 7 0.51 5.45 8.10
N VAL A 8 -0.33 4.40 8.10
CA VAL A 8 -0.42 3.51 6.95
C VAL A 8 -1.57 3.91 6.04
N ARG A 9 -1.95 5.19 6.10
CA ARG A 9 -3.04 5.70 5.27
C ARG A 9 -2.59 5.87 3.82
N TYR A 10 -3.50 6.34 2.98
CA TYR A 10 -3.20 6.55 1.56
C TYR A 10 -3.92 7.79 1.03
N ASN A 11 -3.42 8.31 -0.08
CA ASN A 11 -4.01 9.49 -0.70
C ASN A 11 -4.48 9.19 -2.11
N TYR A 12 -5.60 9.79 -2.50
CA TYR A 12 -6.16 9.58 -3.82
C TYR A 12 -5.42 10.41 -4.86
N THR A 13 -4.74 9.73 -5.80
CA THR A 13 -4.00 10.40 -6.85
C THR A 13 -4.46 9.95 -8.23
N GLU A 14 -4.02 10.66 -9.26
CA GLU A 14 -4.39 10.34 -10.62
C GLU A 14 -3.32 9.47 -11.29
N LEU A 15 -3.75 8.61 -12.20
CA LEU A 15 -2.83 7.71 -12.90
C LEU A 15 -2.82 8.02 -14.40
N PRO A 16 -1.74 7.60 -15.09
CA PRO A 16 -1.59 7.82 -16.53
C PRO A 16 -2.56 6.96 -17.34
N ASN A 17 -3.27 6.07 -16.67
CA ASN A 17 -4.23 5.19 -17.33
C ASN A 17 -5.64 5.78 -17.26
N GLY A 18 -5.77 6.93 -16.62
CA GLY A 18 -7.06 7.57 -16.48
C GLY A 18 -7.69 7.34 -15.13
N GLU A 19 -7.32 6.23 -14.49
CA GLU A 19 -7.86 5.90 -13.18
C GLU A 19 -7.14 6.65 -12.08
N TYR A 20 -7.57 6.45 -10.84
CA TYR A 20 -6.96 7.12 -9.69
C TYR A 20 -5.87 6.26 -9.07
N CYS A 21 -6.27 5.16 -8.45
CA CYS A 21 -5.32 4.24 -7.81
C CYS A 21 -6.04 3.01 -7.27
N TYR A 22 -5.32 1.89 -7.22
CA TYR A 22 -5.89 0.63 -6.74
C TYR A 22 -5.83 0.58 -5.22
N THR A 23 -7.00 0.44 -4.59
CA THR A 23 -7.08 0.37 -3.14
C THR A 23 -6.09 -0.65 -2.58
N PRO A 24 -5.81 -0.54 -1.27
CA PRO A 24 -4.89 -1.45 -0.59
C PRO A 24 -5.43 -2.86 -0.46
N ARG A 25 -4.54 -3.82 -0.25
CA ARG A 25 -4.94 -5.22 -0.11
C ARG A 25 -5.63 -5.71 -1.38
N ARG A 26 -5.38 -5.03 -2.49
CA ARG A 26 -5.98 -5.40 -3.76
C ARG A 26 -4.94 -5.93 -4.73
N ARG A 27 -5.33 -6.89 -5.56
CA ARG A 27 -4.42 -7.48 -6.54
C ARG A 27 -4.01 -6.46 -7.59
N CYS A 28 -2.71 -6.19 -7.67
CA CYS A 28 -2.18 -5.23 -8.63
C CYS A 28 -1.04 -5.83 -9.44
N THR A 29 -0.63 -5.14 -10.49
CA THR A 29 0.47 -5.60 -11.33
C THR A 29 1.64 -4.64 -11.29
N SER A 30 1.36 -3.38 -10.98
CA SER A 30 2.41 -2.36 -10.91
C SER A 30 2.25 -1.52 -9.64
N ALA A 31 3.37 -1.16 -9.02
CA ALA A 31 3.36 -0.37 -7.81
C ALA A 31 2.75 1.02 -8.06
N ASP A 32 3.02 1.56 -9.24
CA ASP A 32 2.50 2.87 -9.61
C ASP A 32 0.99 2.92 -9.46
N GLN A 33 0.33 1.81 -9.78
CA GLN A 33 -1.12 1.73 -9.67
C GLN A 33 -1.57 1.73 -8.22
N CYS A 34 -0.81 1.04 -7.37
CA CYS A 34 -1.13 0.96 -5.95
C CYS A 34 -1.19 2.35 -5.33
N CYS A 35 -2.28 2.63 -4.64
CA CYS A 35 -2.48 3.92 -3.99
C CYS A 35 -1.27 4.29 -3.13
N ARG A 36 -0.84 5.54 -3.23
CA ARG A 36 0.30 6.01 -2.46
C ARG A 36 -0.11 6.39 -1.05
N PRO A 37 0.88 6.44 -0.14
CA PRO A 37 0.65 6.79 1.27
C PRO A 37 0.27 8.26 1.45
N TYR A 38 -0.50 8.53 2.50
CA TYR A 38 -0.93 9.90 2.78
C TYR A 38 0.27 10.83 2.93
N ASP A 39 1.40 10.27 3.35
CA ASP A 39 2.61 11.06 3.54
C ASP A 39 3.83 10.29 3.05
N THR A 40 4.25 10.59 1.82
CA THR A 40 5.41 9.92 1.22
C THR A 40 6.65 10.10 2.08
N THR A 41 6.69 11.19 2.85
CA THR A 41 7.82 11.47 3.71
C THR A 41 7.79 10.59 4.97
N ALA A 42 6.63 9.98 5.22
CA ALA A 42 6.47 9.10 6.38
C ALA A 42 5.87 7.77 5.98
N ALA A 43 6.05 7.40 4.71
CA ALA A 43 5.53 6.14 4.20
C ALA A 43 5.90 5.94 2.74
N PHE A 44 5.64 4.74 2.22
CA PHE A 44 5.96 4.42 0.84
C PHE A 44 4.90 3.49 0.24
N HIS A 45 4.95 3.31 -1.08
CA HIS A 45 4.01 2.45 -1.77
C HIS A 45 4.73 1.32 -2.50
N GLY A 46 3.96 0.34 -2.97
CA GLY A 46 4.55 -0.78 -3.68
C GLY A 46 3.60 -1.96 -3.78
N CYS A 47 3.84 -2.82 -4.77
CA CYS A 47 2.99 -3.99 -4.97
C CYS A 47 3.74 -5.27 -4.60
N GLY A 48 3.19 -6.02 -3.66
CA GLY A 48 3.81 -7.26 -3.23
C GLY A 48 2.98 -8.02 -2.23
N ARG A 49 3.62 -8.89 -1.46
CA ARG A 49 2.93 -9.68 -0.46
C ARG A 49 3.60 -9.56 0.91
N ILE A 50 3.12 -8.61 1.71
CA ILE A 50 3.68 -8.39 3.04
C ILE A 50 2.89 -9.15 4.10
N TRP A 51 2.15 -10.16 3.67
CA TRP A 51 1.35 -10.97 4.58
C TRP A 51 1.32 -12.42 4.13
N PRO A 52 1.07 -13.33 5.08
CA PRO A 52 1.00 -14.77 4.81
C PRO A 52 -0.23 -15.14 3.99
N LYS A 53 -1.23 -14.28 4.01
CA LYS A 53 -2.47 -14.52 3.26
C LYS A 53 -2.25 -14.28 1.77
N ASP A 54 -1.53 -13.22 1.44
CA ASP A 54 -1.26 -12.90 0.04
C ASP A 54 -0.13 -13.76 -0.51
N LYS A 55 0.77 -14.19 0.37
CA LYS A 55 1.90 -15.02 -0.02
C LYS A 55 1.42 -16.42 -0.41
N ARG A 56 0.58 -17.00 0.43
CA ARG A 56 0.05 -18.34 0.17
C ARG A 56 -0.67 -18.39 -1.17
N GLU A 57 -1.15 -17.24 -1.62
CA GLU A 57 -1.87 -17.16 -2.89
C GLU A 57 -0.92 -16.78 -4.02
N LYS A 58 0.23 -16.21 -3.66
CA LYS A 58 1.22 -15.82 -4.64
C LYS A 58 0.65 -14.78 -5.61
N VAL A 59 0.28 -13.62 -5.08
CA VAL A 59 -0.29 -12.55 -5.89
C VAL A 59 0.10 -11.18 -5.36
N ASP A 60 0.69 -10.35 -6.22
CA ASP A 60 1.12 -9.02 -5.83
C ASP A 60 -0.09 -8.16 -5.44
N ARG A 61 -0.12 -7.74 -4.18
CA ARG A 61 -1.22 -6.92 -3.68
C ARG A 61 -0.70 -5.56 -3.20
N CYS A 62 -1.51 -4.53 -3.38
CA CYS A 62 -1.14 -3.18 -2.98
C CYS A 62 -0.98 -3.09 -1.46
N TYR A 63 0.13 -2.52 -1.02
CA TYR A 63 0.42 -2.37 0.39
C TYR A 63 1.03 -1.00 0.70
N ILE A 64 0.89 -0.56 1.95
CA ILE A 64 1.43 0.72 2.36
C ILE A 64 1.93 0.66 3.79
N CYS A 65 3.21 0.98 3.98
CA CYS A 65 3.83 0.98 5.31
C CYS A 65 4.45 2.33 5.63
N ASN A 66 4.64 2.60 6.91
CA ASN A 66 5.24 3.85 7.35
C ASN A 66 6.74 3.88 7.07
N ASN A 67 7.34 5.06 7.18
CA ASN A 67 8.77 5.22 6.93
C ASN A 67 9.58 4.32 7.85
N GLU A 68 9.04 4.07 9.04
CA GLU A 68 9.73 3.22 10.03
C GLU A 68 9.57 1.75 9.67
N LYS A 69 8.70 1.47 8.71
CA LYS A 69 8.45 0.10 8.28
C LYS A 69 8.05 -0.78 9.46
N THR A 70 7.47 -0.17 10.48
CA THR A 70 7.06 -0.89 11.67
C THR A 70 5.57 -1.23 11.60
N LEU A 71 4.79 -0.32 11.04
CA LEU A 71 3.34 -0.52 10.92
C LEU A 71 2.93 -0.64 9.45
N CYS A 72 2.03 -1.58 9.18
CA CYS A 72 1.55 -1.79 7.81
C CYS A 72 0.07 -2.13 7.81
N THR A 73 -0.58 -1.93 6.66
CA THR A 73 -2.00 -2.22 6.53
C THR A 73 -2.33 -3.63 6.99
N SER A 74 -3.46 -3.77 7.68
CA SER A 74 -3.88 -5.08 8.19
C SER A 74 -3.92 -6.11 7.07
N VAL A 75 -3.73 -7.38 7.43
CA VAL A 75 -3.75 -8.46 6.47
C VAL A 75 -5.08 -8.50 5.71
N MET A 76 -6.12 -7.94 6.31
CA MET A 76 -7.44 -7.91 5.69
C MET A 76 -8.29 -6.80 6.29
N GLY A 1 5.36 11.17 17.23
CA GLY A 1 4.99 10.24 18.28
C GLY A 1 5.15 8.79 17.85
N THR A 2 4.19 7.96 18.23
CA THR A 2 4.23 6.54 17.88
C THR A 2 3.44 6.27 16.61
N PRO A 3 3.74 5.13 15.95
CA PRO A 3 3.05 4.73 14.72
C PRO A 3 1.60 4.32 14.96
N SER A 4 0.75 4.62 13.99
CA SER A 4 -0.67 4.31 14.10
C SER A 4 -1.27 4.03 12.72
N ALA A 5 -2.53 3.62 12.71
CA ALA A 5 -3.22 3.31 11.46
C ALA A 5 -3.20 4.51 10.51
N ASP A 6 -3.05 5.70 11.07
CA ASP A 6 -3.01 6.92 10.29
C ASP A 6 -1.73 6.99 9.46
N GLN A 7 -0.69 6.30 9.92
CA GLN A 7 0.59 6.28 9.22
C GLN A 7 0.53 5.38 8.00
N VAL A 8 -0.33 4.37 8.06
CA VAL A 8 -0.48 3.44 6.95
C VAL A 8 -1.63 3.85 6.04
N ARG A 9 -1.99 5.12 6.10
CA ARG A 9 -3.08 5.65 5.27
C ARG A 9 -2.63 5.78 3.82
N TYR A 10 -3.53 6.30 2.99
CA TYR A 10 -3.23 6.48 1.57
C TYR A 10 -3.90 7.75 1.03
N ASN A 11 -3.38 8.25 -0.09
CA ASN A 11 -3.92 9.46 -0.70
C ASN A 11 -4.40 9.17 -2.12
N TYR A 12 -5.50 9.81 -2.51
CA TYR A 12 -6.06 9.63 -3.84
C TYR A 12 -5.28 10.44 -4.87
N THR A 13 -4.53 9.75 -5.72
CA THR A 13 -3.74 10.39 -6.76
C THR A 13 -4.20 9.98 -8.15
N GLU A 14 -3.72 10.69 -9.16
CA GLU A 14 -4.07 10.39 -10.54
C GLU A 14 -3.04 9.48 -11.19
N LEU A 15 -3.50 8.63 -12.11
CA LEU A 15 -2.62 7.71 -12.81
C LEU A 15 -2.55 8.03 -14.30
N PRO A 16 -1.47 7.57 -14.96
CA PRO A 16 -1.27 7.80 -16.39
C PRO A 16 -2.25 7.01 -17.25
N ASN A 17 -3.02 6.14 -16.60
CA ASN A 17 -4.01 5.33 -17.31
C ASN A 17 -5.39 5.97 -17.26
N GLY A 18 -5.48 7.11 -16.59
CA GLY A 18 -6.75 7.82 -16.47
C GLY A 18 -7.41 7.60 -15.13
N GLU A 19 -7.11 6.47 -14.50
CA GLU A 19 -7.69 6.14 -13.20
C GLU A 19 -6.96 6.88 -12.08
N TYR A 20 -7.37 6.62 -10.84
CA TYR A 20 -6.77 7.26 -9.68
C TYR A 20 -5.70 6.35 -9.06
N CYS A 21 -6.14 5.26 -8.46
CA CYS A 21 -5.23 4.32 -7.82
C CYS A 21 -5.99 3.10 -7.29
N TYR A 22 -5.31 1.96 -7.24
CA TYR A 22 -5.93 0.73 -6.75
C TYR A 22 -5.86 0.65 -5.24
N THR A 23 -7.03 0.55 -4.60
CA THR A 23 -7.12 0.47 -3.16
C THR A 23 -6.15 -0.57 -2.60
N PRO A 24 -5.87 -0.48 -1.30
CA PRO A 24 -4.96 -1.41 -0.61
C PRO A 24 -5.55 -2.81 -0.50
N ARG A 25 -4.67 -3.80 -0.31
CA ARG A 25 -5.11 -5.19 -0.18
C ARG A 25 -5.83 -5.65 -1.45
N ARG A 26 -5.55 -4.97 -2.56
CA ARG A 26 -6.18 -5.31 -3.83
C ARG A 26 -5.13 -5.86 -4.81
N ARG A 27 -5.54 -6.85 -5.60
CA ARG A 27 -4.65 -7.46 -6.58
C ARG A 27 -4.23 -6.45 -7.64
N CYS A 28 -2.92 -6.22 -7.75
CA CYS A 28 -2.38 -5.27 -8.71
C CYS A 28 -1.23 -5.90 -9.50
N THR A 29 -0.70 -5.14 -10.46
CA THR A 29 0.40 -5.62 -11.28
C THR A 29 1.63 -4.72 -11.14
N SER A 30 1.39 -3.43 -10.98
CA SER A 30 2.47 -2.46 -10.85
C SER A 30 2.31 -1.64 -9.58
N ALA A 31 3.43 -1.26 -8.96
CA ALA A 31 3.40 -0.47 -7.73
C ALA A 31 2.81 0.91 -7.99
N ASP A 32 3.08 1.46 -9.17
CA ASP A 32 2.58 2.78 -9.53
C ASP A 32 1.06 2.85 -9.37
N GLN A 33 0.39 1.74 -9.69
CA GLN A 33 -1.06 1.68 -9.58
C GLN A 33 -1.50 1.68 -8.12
N CYS A 34 -0.74 0.99 -7.27
CA CYS A 34 -1.04 0.91 -5.84
C CYS A 34 -1.14 2.31 -5.24
N CYS A 35 -2.24 2.59 -4.57
CA CYS A 35 -2.47 3.89 -3.94
C CYS A 35 -1.27 4.26 -3.06
N ARG A 36 -0.81 5.50 -3.20
CA ARG A 36 0.33 5.99 -2.42
C ARG A 36 -0.12 6.36 -1.00
N PRO A 37 0.85 6.43 -0.09
CA PRO A 37 0.60 6.77 1.31
C PRO A 37 0.20 8.24 1.49
N TYR A 38 -0.68 8.51 2.45
CA TYR A 38 -1.14 9.86 2.71
C TYR A 38 0.04 10.80 2.91
N ASP A 39 1.14 10.26 3.43
CA ASP A 39 2.33 11.06 3.68
C ASP A 39 3.58 10.33 3.18
N THR A 40 3.98 10.61 1.94
CA THR A 40 5.15 9.98 1.35
C THR A 40 6.39 10.22 2.20
N THR A 41 6.41 11.34 2.91
CA THR A 41 7.54 11.69 3.76
C THR A 41 7.59 10.79 5.00
N ALA A 42 6.46 10.14 5.29
CA ALA A 42 6.39 9.25 6.44
C ALA A 42 5.81 7.89 6.05
N ALA A 43 5.96 7.54 4.78
CA ALA A 43 5.46 6.26 4.28
C ALA A 43 5.79 6.08 2.81
N PHE A 44 5.64 4.85 2.31
CA PHE A 44 5.94 4.55 0.92
C PHE A 44 4.88 3.61 0.34
N HIS A 45 4.91 3.44 -0.98
CA HIS A 45 3.96 2.58 -1.67
C HIS A 45 4.67 1.41 -2.34
N GLY A 46 3.89 0.43 -2.80
CA GLY A 46 4.47 -0.73 -3.46
C GLY A 46 3.46 -1.84 -3.66
N CYS A 47 3.55 -2.51 -4.80
CA CYS A 47 2.63 -3.61 -5.11
C CYS A 47 3.34 -4.96 -5.01
N GLY A 48 2.83 -5.82 -4.13
CA GLY A 48 3.42 -7.13 -3.95
C GLY A 48 2.84 -7.88 -2.77
N ARG A 49 3.62 -8.79 -2.20
CA ARG A 49 3.17 -9.58 -1.05
C ARG A 49 3.98 -9.24 0.19
N ILE A 50 3.31 -8.75 1.22
CA ILE A 50 3.97 -8.39 2.47
C ILE A 50 3.55 -9.31 3.61
N TRP A 51 2.35 -9.87 3.49
CA TRP A 51 1.81 -10.78 4.50
C TRP A 51 1.93 -12.23 4.05
N PRO A 52 1.97 -13.15 5.03
CA PRO A 52 2.07 -14.59 4.75
C PRO A 52 0.80 -15.15 4.14
N LYS A 53 -0.33 -14.52 4.44
CA LYS A 53 -1.62 -14.96 3.92
C LYS A 53 -1.65 -14.86 2.40
N ASP A 54 -1.08 -13.78 1.87
CA ASP A 54 -1.05 -13.57 0.43
C ASP A 54 -0.01 -14.48 -0.24
N LYS A 55 1.04 -14.82 0.52
CA LYS A 55 2.09 -15.68 0.01
C LYS A 55 1.52 -17.02 -0.46
N ARG A 56 0.58 -17.55 0.31
CA ARG A 56 -0.05 -18.83 -0.03
C ARG A 56 -0.87 -18.72 -1.31
N GLU A 57 -1.39 -17.52 -1.56
CA GLU A 57 -2.20 -17.29 -2.76
C GLU A 57 -1.31 -16.92 -3.95
N LYS A 58 -0.11 -16.44 -3.65
CA LYS A 58 0.85 -16.06 -4.70
C LYS A 58 0.26 -14.96 -5.58
N VAL A 59 -0.18 -13.88 -4.97
CA VAL A 59 -0.76 -12.76 -5.71
C VAL A 59 -0.30 -11.43 -5.13
N ASP A 60 0.26 -10.58 -6.00
CA ASP A 60 0.73 -9.27 -5.58
C ASP A 60 -0.43 -8.33 -5.28
N ARG A 61 -0.46 -7.81 -4.06
CA ARG A 61 -1.51 -6.90 -3.63
C ARG A 61 -0.95 -5.56 -3.18
N CYS A 62 -1.71 -4.50 -3.36
CA CYS A 62 -1.28 -3.16 -2.97
C CYS A 62 -1.11 -3.07 -1.46
N TYR A 63 0.03 -2.52 -1.03
CA TYR A 63 0.32 -2.38 0.39
C TYR A 63 0.94 -1.02 0.69
N ILE A 64 0.84 -0.58 1.93
CA ILE A 64 1.39 0.70 2.35
C ILE A 64 1.92 0.63 3.78
N CYS A 65 3.20 0.94 3.93
CA CYS A 65 3.83 0.92 5.25
C CYS A 65 4.49 2.27 5.56
N ASN A 66 4.59 2.60 6.84
CA ASN A 66 5.19 3.84 7.27
C ASN A 66 6.69 3.86 6.98
N ASN A 67 7.29 5.04 6.99
CA ASN A 67 8.72 5.18 6.73
C ASN A 67 9.54 4.38 7.74
N GLU A 68 8.97 4.15 8.91
CA GLU A 68 9.65 3.40 9.95
C GLU A 68 9.54 1.90 9.70
N LYS A 69 8.70 1.53 8.73
CA LYS A 69 8.50 0.13 8.38
C LYS A 69 8.14 -0.70 9.62
N THR A 70 7.42 -0.07 10.55
CA THR A 70 7.02 -0.74 11.78
C THR A 70 5.54 -1.12 11.73
N LEU A 71 4.76 -0.34 10.99
CA LEU A 71 3.33 -0.59 10.87
C LEU A 71 2.93 -0.73 9.40
N CYS A 72 2.00 -1.64 9.13
CA CYS A 72 1.52 -1.86 7.76
C CYS A 72 0.04 -2.23 7.77
N THR A 73 -0.61 -2.02 6.62
CA THR A 73 -2.03 -2.32 6.49
C THR A 73 -2.34 -3.74 6.94
N SER A 74 -3.51 -3.93 7.53
CA SER A 74 -3.91 -5.24 8.02
C SER A 74 -3.84 -6.29 6.90
N VAL A 75 -3.57 -7.53 7.28
CA VAL A 75 -3.47 -8.62 6.31
C VAL A 75 -4.74 -8.73 5.49
N MET A 76 -5.86 -8.27 6.05
CA MET A 76 -7.14 -8.33 5.36
C MET A 76 -8.05 -7.19 5.82
N GLY A 1 6.03 11.23 18.97
CA GLY A 1 4.85 10.52 18.50
C GLY A 1 5.14 9.07 18.17
N THR A 2 4.08 8.27 18.07
CA THR A 2 4.22 6.85 17.76
C THR A 2 3.47 6.50 16.48
N PRO A 3 3.85 5.36 15.86
CA PRO A 3 3.23 4.89 14.63
C PRO A 3 1.80 4.40 14.86
N SER A 4 0.92 4.68 13.89
CA SER A 4 -0.48 4.27 14.00
C SER A 4 -1.06 3.99 12.61
N ALA A 5 -2.30 3.51 12.59
CA ALA A 5 -2.97 3.20 11.32
C ALA A 5 -3.00 4.43 10.41
N ASP A 6 -2.94 5.60 11.01
CA ASP A 6 -2.96 6.85 10.24
C ASP A 6 -1.70 7.00 9.41
N GLN A 7 -0.61 6.41 9.88
CA GLN A 7 0.66 6.47 9.17
C GLN A 7 0.63 5.61 7.91
N VAL A 8 -0.16 4.54 7.95
CA VAL A 8 -0.28 3.63 6.82
C VAL A 8 -1.47 3.99 5.96
N ARG A 9 -1.90 5.25 6.03
CA ARG A 9 -3.04 5.71 5.26
C ARG A 9 -2.66 5.90 3.79
N TYR A 10 -3.66 6.24 2.97
CA TYR A 10 -3.42 6.45 1.55
C TYR A 10 -4.18 7.68 1.04
N ASN A 11 -3.72 8.24 -0.07
CA ASN A 11 -4.35 9.42 -0.65
C ASN A 11 -4.80 9.14 -2.08
N TYR A 12 -5.97 9.65 -2.44
CA TYR A 12 -6.51 9.47 -3.78
C TYR A 12 -5.78 10.33 -4.80
N THR A 13 -5.10 9.69 -5.74
CA THR A 13 -4.36 10.41 -6.77
C THR A 13 -4.76 9.94 -8.17
N GLU A 14 -4.33 10.68 -9.19
CA GLU A 14 -4.64 10.33 -10.56
C GLU A 14 -3.51 9.54 -11.20
N LEU A 15 -3.87 8.53 -11.99
CA LEU A 15 -2.88 7.69 -12.65
C LEU A 15 -2.83 7.98 -14.15
N PRO A 16 -1.71 7.61 -14.79
CA PRO A 16 -1.52 7.82 -16.23
C PRO A 16 -2.41 6.91 -17.07
N ASN A 17 -2.97 5.88 -16.43
CA ASN A 17 -3.85 4.94 -17.13
C ASN A 17 -5.27 5.48 -17.21
N GLY A 18 -5.51 6.61 -16.55
CA GLY A 18 -6.82 7.21 -16.56
C GLY A 18 -7.56 7.02 -15.25
N GLU A 19 -7.18 5.98 -14.51
CA GLU A 19 -7.80 5.69 -13.22
C GLU A 19 -7.18 6.52 -12.10
N TYR A 20 -7.59 6.26 -10.87
CA TYR A 20 -7.07 6.98 -9.72
C TYR A 20 -5.97 6.18 -9.03
N CYS A 21 -6.36 5.07 -8.41
CA CYS A 21 -5.40 4.21 -7.71
C CYS A 21 -6.09 2.96 -7.17
N TYR A 22 -5.33 1.88 -7.06
CA TYR A 22 -5.86 0.61 -6.57
C TYR A 22 -5.81 0.55 -5.05
N THR A 23 -6.96 0.34 -4.44
CA THR A 23 -7.05 0.26 -2.97
C THR A 23 -6.02 -0.71 -2.42
N PRO A 24 -5.73 -0.59 -1.11
CA PRO A 24 -4.76 -1.44 -0.43
C PRO A 24 -5.26 -2.89 -0.30
N ARG A 25 -4.32 -3.83 -0.25
CA ARG A 25 -4.65 -5.24 -0.11
C ARG A 25 -5.40 -5.74 -1.35
N ARG A 26 -5.20 -5.05 -2.48
CA ARG A 26 -5.85 -5.42 -3.72
C ARG A 26 -4.82 -5.93 -4.73
N ARG A 27 -5.23 -6.93 -5.51
CA ARG A 27 -4.34 -7.52 -6.52
C ARG A 27 -3.91 -6.46 -7.54
N CYS A 28 -2.60 -6.27 -7.67
CA CYS A 28 -2.06 -5.30 -8.62
C CYS A 28 -0.92 -5.90 -9.43
N THR A 29 -0.41 -5.13 -10.39
CA THR A 29 0.68 -5.59 -11.24
C THR A 29 1.88 -4.66 -11.15
N SER A 30 1.61 -3.36 -10.98
CA SER A 30 2.66 -2.37 -10.88
C SER A 30 2.51 -1.53 -9.61
N ALA A 31 3.64 -1.23 -8.97
CA ALA A 31 3.62 -0.44 -7.74
C ALA A 31 3.05 0.95 -7.99
N ASP A 32 3.35 1.50 -9.16
CA ASP A 32 2.86 2.83 -9.52
C ASP A 32 1.35 2.91 -9.38
N GLN A 33 0.67 1.80 -9.64
CA GLN A 33 -0.78 1.75 -9.55
C GLN A 33 -1.23 1.79 -8.09
N CYS A 34 -0.52 1.07 -7.23
CA CYS A 34 -0.85 1.04 -5.81
C CYS A 34 -0.98 2.44 -5.24
N CYS A 35 -2.13 2.73 -4.62
CA CYS A 35 -2.38 4.04 -4.04
C CYS A 35 -1.23 4.45 -3.12
N ARG A 36 -0.72 5.66 -3.33
CA ARG A 36 0.39 6.18 -2.53
C ARG A 36 -0.05 6.41 -1.08
N PRO A 37 0.92 6.49 -0.17
CA PRO A 37 0.66 6.70 1.25
C PRO A 37 0.14 8.11 1.54
N TYR A 38 -0.66 8.23 2.59
CA TYR A 38 -1.22 9.52 2.97
C TYR A 38 -0.11 10.54 3.25
N ASP A 39 1.01 10.04 3.74
CA ASP A 39 2.15 10.91 4.04
C ASP A 39 3.44 10.36 3.43
N THR A 40 3.71 10.78 2.21
CA THR A 40 4.92 10.33 1.50
C THR A 40 6.18 10.66 2.29
N THR A 41 6.10 11.69 3.12
CA THR A 41 7.23 12.11 3.93
C THR A 41 7.43 11.19 5.12
N ALA A 42 6.51 10.24 5.29
CA ALA A 42 6.59 9.29 6.39
C ALA A 42 6.04 7.93 5.98
N ALA A 43 6.05 7.66 4.68
CA ALA A 43 5.56 6.39 4.16
C ALA A 43 5.86 6.26 2.66
N PHE A 44 5.79 5.03 2.16
CA PHE A 44 6.05 4.77 0.76
C PHE A 44 5.02 3.80 0.17
N HIS A 45 5.03 3.67 -1.15
CA HIS A 45 4.09 2.77 -1.83
C HIS A 45 4.83 1.62 -2.48
N GLY A 46 4.07 0.62 -2.94
CA GLY A 46 4.68 -0.53 -3.59
C GLY A 46 3.70 -1.68 -3.75
N CYS A 47 4.00 -2.58 -4.67
CA CYS A 47 3.14 -3.74 -4.92
C CYS A 47 3.85 -5.03 -4.54
N GLY A 48 3.25 -5.78 -3.61
CA GLY A 48 3.84 -7.03 -3.17
C GLY A 48 2.94 -7.78 -2.20
N ARG A 49 3.54 -8.65 -1.39
CA ARG A 49 2.78 -9.44 -0.43
C ARG A 49 3.42 -9.34 0.96
N ILE A 50 2.91 -8.43 1.77
CA ILE A 50 3.42 -8.23 3.13
C ILE A 50 2.63 -9.04 4.14
N TRP A 51 1.91 -10.06 3.66
CA TRP A 51 1.12 -10.91 4.52
C TRP A 51 1.14 -12.35 4.04
N PRO A 52 0.88 -13.30 4.96
CA PRO A 52 0.86 -14.72 4.65
C PRO A 52 -0.33 -15.12 3.78
N LYS A 53 -1.46 -14.47 4.02
CA LYS A 53 -2.67 -14.76 3.25
C LYS A 53 -2.41 -14.63 1.76
N ASP A 54 -1.64 -13.61 1.37
CA ASP A 54 -1.31 -13.39 -0.03
C ASP A 54 -0.28 -14.39 -0.51
N LYS A 55 0.56 -14.86 0.41
CA LYS A 55 1.60 -15.83 0.07
C LYS A 55 0.99 -17.11 -0.49
N ARG A 56 -0.13 -17.53 0.09
CA ARG A 56 -0.83 -18.74 -0.35
C ARG A 56 -1.40 -18.56 -1.75
N GLU A 57 -1.96 -17.38 -2.00
CA GLU A 57 -2.55 -17.08 -3.31
C GLU A 57 -1.47 -16.74 -4.33
N LYS A 58 -0.27 -16.46 -3.84
CA LYS A 58 0.86 -16.11 -4.70
C LYS A 58 0.48 -15.00 -5.66
N VAL A 59 0.05 -13.87 -5.11
CA VAL A 59 -0.34 -12.72 -5.91
C VAL A 59 0.06 -11.41 -5.25
N ASP A 60 0.74 -10.55 -5.99
CA ASP A 60 1.19 -9.27 -5.47
C ASP A 60 0.01 -8.29 -5.37
N ARG A 61 -0.12 -7.66 -4.21
CA ARG A 61 -1.20 -6.70 -3.99
C ARG A 61 -0.64 -5.37 -3.47
N CYS A 62 -1.45 -4.33 -3.57
CA CYS A 62 -1.05 -3.00 -3.11
C CYS A 62 -0.83 -2.98 -1.60
N TYR A 63 0.30 -2.42 -1.18
CA TYR A 63 0.62 -2.35 0.24
C TYR A 63 1.25 -1.00 0.58
N ILE A 64 0.97 -0.52 1.79
CA ILE A 64 1.51 0.75 2.24
C ILE A 64 2.04 0.66 3.68
N CYS A 65 3.30 1.03 3.87
CA CYS A 65 3.91 0.98 5.19
C CYS A 65 4.49 2.35 5.57
N ASN A 66 4.79 2.51 6.85
CA ASN A 66 5.34 3.78 7.35
C ASN A 66 6.83 3.86 7.05
N ASN A 67 7.39 5.06 7.20
CA ASN A 67 8.81 5.28 6.94
C ASN A 67 9.67 4.38 7.82
N GLU A 68 9.17 4.08 9.01
CA GLU A 68 9.89 3.22 9.95
C GLU A 68 9.76 1.75 9.56
N LYS A 69 8.89 1.48 8.60
CA LYS A 69 8.67 0.12 8.12
C LYS A 69 8.28 -0.80 9.28
N THR A 70 7.72 -0.22 10.33
CA THR A 70 7.30 -0.98 11.50
C THR A 70 5.82 -1.33 11.43
N LEU A 71 5.02 -0.40 10.91
CA LEU A 71 3.59 -0.62 10.79
C LEU A 71 3.17 -0.71 9.32
N CYS A 72 2.18 -1.56 9.03
CA CYS A 72 1.70 -1.74 7.67
C CYS A 72 0.20 -2.01 7.66
N THR A 73 -0.40 -1.94 6.47
CA THR A 73 -1.84 -2.18 6.32
C THR A 73 -2.22 -3.56 6.83
N SER A 74 -3.49 -3.74 7.13
CA SER A 74 -3.99 -5.02 7.63
C SER A 74 -3.99 -6.08 6.52
N VAL A 75 -4.35 -7.30 6.89
CA VAL A 75 -4.40 -8.39 5.92
C VAL A 75 -5.81 -8.61 5.40
N MET A 76 -6.80 -8.17 6.17
CA MET A 76 -8.20 -8.31 5.79
C MET A 76 -9.06 -7.26 6.48
N GLY A 1 4.78 11.18 16.65
CA GLY A 1 5.21 10.39 17.78
C GLY A 1 5.36 8.92 17.45
N THR A 2 4.39 8.11 17.90
CA THR A 2 4.43 6.67 17.64
C THR A 2 3.61 6.32 16.40
N PRO A 3 3.90 5.15 15.82
CA PRO A 3 3.21 4.66 14.62
C PRO A 3 1.76 4.29 14.90
N SER A 4 0.87 4.67 13.98
CA SER A 4 -0.55 4.38 14.12
C SER A 4 -1.19 4.11 12.77
N ALA A 5 -2.46 3.72 12.78
CA ALA A 5 -3.20 3.44 11.56
C ALA A 5 -3.18 4.64 10.62
N ASP A 6 -3.01 5.83 11.19
CA ASP A 6 -2.97 7.06 10.41
C ASP A 6 -1.68 7.13 9.58
N GLN A 7 -0.64 6.46 10.06
CA GLN A 7 0.64 6.46 9.35
C GLN A 7 0.59 5.57 8.12
N VAL A 8 -0.28 4.57 8.16
CA VAL A 8 -0.43 3.64 7.04
C VAL A 8 -1.58 4.06 6.13
N ARG A 9 -1.90 5.35 6.16
CA ARG A 9 -2.99 5.88 5.33
C ARG A 9 -2.54 6.03 3.88
N TYR A 10 -3.45 6.49 3.03
CA TYR A 10 -3.15 6.68 1.62
C TYR A 10 -3.84 7.92 1.07
N ASN A 11 -3.34 8.43 -0.05
CA ASN A 11 -3.92 9.61 -0.68
C ASN A 11 -4.40 9.30 -2.09
N TYR A 12 -5.51 9.90 -2.48
CA TYR A 12 -6.08 9.69 -3.80
C TYR A 12 -5.31 10.47 -4.86
N THR A 13 -4.68 9.74 -5.78
CA THR A 13 -3.90 10.38 -6.84
C THR A 13 -4.42 9.95 -8.21
N GLU A 14 -3.96 10.64 -9.26
CA GLU A 14 -4.37 10.34 -10.62
C GLU A 14 -3.35 9.42 -11.31
N LEU A 15 -3.83 8.61 -12.24
CA LEU A 15 -2.98 7.69 -12.97
C LEU A 15 -3.04 7.95 -14.47
N PRO A 16 -2.01 7.49 -15.20
CA PRO A 16 -1.92 7.66 -16.65
C PRO A 16 -2.96 6.80 -17.39
N ASN A 17 -3.45 5.76 -16.72
CA ASN A 17 -4.43 4.87 -17.32
C ASN A 17 -5.82 5.50 -17.30
N GLY A 18 -5.94 6.63 -16.62
CA GLY A 18 -7.22 7.33 -16.53
C GLY A 18 -7.85 7.19 -15.16
N GLU A 19 -7.48 6.14 -14.44
CA GLU A 19 -8.03 5.89 -13.11
C GLU A 19 -7.27 6.68 -12.06
N TYR A 20 -7.65 6.49 -10.79
CA TYR A 20 -7.00 7.18 -9.69
C TYR A 20 -5.88 6.32 -9.08
N CYS A 21 -6.27 5.24 -8.43
CA CYS A 21 -5.32 4.34 -7.80
C CYS A 21 -6.01 3.11 -7.23
N TYR A 22 -5.31 1.98 -7.23
CA TYR A 22 -5.87 0.73 -6.70
C TYR A 22 -5.81 0.71 -5.17
N THR A 23 -6.97 0.59 -4.54
CA THR A 23 -7.04 0.55 -3.09
C THR A 23 -6.06 -0.46 -2.52
N PRO A 24 -5.75 -0.32 -1.22
CA PRO A 24 -4.82 -1.22 -0.52
C PRO A 24 -5.39 -2.62 -0.34
N ARG A 25 -4.51 -3.60 -0.19
CA ARG A 25 -4.92 -4.98 -0.01
C ARG A 25 -5.62 -5.51 -1.26
N ARG A 26 -5.37 -4.86 -2.38
CA ARG A 26 -5.97 -5.26 -3.65
C ARG A 26 -4.92 -5.83 -4.60
N ARG A 27 -5.34 -6.76 -5.45
CA ARG A 27 -4.44 -7.37 -6.42
C ARG A 27 -4.00 -6.36 -7.48
N CYS A 28 -2.70 -6.14 -7.57
CA CYS A 28 -2.16 -5.19 -8.53
C CYS A 28 -0.99 -5.82 -9.30
N THR A 29 -0.59 -5.16 -10.39
CA THR A 29 0.52 -5.65 -11.21
C THR A 29 1.70 -4.69 -11.19
N SER A 30 1.41 -3.42 -10.89
CA SER A 30 2.44 -2.39 -10.84
C SER A 30 2.28 -1.52 -9.60
N ALA A 31 3.41 -1.17 -8.99
CA ALA A 31 3.38 -0.33 -7.79
C ALA A 31 2.80 1.04 -8.09
N ASP A 32 3.06 1.54 -9.29
CA ASP A 32 2.55 2.85 -9.70
C ASP A 32 1.04 2.93 -9.53
N GLN A 33 0.36 1.81 -9.78
CA GLN A 33 -1.09 1.75 -9.66
C GLN A 33 -1.51 1.79 -8.19
N CYS A 34 -0.79 1.05 -7.36
CA CYS A 34 -1.09 1.00 -5.93
C CYS A 34 -1.15 2.40 -5.34
N CYS A 35 -2.24 2.69 -4.63
CA CYS A 35 -2.42 3.99 -4.02
C CYS A 35 -1.21 4.37 -3.17
N ARG A 36 -0.83 5.65 -3.22
CA ARG A 36 0.31 6.14 -2.46
C ARG A 36 -0.10 6.52 -1.04
N PRO A 37 0.88 6.55 -0.13
CA PRO A 37 0.66 6.90 1.28
C PRO A 37 0.29 8.37 1.45
N TYR A 38 -0.49 8.66 2.49
CA TYR A 38 -0.91 10.02 2.77
C TYR A 38 0.29 10.97 2.84
N ASP A 39 1.43 10.42 3.24
CA ASP A 39 2.66 11.21 3.35
C ASP A 39 3.86 10.40 2.89
N THR A 40 4.34 10.69 1.69
CA THR A 40 5.49 9.98 1.13
C THR A 40 6.72 10.14 2.03
N THR A 41 6.72 11.20 2.84
CA THR A 41 7.84 11.46 3.74
C THR A 41 7.71 10.65 5.02
N ALA A 42 6.57 9.98 5.18
CA ALA A 42 6.32 9.16 6.36
C ALA A 42 5.77 7.79 5.97
N ALA A 43 5.95 7.43 4.70
CA ALA A 43 5.47 6.15 4.20
C ALA A 43 5.81 5.96 2.73
N PHE A 44 5.66 4.74 2.24
CA PHE A 44 5.97 4.42 0.85
C PHE A 44 4.93 3.47 0.26
N HIS A 45 4.90 3.39 -1.07
CA HIS A 45 3.95 2.51 -1.75
C HIS A 45 4.69 1.39 -2.49
N GLY A 46 3.93 0.40 -2.93
CA GLY A 46 4.52 -0.72 -3.65
C GLY A 46 3.57 -1.89 -3.78
N CYS A 47 3.88 -2.79 -4.71
CA CYS A 47 3.04 -3.96 -4.95
C CYS A 47 3.79 -5.25 -4.61
N GLY A 48 3.23 -6.04 -3.71
CA GLY A 48 3.86 -7.29 -3.30
C GLY A 48 3.04 -8.04 -2.27
N ARG A 49 3.64 -9.09 -1.71
CA ARG A 49 2.96 -9.90 -0.70
C ARG A 49 3.58 -9.69 0.67
N ILE A 50 2.92 -8.88 1.50
CA ILE A 50 3.40 -8.60 2.84
C ILE A 50 2.60 -9.35 3.89
N TRP A 51 1.92 -10.41 3.46
CA TRP A 51 1.11 -11.22 4.35
C TRP A 51 1.21 -12.70 4.00
N PRO A 52 0.95 -13.58 4.98
CA PRO A 52 1.01 -15.03 4.78
C PRO A 52 -0.14 -15.53 3.91
N LYS A 53 -1.30 -14.92 4.05
CA LYS A 53 -2.47 -15.31 3.27
C LYS A 53 -2.26 -15.00 1.79
N ASP A 54 -1.62 -13.87 1.51
CA ASP A 54 -1.35 -13.47 0.14
C ASP A 54 -0.16 -14.22 -0.43
N LYS A 55 0.76 -14.61 0.45
CA LYS A 55 1.95 -15.35 0.02
C LYS A 55 1.58 -16.69 -0.59
N ARG A 56 0.75 -17.44 0.13
CA ARG A 56 0.31 -18.75 -0.34
C ARG A 56 -0.38 -18.64 -1.71
N GLU A 57 -0.90 -17.46 -2.00
CA GLU A 57 -1.57 -17.21 -3.27
C GLU A 57 -0.60 -16.71 -4.33
N LYS A 58 0.51 -16.13 -3.86
CA LYS A 58 1.52 -15.59 -4.76
C LYS A 58 0.93 -14.52 -5.68
N VAL A 59 0.31 -13.52 -5.07
CA VAL A 59 -0.30 -12.43 -5.82
C VAL A 59 0.14 -11.06 -5.28
N ASP A 60 0.74 -10.26 -6.16
CA ASP A 60 1.21 -8.93 -5.76
C ASP A 60 0.03 -8.03 -5.40
N ARG A 61 -0.07 -7.70 -4.11
CA ARG A 61 -1.15 -6.84 -3.64
C ARG A 61 -0.61 -5.49 -3.18
N CYS A 62 -1.44 -4.46 -3.31
CA CYS A 62 -1.05 -3.10 -2.90
C CYS A 62 -0.90 -3.01 -1.39
N TYR A 63 0.23 -2.49 -0.94
CA TYR A 63 0.49 -2.34 0.48
C TYR A 63 1.12 -0.98 0.78
N ILE A 64 0.89 -0.48 1.99
CA ILE A 64 1.44 0.81 2.39
C ILE A 64 1.94 0.76 3.83
N CYS A 65 3.25 0.95 4.00
CA CYS A 65 3.87 0.92 5.31
C CYS A 65 4.53 2.27 5.63
N ASN A 66 4.64 2.57 6.92
CA ASN A 66 5.25 3.82 7.36
C ASN A 66 6.77 3.79 7.16
N ASN A 67 7.40 4.96 7.25
CA ASN A 67 8.84 5.06 7.08
C ASN A 67 9.57 4.21 8.10
N GLU A 68 8.94 4.01 9.26
CA GLU A 68 9.53 3.20 10.32
C GLU A 68 9.38 1.71 10.03
N LYS A 69 8.57 1.39 9.01
CA LYS A 69 8.33 0.01 8.62
C LYS A 69 7.88 -0.82 9.83
N THR A 70 7.19 -0.16 10.76
CA THR A 70 6.70 -0.84 11.96
C THR A 70 5.23 -1.20 11.81
N LEU A 71 4.48 -0.36 11.11
CA LEU A 71 3.05 -0.60 10.90
C LEU A 71 2.73 -0.69 9.41
N CYS A 72 1.80 -1.57 9.08
CA CYS A 72 1.39 -1.77 7.69
C CYS A 72 -0.10 -2.07 7.60
N THR A 73 -0.62 -2.02 6.38
CA THR A 73 -2.04 -2.29 6.15
C THR A 73 -2.37 -3.75 6.37
N SER A 74 -3.49 -4.01 7.04
CA SER A 74 -3.92 -5.38 7.32
C SER A 74 -4.01 -6.20 6.04
N VAL A 75 -4.31 -7.49 6.19
CA VAL A 75 -4.43 -8.37 5.03
C VAL A 75 -5.86 -8.40 4.51
N MET A 76 -6.81 -8.14 5.41
CA MET A 76 -8.23 -8.13 5.04
C MET A 76 -8.81 -6.72 5.14
N GLY A 1 6.72 9.54 17.78
CA GLY A 1 6.37 8.80 18.98
C GLY A 1 6.13 7.33 18.69
N THR A 2 4.88 6.97 18.39
CA THR A 2 4.54 5.59 18.10
C THR A 2 3.78 5.48 16.79
N PRO A 3 3.78 4.27 16.21
CA PRO A 3 3.08 4.00 14.93
C PRO A 3 1.57 4.05 15.08
N SER A 4 0.88 4.39 13.99
CA SER A 4 -0.56 4.47 13.99
C SER A 4 -1.14 4.06 12.63
N ALA A 5 -2.37 3.57 12.64
CA ALA A 5 -3.03 3.14 11.42
C ALA A 5 -3.16 4.30 10.43
N ASP A 6 -3.06 5.52 10.94
CA ASP A 6 -3.17 6.71 10.10
C ASP A 6 -1.91 6.89 9.26
N GLN A 7 -0.80 6.29 9.71
CA GLN A 7 0.45 6.38 8.99
C GLN A 7 0.45 5.52 7.74
N VAL A 8 -0.27 4.39 7.81
CA VAL A 8 -0.36 3.47 6.69
C VAL A 8 -1.50 3.86 5.75
N ARG A 9 -2.11 5.02 6.02
CA ARG A 9 -3.20 5.52 5.19
C ARG A 9 -2.75 5.69 3.75
N TYR A 10 -3.66 6.18 2.91
CA TYR A 10 -3.36 6.40 1.49
C TYR A 10 -4.02 7.68 1.00
N ASN A 11 -3.53 8.18 -0.14
CA ASN A 11 -4.08 9.40 -0.73
C ASN A 11 -4.55 9.15 -2.16
N TYR A 12 -5.65 9.78 -2.54
CA TYR A 12 -6.22 9.63 -3.87
C TYR A 12 -5.41 10.43 -4.90
N THR A 13 -4.70 9.71 -5.77
CA THR A 13 -3.89 10.36 -6.80
C THR A 13 -4.35 9.95 -8.19
N GLU A 14 -3.89 10.68 -9.20
CA GLU A 14 -4.25 10.39 -10.59
C GLU A 14 -3.19 9.55 -11.26
N LEU A 15 -3.63 8.60 -12.09
CA LEU A 15 -2.72 7.72 -12.81
C LEU A 15 -2.71 8.03 -14.30
N PRO A 16 -1.64 7.62 -14.98
CA PRO A 16 -1.50 7.84 -16.43
C PRO A 16 -2.46 6.99 -17.25
N ASN A 17 -2.99 5.94 -16.62
CA ASN A 17 -3.93 5.05 -17.29
C ASN A 17 -5.34 5.65 -17.30
N GLY A 18 -5.49 6.78 -16.63
CA GLY A 18 -6.79 7.44 -16.58
C GLY A 18 -7.48 7.26 -15.25
N GLU A 19 -7.13 6.20 -14.54
CA GLU A 19 -7.72 5.92 -13.24
C GLU A 19 -7.02 6.71 -12.13
N TYR A 20 -7.42 6.46 -10.90
CA TYR A 20 -6.83 7.15 -9.75
C TYR A 20 -5.74 6.29 -9.10
N CYS A 21 -6.16 5.20 -8.47
CA CYS A 21 -5.22 4.30 -7.82
C CYS A 21 -5.95 3.07 -7.26
N TYR A 22 -5.25 1.94 -7.24
CA TYR A 22 -5.82 0.70 -6.74
C TYR A 22 -5.79 0.65 -5.22
N THR A 23 -6.97 0.56 -4.61
CA THR A 23 -7.07 0.51 -3.15
C THR A 23 -6.12 -0.53 -2.57
N PRO A 24 -5.86 -0.42 -1.26
CA PRO A 24 -4.96 -1.34 -0.55
C PRO A 24 -5.56 -2.73 -0.41
N ARG A 25 -4.70 -3.74 -0.24
CA ARG A 25 -5.13 -5.12 -0.11
C ARG A 25 -5.81 -5.61 -1.38
N ARG A 26 -5.57 -4.90 -2.48
CA ARG A 26 -6.15 -5.26 -3.77
C ARG A 26 -5.09 -5.82 -4.70
N ARG A 27 -5.49 -6.82 -5.50
CA ARG A 27 -4.57 -7.45 -6.44
C ARG A 27 -4.09 -6.45 -7.49
N CYS A 28 -2.78 -6.24 -7.54
CA CYS A 28 -2.20 -5.30 -8.50
C CYS A 28 -1.02 -5.94 -9.23
N THR A 29 -0.42 -5.19 -10.15
CA THR A 29 0.71 -5.68 -10.92
C THR A 29 1.91 -4.76 -10.79
N SER A 30 1.64 -3.45 -10.72
CA SER A 30 2.70 -2.46 -10.59
C SER A 30 2.48 -1.59 -9.36
N ALA A 31 3.58 -1.21 -8.71
CA ALA A 31 3.52 -0.39 -7.51
C ALA A 31 2.91 0.98 -7.82
N ASP A 32 3.21 1.49 -9.00
CA ASP A 32 2.70 2.80 -9.42
C ASP A 32 1.17 2.84 -9.31
N GLN A 33 0.53 1.71 -9.62
CA GLN A 33 -0.92 1.61 -9.56
C GLN A 33 -1.40 1.65 -8.12
N CYS A 34 -0.66 0.98 -7.24
CA CYS A 34 -1.03 0.93 -5.82
C CYS A 34 -1.10 2.33 -5.23
N CYS A 35 -2.22 2.62 -4.56
CA CYS A 35 -2.42 3.93 -3.95
C CYS A 35 -1.23 4.31 -3.08
N ARG A 36 -0.82 5.57 -3.17
CA ARG A 36 0.31 6.07 -2.39
C ARG A 36 -0.12 6.40 -0.96
N PRO A 37 0.86 6.49 -0.05
CA PRO A 37 0.60 6.80 1.36
C PRO A 37 0.18 8.26 1.56
N TYR A 38 -0.63 8.50 2.58
CA TYR A 38 -1.11 9.84 2.87
C TYR A 38 0.06 10.80 3.09
N ASP A 39 1.16 10.28 3.62
CA ASP A 39 2.35 11.08 3.89
C ASP A 39 3.59 10.43 3.27
N THR A 40 3.89 10.81 2.03
CA THR A 40 5.05 10.26 1.33
C THR A 40 6.33 10.53 2.11
N THR A 41 6.32 11.57 2.92
CA THR A 41 7.49 11.94 3.72
C THR A 41 7.60 11.05 4.96
N ALA A 42 6.53 10.32 5.26
CA ALA A 42 6.51 9.43 6.41
C ALA A 42 5.94 8.06 6.05
N ALA A 43 6.07 7.69 4.78
CA ALA A 43 5.56 6.42 4.30
C ALA A 43 5.90 6.21 2.82
N PHE A 44 5.69 4.99 2.35
CA PHE A 44 5.98 4.66 0.94
C PHE A 44 4.94 3.69 0.40
N HIS A 45 4.89 3.56 -0.93
CA HIS A 45 3.94 2.67 -1.57
C HIS A 45 4.66 1.47 -2.20
N GLY A 46 3.90 0.47 -2.61
CA GLY A 46 4.48 -0.71 -3.21
C GLY A 46 3.44 -1.78 -3.51
N CYS A 47 3.70 -2.58 -4.55
CA CYS A 47 2.77 -3.64 -4.92
C CYS A 47 3.45 -5.01 -4.80
N GLY A 48 2.87 -5.88 -3.98
CA GLY A 48 3.42 -7.20 -3.77
C GLY A 48 2.75 -7.95 -2.64
N ARG A 49 3.42 -8.98 -2.12
CA ARG A 49 2.88 -9.77 -1.03
C ARG A 49 3.73 -9.62 0.22
N ILE A 50 3.19 -8.90 1.21
CA ILE A 50 3.90 -8.67 2.46
C ILE A 50 3.42 -9.63 3.55
N TRP A 51 2.16 -10.04 3.45
CA TRP A 51 1.58 -10.96 4.42
C TRP A 51 1.68 -12.40 3.94
N PRO A 52 1.67 -13.34 4.89
CA PRO A 52 1.76 -14.78 4.58
C PRO A 52 0.50 -15.30 3.90
N LYS A 53 -0.64 -14.74 4.26
CA LYS A 53 -1.92 -15.16 3.68
C LYS A 53 -1.92 -14.95 2.17
N ASP A 54 -1.51 -13.77 1.74
CA ASP A 54 -1.46 -13.45 0.32
C ASP A 54 -0.42 -14.30 -0.40
N LYS A 55 0.66 -14.62 0.30
CA LYS A 55 1.73 -15.44 -0.26
C LYS A 55 1.22 -16.82 -0.64
N ARG A 56 0.28 -17.34 0.16
CA ARG A 56 -0.29 -18.66 -0.09
C ARG A 56 -0.96 -18.71 -1.45
N GLU A 57 -1.48 -17.56 -1.90
CA GLU A 57 -2.15 -17.48 -3.19
C GLU A 57 -1.19 -16.98 -4.27
N LYS A 58 -0.06 -16.42 -3.84
CA LYS A 58 0.93 -15.90 -4.77
C LYS A 58 0.34 -14.83 -5.67
N VAL A 59 -0.23 -13.79 -5.05
CA VAL A 59 -0.83 -12.69 -5.80
C VAL A 59 -0.39 -11.34 -5.26
N ASP A 60 0.23 -10.54 -6.11
CA ASP A 60 0.71 -9.22 -5.71
C ASP A 60 -0.45 -8.32 -5.31
N ARG A 61 -0.37 -7.76 -4.11
CA ARG A 61 -1.41 -6.89 -3.59
C ARG A 61 -0.84 -5.54 -3.18
N CYS A 62 -1.67 -4.50 -3.26
CA CYS A 62 -1.25 -3.15 -2.90
C CYS A 62 -1.05 -3.03 -1.39
N TYR A 63 0.11 -2.52 -0.98
CA TYR A 63 0.40 -2.36 0.44
C TYR A 63 1.00 -0.97 0.71
N ILE A 64 0.89 -0.52 1.95
CA ILE A 64 1.42 0.78 2.34
C ILE A 64 1.96 0.75 3.76
N CYS A 65 3.26 1.00 3.91
CA CYS A 65 3.90 1.00 5.22
C CYS A 65 4.55 2.35 5.50
N ASN A 66 4.69 2.67 6.78
CA ASN A 66 5.30 3.94 7.18
C ASN A 66 6.79 3.94 6.87
N ASN A 67 7.39 5.13 6.87
CA ASN A 67 8.81 5.27 6.59
C ASN A 67 9.65 4.49 7.59
N GLU A 68 9.08 4.27 8.78
CA GLU A 68 9.77 3.52 9.82
C GLU A 68 9.66 2.02 9.59
N LYS A 69 8.82 1.64 8.64
CA LYS A 69 8.62 0.23 8.32
C LYS A 69 8.24 -0.56 9.55
N THR A 70 7.63 0.11 10.52
CA THR A 70 7.21 -0.53 11.76
C THR A 70 5.76 -0.98 11.69
N LEU A 71 4.92 -0.14 11.08
CA LEU A 71 3.51 -0.45 10.94
C LEU A 71 3.13 -0.61 9.47
N CYS A 72 2.16 -1.48 9.20
CA CYS A 72 1.70 -1.72 7.83
C CYS A 72 0.21 -2.03 7.81
N THR A 73 -0.40 -1.92 6.63
CA THR A 73 -1.82 -2.20 6.47
C THR A 73 -2.19 -3.54 7.06
N SER A 74 -3.49 -3.78 7.19
CA SER A 74 -3.97 -5.04 7.76
C SER A 74 -3.72 -6.20 6.80
N VAL A 75 -4.12 -7.40 7.20
CA VAL A 75 -3.94 -8.59 6.39
C VAL A 75 -5.19 -8.92 5.59
N MET A 76 -6.34 -8.47 6.08
CA MET A 76 -7.62 -8.70 5.43
C MET A 76 -7.86 -7.68 4.32
#